data_6IG0
#
_entry.id   6IG0
#
loop_
_entity.id
_entity.type
_entity.pdbx_description
1 polymer 'Type III-A CRISPR-associated protein Csm1'
2 polymer 'Type III-A CRISPR-associated protein Csm2'
3 polymer 'Type III-A CRISPR-associated RAMP protein Csm3'
4 polymer 'Type III-A CRISPR-associated RAMP protein Csm4'
5 polymer 'Type III-A CRISPR-associated RAMP protein Csm5'
6 polymer crRNA
7 polymer CTR1
8 non-polymer 'ZINC ION'
9 non-polymer "ADENOSINE-5'-TRIPHOSPHATE"
10 non-polymer 'MAGNESIUM ION'
#
loop_
_entity_poly.entity_id
_entity_poly.type
_entity_poly.pdbx_seq_one_letter_code
_entity_poly.pdbx_strand_id
1 'polypeptide(L)'
;MKKEKIDLFYGALLHNIGKVIQRATGERKKHALVGADWFDEIADNQVISDQIRYHMANYQSDKLGNDHLAYITYIADNIA
SGVDRRQSNEESDEDTSAKIWDTYTNQADIFNVFGAQTDKRYFKPTVLNLKSKPNFASATYEPFSKGDYAAIATRIKNEL
AEFEFNQVQIDSLLNLFEATLSFVPSSTNTKEIADISLADHSRLTAAFALAIYDYLEDKGRHNYKEDLFTKVSAFYEEEA
FLLASFDLSGIQDFIYNINIATNGAAKQLKARSLYLDFMSEYIADSLLDKLGLNRANMLYVGGGHAYFVLANTEKTVETL
VQFEKDFNQFLLANFQTRLYVAFGWGSFAAKDIMSELNSPESYRQVYQKASRMISKKKISRYDYQTLMLLNRGGKSSERE
CEICHSVENLVSYHDQKVCDICRGLYQFSKEIAHDHFIITENEGLPIGPNACLKGVAFEKLSQEAFSRVYVKNDYKAGTV
KATHVFVGDYQCDEIYNYAALSKNENGLGIKRLAVVRLDVDDLGAAFMAGFSQQGNGQYSTLSRSATFSRSMSLFFKVYI
NQFASDKKLSIIYAGGDDVFAIGSWQDIIAFTVELRENFIKWTNGKLTLSAGIGLFADKTPISLMAHQTGELEEAAKGNE
KDSISLFSSDYTFKFDRFITNVYDDKLEQIRYFFNHQDERGKNFIYKLIELLRNHDRMNMARLAYYLTRLEELTRETDRD
KFKTFKNLFYSWYTNKNDKDRKEAELALLLYIYEIRKD
;
A
2 'polypeptide(L)'
;MTILTDENYVDIAEKAILKLERNTRNRKNPDAFFLTTSKLRNLLSLTSTLFDESKVKEYDALLDRIAYLRVQFVYQAGRE
IAVKDLIEKAQILEALKEIKDRETLQRFCRYMEALVAYFKFYGGKD
;
D,C
3 'polypeptide(L)'
;MTFAKIKFSAQIRLETGLHIGGSDAFAAIGAINSPVIKDPITNLPIIPGSSLKGKMRTLLAKVYNEKVAEKPSDDSDILS
RLFGNSKDKRFKMGRLIFRDAFLSNADELDSLGVRSYTEVKFENTIDRITAEANPRQIERAIRNSTFDFELIYEITDENE
NQVEEDFKVIRDGLKLLELDYLGGSGSRGYGKVAFENLKATTVFGNYDVKTLNELLTAEV
;
G,F,E
4 'polypeptide(L)'
;MTYKLYIMTFQNAHFGSGTLDSSKLTFSADRIFSALVLEALKMGKLDAFLAEANQDKFTLTDAFPFQFGPFLPKPIGYPK
HDQIDQSVDVKEVRRQAKLSKKLQFLALENVDDYLNGELFENEEHAVIDTVTKNQPHKDDNLYQVATTRFSNDTSLYVIA
NESDLLNELMSSLQYSGLGGKRSSGFGRFELDIQNIPLELSDRLTKNHSDKVMSLTTALPVDADLEEAMEDGHYLLTKSS
GFAFSHATNENYRKQDLYKFASGSTFSKTFEGQIVDVRPLDFPHAVLNYAKPLFFKLEV
;
B
5 'polypeptide(L)'
;MKNDYRTFKLSLLTLAPIHIGNGEKYTSREFIYENKKFYFPDMGKFYNKMVEKRLAEKFEAFLIQTRPNARNNRLISFLN
DNRIAERSFGGYSISETGLESDKNPNSAGAINEVNKFIRDAFGNPYIPGSSLKGAIRTILMNTTPKWNNENAVNDFGRFP
KENKNLIPWGPKKGKEYDDLFNAIRVSDSKPFDNKSLILVQKWDYSAKTNKAKPLPLYRESISPLTKIEFEITTTTDEAG
RLIEELGKRAQAFYKDYKAFFLSEFPDDKIQANLQYPIYLGAGSGAWTKTLFKQADGILQRRYSRMKTKMVKKGVLKLTK
APLKTVKIPSGNHSLVKNHESFYEMGKANFMIKEIDK
;
H
6 'polyribonucleotide' ACGGAAACGCUUUCUAGCUCGCUAUAAUUACCCAUU N
7 'polyribonucleotide' GGUAGGAAUGGGUAAUUAUAGCGAGCUAGAAAGCCAAAGGUC J
#
loop_
_chem_comp.id
_chem_comp.type
_chem_comp.name
_chem_comp.formula
A RNA linking ADENOSINE-5'-MONOPHOSPHATE 'C10 H14 N5 O7 P'
ATP non-polymer ADENOSINE-5'-TRIPHOSPHATE 'C10 H16 N5 O13 P3'
C RNA linking CYTIDINE-5'-MONOPHOSPHATE 'C9 H14 N3 O8 P'
G RNA linking GUANOSINE-5'-MONOPHOSPHATE 'C10 H14 N5 O8 P'
MG non-polymer 'MAGNESIUM ION' 'Mg 2'
U RNA linking URIDINE-5'-MONOPHOSPHATE 'C9 H13 N2 O9 P'
ZN non-polymer 'ZINC ION' 'Zn 2'
#
# COMPACT_ATOMS: atom_id res chain seq x y z
N LYS A 2 59.17 34.22 7.13
CA LYS A 2 59.59 35.50 6.61
C LYS A 2 61.11 35.65 6.68
N LYS A 3 61.58 36.84 7.03
CA LYS A 3 63.01 37.13 7.04
C LYS A 3 63.61 37.20 8.45
N GLU A 4 62.81 37.57 9.45
CA GLU A 4 63.27 37.53 10.83
C GLU A 4 62.30 36.84 11.75
N LYS A 5 61.04 36.64 11.35
CA LYS A 5 59.98 36.15 12.22
C LYS A 5 60.14 34.71 12.66
N ILE A 6 61.22 34.04 12.25
CA ILE A 6 61.59 32.76 12.85
C ILE A 6 61.87 32.94 14.33
N ASP A 7 62.43 34.08 14.73
CA ASP A 7 62.68 34.32 16.15
C ASP A 7 61.40 34.59 16.91
N LEU A 8 60.42 35.21 16.25
CA LEU A 8 59.23 35.65 16.95
C LEU A 8 58.16 34.57 16.95
N PHE A 9 58.01 33.84 15.84
CA PHE A 9 56.91 32.89 15.74
C PHE A 9 57.15 31.66 16.61
N TYR A 10 58.35 31.07 16.52
CA TYR A 10 58.63 29.87 17.31
C TYR A 10 58.69 30.19 18.79
N GLY A 11 59.24 31.35 19.15
CA GLY A 11 59.34 31.72 20.55
C GLY A 11 58.00 32.05 21.18
N ALA A 12 57.05 32.56 20.38
CA ALA A 12 55.71 32.79 20.88
C ALA A 12 54.83 31.56 20.76
N LEU A 13 55.34 30.49 20.16
CA LEU A 13 54.65 29.21 20.08
C LEU A 13 55.20 28.19 21.05
N LEU A 14 56.53 28.11 21.18
CA LEU A 14 57.18 27.21 22.11
C LEU A 14 57.31 27.80 23.51
N HIS A 15 56.80 29.01 23.74
CA HIS A 15 56.74 29.45 25.12
C HIS A 15 55.55 28.76 25.79
N ASN A 16 55.56 28.78 27.12
CA ASN A 16 54.67 28.00 27.99
C ASN A 16 54.71 26.50 27.70
N ILE A 17 55.80 25.98 27.12
CA ILE A 17 55.95 24.54 27.03
C ILE A 17 56.63 24.01 28.27
N GLY A 18 57.22 24.88 29.09
CA GLY A 18 57.56 24.52 30.44
C GLY A 18 56.34 24.25 31.30
N LYS A 19 55.17 24.74 30.89
CA LYS A 19 53.92 24.33 31.51
C LYS A 19 53.52 22.91 31.17
N VAL A 20 54.25 22.21 30.30
CA VAL A 20 54.02 20.79 30.09
C VAL A 20 54.92 19.95 30.99
N ILE A 21 56.18 20.35 31.14
CA ILE A 21 57.13 19.58 31.93
C ILE A 21 56.88 19.77 33.43
N GLN A 22 56.56 20.99 33.84
CA GLN A 22 56.12 21.22 35.22
C GLN A 22 54.79 20.53 35.49
N ARG A 23 53.98 20.36 34.45
CA ARG A 23 52.80 19.52 34.57
C ARG A 23 53.18 18.04 34.61
N ALA A 24 54.23 17.64 33.90
CA ALA A 24 54.56 16.22 33.77
C ALA A 24 55.21 15.68 35.04
N THR A 25 56.37 16.20 35.40
CA THR A 25 57.15 15.66 36.50
C THR A 25 56.95 16.40 37.82
N GLY A 26 56.16 17.47 37.82
CA GLY A 26 55.76 18.12 39.06
C GLY A 26 56.85 18.90 39.76
N GLU A 27 57.54 19.76 39.02
CA GLU A 27 58.57 20.60 39.60
C GLU A 27 57.95 21.77 40.35
N ARG A 28 58.69 22.28 41.33
CA ARG A 28 58.23 23.43 42.09
C ARG A 28 58.77 24.75 41.54
N LYS A 29 59.55 24.71 40.48
CA LYS A 29 60.13 25.92 39.91
C LYS A 29 59.06 26.72 39.19
N LYS A 30 59.28 28.03 39.07
CA LYS A 30 58.41 28.90 38.29
C LYS A 30 58.40 28.46 36.83
N HIS A 31 57.21 28.42 36.22
CA HIS A 31 57.01 27.85 34.90
C HIS A 31 57.62 28.66 33.77
N ALA A 32 58.03 29.89 34.03
CA ALA A 32 58.66 30.69 32.98
C ALA A 32 60.05 30.17 32.64
N LEU A 33 60.70 29.46 33.57
CA LEU A 33 62.05 28.99 33.36
C LEU A 33 62.11 27.52 32.97
N VAL A 34 61.01 26.77 33.13
CA VAL A 34 61.05 25.33 32.93
C VAL A 34 61.19 24.99 31.45
N GLY A 35 60.62 25.80 30.57
CA GLY A 35 60.87 25.64 29.15
C GLY A 35 62.09 26.39 28.66
N ALA A 36 62.57 27.32 29.48
CA ALA A 36 63.74 28.12 29.10
C ALA A 36 65.01 27.28 29.11
N ASP A 37 65.29 26.62 30.24
CA ASP A 37 66.47 25.77 30.34
C ASP A 37 66.34 24.53 29.48
N TRP A 38 65.12 24.04 29.30
CA TRP A 38 64.87 22.79 28.57
C TRP A 38 65.23 22.90 27.11
N PHE A 39 65.10 24.09 26.53
CA PHE A 39 65.44 24.31 25.13
C PHE A 39 66.94 24.16 24.87
N ASP A 40 67.77 24.35 25.90
CA ASP A 40 69.22 24.35 25.71
C ASP A 40 69.75 22.95 25.39
N GLU A 41 69.20 21.92 26.04
CA GLU A 41 69.62 20.56 25.75
C GLU A 41 68.87 19.94 24.59
N ILE A 42 67.99 20.69 23.93
CA ILE A 42 67.28 20.23 22.75
C ILE A 42 67.82 20.88 21.49
N ALA A 43 67.92 22.21 21.48
CA ALA A 43 68.47 22.95 20.35
C ALA A 43 69.36 24.06 20.91
N ASP A 44 69.76 24.98 20.02
CA ASP A 44 70.61 26.09 20.42
C ASP A 44 70.27 27.29 19.54
N ASN A 45 69.37 28.14 20.03
CA ASN A 45 69.04 29.39 19.35
C ASN A 45 68.54 30.36 20.41
N GLN A 46 69.42 31.24 20.86
CA GLN A 46 69.14 32.08 22.03
C GLN A 46 68.09 33.14 21.76
N VAL A 47 67.94 33.58 20.50
CA VAL A 47 66.95 34.60 20.19
C VAL A 47 65.53 34.05 20.31
N ILE A 48 65.33 32.79 19.93
CA ILE A 48 64.06 32.14 20.24
C ILE A 48 63.99 31.81 21.73
N SER A 49 65.13 31.45 22.32
CA SER A 49 65.15 31.00 23.70
C SER A 49 64.86 32.14 24.67
N ASP A 50 65.45 33.32 24.44
CA ASP A 50 65.32 34.44 25.36
C ASP A 50 63.91 35.03 25.40
N GLN A 51 63.06 34.73 24.42
CA GLN A 51 61.64 35.01 24.58
C GLN A 51 61.05 34.11 25.66
N ILE A 52 61.41 32.83 25.64
CA ILE A 52 60.88 31.87 26.59
C ILE A 52 61.48 32.11 27.97
N ARG A 53 62.70 32.68 28.03
CA ARG A 53 63.25 33.12 29.31
C ARG A 53 62.42 34.21 29.95
N TYR A 54 61.77 35.05 29.15
CA TYR A 54 61.08 36.20 29.71
C TYR A 54 59.70 36.40 29.09
N HIS A 55 59.01 35.33 28.72
CA HIS A 55 57.66 35.49 28.18
C HIS A 55 56.65 35.82 29.27
N MET A 56 56.95 35.51 30.52
CA MET A 56 56.06 35.90 31.60
C MET A 56 56.08 37.40 31.83
N ALA A 57 57.26 38.02 31.66
CA ALA A 57 57.48 39.47 31.72
C ALA A 57 57.04 40.09 33.05
N ASN A 58 57.07 39.32 34.13
CA ASN A 58 56.73 39.83 35.45
C ASN A 58 57.68 39.38 36.55
N TYR A 59 58.50 38.35 36.32
CA TYR A 59 59.53 37.99 37.29
C TYR A 59 60.75 38.88 37.12
N GLN A 60 61.12 39.18 35.87
CA GLN A 60 62.18 40.13 35.57
C GLN A 60 61.78 40.84 34.28
N SER A 61 61.15 42.01 34.42
CA SER A 61 60.67 42.74 33.26
C SER A 61 61.79 43.50 32.56
N ASP A 62 62.86 43.85 33.28
CA ASP A 62 63.96 44.64 32.74
C ASP A 62 65.25 43.82 32.85
N LYS A 63 65.46 42.95 31.86
CA LYS A 63 66.71 42.23 31.71
C LYS A 63 67.36 42.48 30.35
N LEU A 64 66.58 42.36 29.28
CA LEU A 64 67.09 42.54 27.92
C LEU A 64 66.14 43.39 27.09
N ASP A 67 63.85 46.83 23.73
CA ASP A 67 63.91 46.15 22.44
C ASP A 67 64.14 44.66 22.65
N HIS A 68 63.07 43.91 22.87
CA HIS A 68 63.13 42.46 22.93
C HIS A 68 61.74 41.92 22.64
N LEU A 69 61.67 40.89 21.81
CA LEU A 69 60.41 40.46 21.23
C LEU A 69 59.54 39.65 22.18
N ALA A 70 60.00 39.40 23.41
CA ALA A 70 59.14 38.81 24.42
C ALA A 70 58.11 39.80 24.95
N TYR A 71 58.30 41.09 24.68
CA TYR A 71 57.28 42.08 24.97
C TYR A 71 56.01 41.82 24.17
N ILE A 72 56.17 41.37 22.92
CA ILE A 72 55.04 41.05 22.08
C ILE A 72 54.36 39.78 22.56
N THR A 73 55.17 38.81 23.03
CA THR A 73 54.64 37.54 23.49
C THR A 73 53.80 37.69 24.75
N TYR A 74 54.09 38.71 25.56
CA TYR A 74 53.32 38.94 26.78
C TYR A 74 51.92 39.42 26.47
N ILE A 75 51.80 40.45 25.63
CA ILE A 75 50.49 41.04 25.34
C ILE A 75 49.65 40.10 24.50
N ALA A 76 50.27 39.42 23.54
CA ALA A 76 49.57 38.42 22.75
C ALA A 76 49.16 37.21 23.57
N ASP A 77 49.74 37.00 24.75
CA ASP A 77 49.26 35.95 25.64
C ASP A 77 48.00 36.40 26.38
N ASN A 78 47.89 37.69 26.69
CA ASN A 78 46.70 38.19 27.36
C ASN A 78 45.50 38.25 26.43
N ILE A 79 45.74 38.63 25.17
CA ILE A 79 44.65 38.83 24.23
C ILE A 79 44.17 37.52 23.60
N ALA A 80 45.08 36.58 23.35
CA ALA A 80 44.66 35.25 22.92
C ALA A 80 43.95 34.49 24.03
N SER A 81 44.23 34.81 25.29
CA SER A 81 43.40 34.34 26.38
C SER A 81 42.10 35.11 26.39
N GLY A 82 40.98 34.39 26.57
CA GLY A 82 39.69 35.04 26.66
C GLY A 82 39.52 35.88 27.91
N VAL A 83 40.28 35.58 28.96
CA VAL A 83 40.32 36.36 30.19
C VAL A 83 41.59 37.19 30.21
N ASP A 84 41.83 37.88 31.32
CA ASP A 84 43.03 38.67 31.53
C ASP A 84 43.76 38.05 32.73
N ARG A 85 44.85 37.32 32.43
CA ARG A 85 45.63 36.66 33.47
C ARG A 85 46.48 37.66 34.23
N THR A 103 43.21 23.46 41.31
CA THR A 103 44.40 24.17 40.85
C THR A 103 45.17 23.33 39.84
N TYR A 104 44.79 22.06 39.72
CA TYR A 104 45.40 21.13 38.78
C TYR A 104 44.33 20.31 38.10
N THR A 105 43.30 20.98 37.58
CA THR A 105 42.22 20.28 36.91
C THR A 105 42.62 19.88 35.50
N ASN A 106 41.82 19.01 34.90
CA ASN A 106 41.97 18.67 33.50
C ASN A 106 41.38 19.78 32.64
N GLN A 107 41.41 19.59 31.32
CA GLN A 107 40.73 20.54 30.44
C GLN A 107 39.24 20.30 30.51
N ALA A 108 38.49 21.35 30.83
CA ALA A 108 37.05 21.23 30.88
C ALA A 108 36.46 21.15 29.47
N ASP A 109 35.21 20.73 29.42
CA ASP A 109 34.49 20.71 28.16
C ASP A 109 34.18 22.13 27.74
N ILE A 110 34.16 22.36 26.42
CA ILE A 110 33.77 23.67 25.91
C ILE A 110 32.28 23.87 26.11
N PHE A 111 31.54 22.76 26.11
CA PHE A 111 30.10 22.77 26.25
C PHE A 111 29.66 22.88 27.70
N ASN A 112 30.60 23.04 28.64
CA ASN A 112 30.24 23.47 29.99
C ASN A 112 29.70 24.90 29.99
N VAL A 113 30.18 25.74 29.08
CA VAL A 113 29.72 27.12 28.99
C VAL A 113 28.92 27.36 27.73
N PHE A 114 28.54 26.32 27.02
CA PHE A 114 27.66 26.47 25.87
C PHE A 114 26.22 26.25 26.32
N GLY A 115 25.35 27.20 25.98
CA GLY A 115 23.93 27.02 26.21
C GLY A 115 23.48 27.09 27.65
N ALA A 116 22.97 25.98 28.16
CA ALA A 116 22.33 25.98 29.47
C ALA A 116 23.30 25.53 30.55
N GLN A 117 22.94 25.84 31.79
CA GLN A 117 23.71 25.40 32.95
C GLN A 117 23.46 23.91 33.15
N THR A 118 24.44 23.09 32.81
CA THR A 118 24.38 21.65 32.99
C THR A 118 25.58 21.20 33.82
N ASP A 119 25.78 19.88 33.86
CA ASP A 119 26.86 19.29 34.63
C ASP A 119 28.23 19.68 34.06
N LYS A 120 29.24 19.62 34.92
CA LYS A 120 30.61 19.92 34.53
C LYS A 120 31.25 18.67 33.94
N ARG A 121 32.01 18.85 32.87
CA ARG A 121 32.66 17.75 32.18
C ARG A 121 34.12 18.07 31.99
N TYR A 122 34.96 17.03 31.97
CA TYR A 122 36.41 17.24 31.90
C TYR A 122 37.02 16.18 31.00
N PHE A 123 37.92 16.60 30.11
CA PHE A 123 38.56 15.68 29.19
C PHE A 123 39.61 14.82 29.89
N LYS A 124 39.75 13.59 29.43
CA LYS A 124 40.89 12.78 29.78
C LYS A 124 42.05 13.12 28.85
N PRO A 125 43.14 13.68 29.34
CA PRO A 125 44.18 14.21 28.44
C PRO A 125 44.97 13.13 27.71
N THR A 126 44.71 13.00 26.41
CA THR A 126 45.36 12.00 25.58
C THR A 126 45.86 12.64 24.30
N VAL A 127 46.62 11.86 23.53
CA VAL A 127 47.03 12.25 22.20
C VAL A 127 45.99 11.81 21.17
N LEU A 128 46.25 12.08 19.90
CA LEU A 128 45.35 11.70 18.82
C LEU A 128 46.05 10.71 17.89
N ASN A 129 45.22 9.93 17.20
CA ASN A 129 45.71 8.94 16.24
C ASN A 129 44.64 8.71 15.19
N LEU A 130 44.99 7.98 14.14
CA LEU A 130 44.04 7.58 13.13
C LEU A 130 43.23 6.35 13.52
N LYS A 131 43.55 5.73 14.66
CA LYS A 131 42.79 4.59 15.14
C LYS A 131 42.24 4.82 16.54
N SER A 132 42.50 5.98 17.12
CA SER A 132 42.05 6.25 18.47
C SER A 132 40.56 6.57 18.48
N LYS A 133 39.88 6.11 19.52
CA LYS A 133 38.48 6.41 19.72
C LYS A 133 38.31 7.90 20.07
N PRO A 134 37.11 8.45 19.86
CA PRO A 134 36.85 9.82 20.34
C PRO A 134 36.92 9.89 21.86
N ASN A 135 37.70 10.85 22.35
CA ASN A 135 37.94 10.99 23.77
C ASN A 135 36.88 11.92 24.36
N PHE A 136 35.85 11.34 24.95
CA PHE A 136 34.75 12.12 25.47
C PHE A 136 35.05 12.59 26.88
N ALA A 137 34.55 13.77 27.20
CA ALA A 137 34.64 14.25 28.57
C ALA A 137 33.63 13.50 29.45
N SER A 138 33.82 13.62 30.76
CA SER A 138 32.90 13.04 31.72
C SER A 138 32.99 13.85 33.00
N ALA A 139 32.14 13.53 33.95
CA ALA A 139 32.20 14.18 35.24
C ALA A 139 33.23 13.56 36.18
N THR A 140 33.87 12.47 35.76
CA THR A 140 34.78 11.71 36.60
C THR A 140 36.24 12.08 36.36
N TYR A 141 36.49 13.21 35.71
CA TYR A 141 37.86 13.60 35.37
C TYR A 141 38.23 14.94 35.96
N GLU A 142 37.55 15.34 37.04
CA GLU A 142 38.09 16.33 37.96
C GLU A 142 39.52 16.04 38.44
N PRO A 143 39.98 14.77 38.73
CA PRO A 143 41.39 14.59 39.06
C PRO A 143 42.36 14.81 37.90
N PHE A 144 43.64 14.70 38.24
CA PHE A 144 44.76 15.14 37.41
C PHE A 144 45.49 13.90 36.91
N SER A 145 45.20 13.48 35.67
CA SER A 145 45.80 12.28 35.10
C SER A 145 47.25 12.57 34.75
N LYS A 146 48.11 12.44 35.76
CA LYS A 146 49.49 12.88 35.66
C LYS A 146 50.33 11.97 34.79
N GLY A 147 49.97 10.68 34.72
CA GLY A 147 50.82 9.71 34.07
C GLY A 147 50.89 9.85 32.55
N ASP A 148 49.80 10.32 31.92
CA ASP A 148 49.79 10.54 30.48
C ASP A 148 50.71 11.68 30.08
N TYR A 149 50.93 12.63 30.98
CA TYR A 149 51.82 13.75 30.72
C TYR A 149 53.26 13.33 30.58
N ALA A 150 53.64 12.19 31.16
CA ALA A 150 54.92 11.59 30.85
C ALA A 150 54.95 11.08 29.42
N ALA A 151 53.85 10.48 28.96
CA ALA A 151 53.78 9.97 27.60
C ALA A 151 53.67 11.10 26.59
N ILE A 152 53.10 12.23 27.01
CA ILE A 152 53.03 13.40 26.13
C ILE A 152 54.40 14.05 25.99
N ALA A 153 55.10 14.22 27.11
CA ALA A 153 56.35 14.98 27.10
C ALA A 153 57.47 14.22 26.41
N THR A 154 57.47 12.89 26.48
CA THR A 154 58.48 12.14 25.74
C THR A 154 58.17 12.12 24.25
N ARG A 155 56.89 12.31 23.86
CA ARG A 155 56.54 12.42 22.45
C ARG A 155 57.05 13.74 21.89
N ILE A 156 57.07 14.79 22.71
CA ILE A 156 57.62 16.07 22.30
C ILE A 156 59.14 15.97 22.15
N LYS A 157 59.80 15.34 23.12
CA LYS A 157 61.26 15.30 23.14
C LYS A 157 61.83 14.41 22.03
N ASN A 158 61.03 13.49 21.49
CA ASN A 158 61.55 12.65 20.42
C ASN A 158 61.55 13.36 19.08
N GLU A 159 60.66 14.34 18.88
CA GLU A 159 60.55 15.00 17.59
C GLU A 159 61.02 16.44 17.59
N LEU A 160 61.25 17.03 18.76
CA LEU A 160 61.88 18.35 18.85
C LEU A 160 63.39 18.29 18.74
N ALA A 161 63.98 17.10 18.85
CA ALA A 161 65.43 16.99 18.82
C ALA A 161 65.98 17.17 17.40
N GLU A 162 65.59 16.30 16.50
CA GLU A 162 66.07 16.34 15.12
C GLU A 162 65.10 17.22 14.34
N PHE A 163 65.29 18.54 14.45
CA PHE A 163 64.31 19.45 13.90
C PHE A 163 64.95 20.81 13.68
N GLU A 164 64.49 21.51 12.64
CA GLU A 164 65.04 22.78 12.22
C GLU A 164 63.95 23.84 12.19
N PHE A 165 64.31 25.07 12.55
CA PHE A 165 63.37 26.17 12.70
C PHE A 165 63.44 27.06 11.46
N ASN A 166 62.52 26.84 10.53
CA ASN A 166 62.50 27.55 9.25
C ASN A 166 61.10 27.46 8.66
N GLN A 167 60.91 28.11 7.51
CA GLN A 167 59.63 28.03 6.82
C GLN A 167 59.40 26.68 6.17
N VAL A 168 60.45 25.89 5.98
CA VAL A 168 60.29 24.51 5.54
C VAL A 168 59.54 23.71 6.59
N GLN A 169 59.93 23.87 7.85
CA GLN A 169 59.33 23.15 8.97
C GLN A 169 58.61 24.12 9.90
N ILE A 170 57.93 25.10 9.30
CA ILE A 170 57.05 26.01 10.06
C ILE A 170 55.71 25.37 10.36
N ASP A 171 55.44 24.20 9.78
CA ASP A 171 54.10 23.64 9.73
C ASP A 171 54.02 22.26 10.35
N SER A 172 55.13 21.51 10.40
CA SER A 172 55.10 20.24 11.09
C SER A 172 55.07 20.42 12.60
N LEU A 173 55.43 21.60 13.10
CA LEU A 173 55.40 21.82 14.53
C LEU A 173 53.97 22.03 15.01
N LEU A 174 53.10 22.55 14.15
CA LEU A 174 51.73 22.82 14.56
C LEU A 174 50.94 21.54 14.78
N ASN A 175 51.11 20.54 13.91
CA ASN A 175 50.42 19.27 14.14
C ASN A 175 51.02 18.52 15.33
N LEU A 176 52.28 18.80 15.65
CA LEU A 176 52.87 18.24 16.86
C LEU A 176 52.19 18.78 18.11
N PHE A 177 51.65 19.99 18.03
CA PHE A 177 50.84 20.51 19.12
C PHE A 177 49.38 20.11 18.99
N GLU A 178 48.83 20.19 17.78
CA GLU A 178 47.40 19.94 17.57
C GLU A 178 47.02 18.47 17.68
N ALA A 179 47.99 17.56 17.76
CA ALA A 179 47.68 16.18 18.08
C ALA A 179 47.99 15.85 19.53
N THR A 180 49.19 16.20 20.00
CA THR A 180 49.62 15.81 21.33
C THR A 180 49.03 16.72 22.41
N LEU A 181 49.22 18.02 22.28
CA LEU A 181 48.74 18.99 23.26
C LEU A 181 47.27 19.36 23.06
N SER A 182 46.52 18.57 22.28
CA SER A 182 45.18 18.92 21.88
C SER A 182 44.17 18.89 23.02
N PHE A 183 44.51 18.25 24.13
CA PHE A 183 43.58 18.14 25.25
C PHE A 183 44.19 18.60 26.56
N VAL A 184 45.40 19.14 26.54
CA VAL A 184 46.07 19.61 27.74
C VAL A 184 45.64 21.05 28.02
N PRO A 185 45.15 21.35 29.22
CA PRO A 185 44.68 22.71 29.49
C PRO A 185 45.80 23.73 29.68
N SER A 186 45.43 24.95 30.04
CA SER A 186 46.38 26.03 30.21
C SER A 186 46.02 26.82 31.45
N SER A 187 47.00 26.99 32.35
CA SER A 187 46.88 27.74 33.59
C SER A 187 45.74 27.20 34.46
N THR A 188 45.93 25.95 34.90
CA THR A 188 44.86 25.21 35.56
C THR A 188 44.42 25.82 36.88
N ASN A 189 45.31 26.56 37.54
CA ASN A 189 44.94 27.28 38.77
C ASN A 189 44.17 28.54 38.35
N THR A 190 42.87 28.36 38.10
CA THR A 190 42.03 29.44 37.59
C THR A 190 40.59 29.16 37.96
N LYS A 191 39.71 30.10 37.59
CA LYS A 191 38.28 29.94 37.71
C LYS A 191 37.52 30.14 36.41
N GLU A 192 38.22 30.62 35.38
CA GLU A 192 37.52 30.91 34.10
C GLU A 192 38.11 30.12 32.93
N ILE A 193 39.43 30.09 32.80
CA ILE A 193 40.06 29.49 31.61
C ILE A 193 40.27 28.02 31.94
N ALA A 194 39.18 27.26 31.83
CA ALA A 194 39.19 25.85 32.16
C ALA A 194 39.16 24.95 30.95
N ASP A 195 38.89 25.50 29.76
CA ASP A 195 38.60 24.72 28.58
C ASP A 195 39.41 25.15 27.37
N ILE A 196 40.37 26.04 27.53
CA ILE A 196 41.21 26.51 26.44
C ILE A 196 42.46 25.64 26.42
N SER A 197 42.54 24.75 25.42
CA SER A 197 43.65 23.82 25.36
C SER A 197 44.95 24.55 24.98
N LEU A 198 46.07 23.94 25.35
CA LEU A 198 47.36 24.54 25.07
C LEU A 198 47.73 24.43 23.60
N ALA A 199 47.13 23.49 22.87
CA ALA A 199 47.33 23.45 21.43
C ALA A 199 46.65 24.63 20.74
N ASP A 200 45.49 25.03 21.25
CA ASP A 200 44.78 26.16 20.66
C ASP A 200 45.33 27.47 21.17
N HIS A 201 45.64 27.53 22.47
CA HIS A 201 46.15 28.77 23.07
C HIS A 201 47.51 29.15 22.53
N SER A 202 48.36 28.17 22.27
CA SER A 202 49.63 28.48 21.59
C SER A 202 49.41 28.82 20.13
N ARG A 203 48.32 28.34 19.53
CA ARG A 203 48.06 28.66 18.13
C ARG A 203 47.53 30.08 17.98
N LEU A 204 46.70 30.53 18.92
CA LEU A 204 46.23 31.90 18.86
C LEU A 204 47.27 32.91 19.30
N THR A 205 48.10 32.55 20.27
CA THR A 205 49.09 33.51 20.77
C THR A 205 50.16 33.76 19.72
N ALA A 206 50.57 32.72 18.99
CA ALA A 206 51.49 32.93 17.87
C ALA A 206 50.81 33.63 16.71
N ALA A 207 49.48 33.53 16.61
CA ALA A 207 48.76 34.22 15.55
C ALA A 207 48.71 35.72 15.80
N PHE A 208 48.43 36.12 17.04
CA PHE A 208 48.40 37.55 17.36
C PHE A 208 49.80 38.14 17.33
N ALA A 209 50.79 37.42 17.88
CA ALA A 209 52.11 38.00 18.11
C ALA A 209 52.84 38.31 16.82
N LEU A 210 52.53 37.62 15.74
CA LEU A 210 53.05 38.07 14.45
C LEU A 210 52.34 39.34 13.99
N ALA A 211 51.05 39.44 14.27
CA ALA A 211 50.26 40.56 13.77
C ALA A 211 50.54 41.86 14.50
N ILE A 212 51.03 41.81 15.75
CA ILE A 212 51.55 43.02 16.37
C ILE A 212 52.78 43.50 15.62
N TYR A 213 53.64 42.57 15.21
CA TYR A 213 54.88 42.95 14.52
C TYR A 213 54.59 43.53 13.15
N ASP A 214 53.66 42.95 12.42
CA ASP A 214 53.27 43.55 11.14
C ASP A 214 52.44 44.82 11.33
N TYR A 215 51.85 45.02 12.51
CA TYR A 215 51.21 46.30 12.80
C TYR A 215 52.21 47.34 13.23
N LEU A 216 53.30 46.94 13.87
CA LEU A 216 54.26 47.91 14.39
C LEU A 216 55.40 48.19 13.43
N GLU A 217 55.86 47.19 12.67
CA GLU A 217 56.96 47.43 11.74
C GLU A 217 56.51 48.19 10.50
N ASP A 218 55.21 48.28 10.26
CA ASP A 218 54.73 49.15 9.20
C ASP A 218 54.58 50.60 9.67
N LYS A 219 54.22 50.81 10.93
CA LYS A 219 54.11 52.17 11.44
C LYS A 219 55.47 52.82 11.66
N GLY A 220 56.50 52.01 11.90
CA GLY A 220 57.85 52.51 12.02
C GLY A 220 58.44 52.50 13.41
N ARG A 221 57.83 51.79 14.36
CA ARG A 221 58.39 51.72 15.71
C ARG A 221 59.34 50.54 15.83
N HIS A 222 60.30 50.68 16.73
CA HIS A 222 61.31 49.65 16.95
C HIS A 222 61.40 49.22 18.40
N ASN A 223 61.05 50.09 19.34
CA ASN A 223 61.05 49.73 20.75
C ASN A 223 59.69 49.16 21.13
N TYR A 224 59.70 48.23 22.09
CA TYR A 224 58.51 47.46 22.41
C TYR A 224 58.08 47.55 23.88
N LYS A 225 58.56 48.55 24.61
CA LYS A 225 58.25 48.65 26.02
C LYS A 225 57.40 49.87 26.37
N GLU A 226 57.08 50.72 25.39
CA GLU A 226 56.31 51.92 25.67
C GLU A 226 54.92 51.92 25.05
N ASP A 227 54.70 51.10 24.01
CA ASP A 227 53.40 50.96 23.37
C ASP A 227 52.77 49.61 23.70
N LEU A 228 53.47 48.80 24.47
CA LEU A 228 53.03 47.47 24.88
C LEU A 228 52.94 47.33 26.39
N PHE A 229 53.94 47.82 27.13
CA PHE A 229 53.99 47.64 28.57
C PHE A 229 53.38 48.79 29.35
N THR A 230 53.50 50.02 28.84
CA THR A 230 52.88 51.18 29.48
C THR A 230 51.59 51.60 28.81
N LYS A 231 51.55 51.60 27.48
CA LYS A 231 50.31 51.89 26.75
C LYS A 231 49.54 50.62 26.44
N VAL A 232 49.33 49.79 27.45
CA VAL A 232 48.58 48.54 27.25
C VAL A 232 47.10 48.80 27.17
N SER A 233 46.59 49.69 28.03
CA SER A 233 45.18 50.07 27.97
C SER A 233 44.89 50.93 26.74
N ALA A 234 45.89 51.67 26.25
CA ALA A 234 45.73 52.33 24.97
C ALA A 234 45.71 51.32 23.83
N PHE A 235 46.57 50.30 23.90
CA PHE A 235 46.52 49.22 22.92
C PHE A 235 45.30 48.34 23.11
N TYR A 236 44.73 48.32 24.31
CA TYR A 236 43.44 47.67 24.54
C TYR A 236 42.33 48.37 23.77
N GLU A 237 42.49 49.67 23.50
CA GLU A 237 41.55 50.46 22.73
C GLU A 237 42.03 50.70 21.30
N GLU A 238 43.32 50.52 21.04
CA GLU A 238 43.86 50.73 19.69
C GLU A 238 43.41 49.62 18.76
N GLU A 239 42.74 49.99 17.67
CA GLU A 239 42.37 49.03 16.64
C GLU A 239 43.63 48.61 15.89
N ALA A 240 44.08 47.39 16.13
CA ALA A 240 45.34 46.92 15.55
C ALA A 240 45.21 45.58 14.86
N PHE A 241 43.99 45.05 14.71
CA PHE A 241 43.82 43.74 14.11
C PHE A 241 42.66 43.78 13.13
N LEU A 242 42.87 43.18 11.97
CA LEU A 242 41.79 42.86 11.05
C LEU A 242 41.33 41.44 11.32
N LEU A 243 40.05 41.20 11.14
CA LEU A 243 39.54 39.83 11.11
C LEU A 243 39.13 39.59 9.66
N ALA A 244 40.05 39.08 8.87
CA ALA A 244 39.75 38.78 7.49
C ALA A 244 38.88 37.54 7.39
N SER A 245 38.38 37.30 6.19
CA SER A 245 37.59 36.11 5.89
C SER A 245 37.54 35.94 4.39
N PHE A 246 36.96 34.83 3.95
CA PHE A 246 36.45 34.74 2.60
C PHE A 246 35.28 33.79 2.57
N ASP A 247 34.67 33.72 1.39
CA ASP A 247 33.46 32.95 1.18
C ASP A 247 33.49 32.46 -0.25
N LEU A 248 33.70 31.17 -0.44
CA LEU A 248 33.73 30.61 -1.77
C LEU A 248 32.29 30.38 -2.19
N SER A 249 31.85 31.10 -3.22
CA SER A 249 30.47 31.01 -3.68
C SER A 249 30.34 29.99 -4.79
N GLY A 250 29.12 29.52 -4.99
CA GLY A 250 28.85 28.59 -6.07
C GLY A 250 29.39 27.20 -5.84
N ILE A 251 29.43 26.76 -4.58
CA ILE A 251 30.00 25.45 -4.29
C ILE A 251 29.06 24.33 -4.71
N GLN A 252 27.76 24.43 -4.37
CA GLN A 252 26.83 23.36 -4.69
C GLN A 252 26.48 23.34 -6.17
N ASP A 253 26.55 24.49 -6.83
CA ASP A 253 26.43 24.49 -8.28
C ASP A 253 27.60 23.81 -8.95
N PHE A 254 28.75 23.75 -8.28
CA PHE A 254 29.91 23.03 -8.79
C PHE A 254 29.93 21.57 -8.36
N ILE A 255 29.57 21.29 -7.11
CA ILE A 255 29.59 19.91 -6.64
C ILE A 255 28.42 19.14 -7.22
N TYR A 256 27.21 19.65 -7.03
CA TYR A 256 26.02 18.94 -7.48
C TYR A 256 25.64 19.33 -8.91
N ASN A 257 26.63 19.30 -9.78
CA ASN A 257 26.47 19.42 -11.22
C ASN A 257 26.29 18.05 -11.86
N ILE A 258 26.17 17.01 -11.04
CA ILE A 258 25.86 15.69 -11.52
C ILE A 258 24.43 15.68 -12.06
N ASN A 259 24.20 14.82 -13.06
CA ASN A 259 22.87 14.61 -13.60
C ASN A 259 22.71 13.12 -13.90
N ILE A 260 21.47 12.73 -14.21
CA ILE A 260 21.25 11.40 -14.76
C ILE A 260 21.98 11.29 -16.09
N ALA A 261 22.56 10.11 -16.35
CA ALA A 261 23.54 9.87 -17.41
C ALA A 261 24.74 10.81 -17.27
N THR A 262 25.40 10.69 -16.12
CA THR A 262 26.73 11.23 -15.93
C THR A 262 27.70 10.04 -15.96
N ASN A 263 28.73 10.14 -16.78
CA ASN A 263 29.57 8.97 -17.06
C ASN A 263 30.47 8.62 -15.88
N GLY A 264 30.90 9.63 -15.12
CA GLY A 264 31.48 9.36 -13.82
C GLY A 264 30.58 9.98 -12.78
N ALA A 265 29.84 9.17 -12.02
CA ALA A 265 28.83 9.76 -11.15
C ALA A 265 29.36 10.02 -9.75
N ALA A 266 29.75 8.96 -9.06
CA ALA A 266 30.10 9.11 -7.65
C ALA A 266 31.56 9.51 -7.47
N LYS A 267 32.42 9.14 -8.41
CA LYS A 267 33.83 9.53 -8.30
C LYS A 267 34.00 11.02 -8.51
N GLN A 268 33.26 11.59 -9.45
CA GLN A 268 33.28 13.04 -9.64
C GLN A 268 32.62 13.76 -8.48
N LEU A 269 31.68 13.11 -7.80
CA LEU A 269 31.03 13.74 -6.66
C LEU A 269 31.94 13.75 -5.44
N LYS A 270 32.75 12.70 -5.28
CA LYS A 270 33.74 12.67 -4.22
C LYS A 270 34.98 13.47 -4.56
N ALA A 271 35.21 13.77 -5.83
CA ALA A 271 36.39 14.54 -6.20
C ALA A 271 36.16 16.03 -6.08
N ARG A 272 35.00 16.50 -6.52
CA ARG A 272 34.74 17.94 -6.55
C ARG A 272 34.57 18.52 -5.16
N SER A 273 34.05 17.74 -4.22
CA SER A 273 33.94 18.25 -2.87
C SER A 273 35.26 18.16 -2.13
N LEU A 274 36.20 17.39 -2.65
CA LEU A 274 37.58 17.39 -2.18
C LEU A 274 38.41 18.44 -2.90
N TYR A 275 38.12 18.68 -4.17
CA TYR A 275 38.79 19.72 -4.94
C TYR A 275 38.58 21.10 -4.33
N LEU A 276 37.32 21.42 -4.00
CA LEU A 276 37.08 22.71 -3.37
C LEU A 276 37.53 22.75 -1.93
N ASP A 277 37.84 21.60 -1.33
CA ASP A 277 38.44 21.60 0.00
C ASP A 277 39.91 22.01 -0.09
N PHE A 278 40.64 21.50 -1.09
CA PHE A 278 42.01 21.95 -1.32
C PHE A 278 42.04 23.39 -1.82
N MET A 279 41.07 23.79 -2.63
CA MET A 279 41.02 25.17 -3.09
C MET A 279 40.76 26.12 -1.93
N SER A 280 39.79 25.78 -1.07
CA SER A 280 39.61 26.54 0.17
C SER A 280 40.82 26.42 1.08
N GLU A 281 41.60 25.36 0.94
CA GLU A 281 42.84 25.27 1.71
C GLU A 281 43.91 26.17 1.10
N TYR A 282 43.99 26.18 -0.24
CA TYR A 282 45.05 26.94 -0.89
C TYR A 282 44.78 28.44 -0.93
N ILE A 283 43.51 28.86 -0.85
CA ILE A 283 43.23 30.29 -0.67
C ILE A 283 43.80 30.77 0.66
N ALA A 284 43.73 29.92 1.68
CA ALA A 284 44.38 30.24 2.94
C ALA A 284 45.90 30.26 2.79
N ASP A 285 46.48 29.13 2.39
CA ASP A 285 47.93 29.01 2.43
C ASP A 285 48.65 29.77 1.34
N SER A 286 47.94 30.37 0.38
CA SER A 286 48.61 31.27 -0.56
C SER A 286 48.38 32.72 -0.21
N LEU A 287 47.40 33.03 0.63
CA LEU A 287 47.28 34.41 1.09
C LEU A 287 48.26 34.69 2.22
N LEU A 288 48.67 33.65 2.94
CA LEU A 288 49.49 33.87 4.11
C LEU A 288 50.96 34.04 3.74
N ASP A 289 51.41 33.44 2.65
CA ASP A 289 52.77 33.69 2.19
C ASP A 289 52.87 34.82 1.17
N LYS A 290 51.75 35.25 0.60
CA LYS A 290 51.73 36.57 -0.02
C LYS A 290 51.91 37.66 1.04
N LEU A 291 51.34 37.43 2.22
CA LEU A 291 51.66 38.20 3.41
C LEU A 291 52.88 37.57 4.07
N GLY A 292 53.13 37.95 5.32
CA GLY A 292 54.23 37.33 6.05
C GLY A 292 53.74 36.36 7.10
N LEU A 293 52.62 35.69 6.85
CA LEU A 293 51.96 34.92 7.89
C LEU A 293 51.91 33.44 7.52
N ASN A 294 51.20 32.67 8.34
CA ASN A 294 51.13 31.22 8.22
C ASN A 294 49.89 30.72 8.93
N ARG A 295 49.81 29.40 9.14
CA ARG A 295 48.59 28.72 9.52
C ARG A 295 48.16 28.95 10.97
N ALA A 296 48.89 29.74 11.73
CA ALA A 296 48.41 30.08 13.06
C ALA A 296 47.26 31.06 12.97
N ASN A 297 47.31 31.97 12.00
CA ASN A 297 46.31 33.02 11.87
C ASN A 297 44.98 32.49 11.37
N MET A 298 44.97 31.38 10.65
CA MET A 298 43.72 30.82 10.15
C MET A 298 42.93 30.22 11.31
N LEU A 299 41.90 30.93 11.76
CA LEU A 299 41.10 30.47 12.88
C LEU A 299 40.19 29.31 12.53
N TYR A 300 39.88 29.14 11.25
CA TYR A 300 38.97 28.10 10.80
C TYR A 300 39.13 27.96 9.30
N VAL A 301 38.87 26.77 8.79
CA VAL A 301 38.63 26.58 7.39
C VAL A 301 37.57 25.49 7.27
N GLY A 302 36.66 25.65 6.32
CA GLY A 302 35.51 24.76 6.20
C GLY A 302 35.11 24.64 4.76
N GLY A 303 33.81 24.56 4.52
CA GLY A 303 33.31 24.46 3.17
C GLY A 303 33.28 25.82 2.49
N GLY A 304 34.43 26.33 2.13
CA GLY A 304 34.55 27.64 1.50
C GLY A 304 34.74 28.77 2.47
N HIS A 305 34.14 28.68 3.65
CA HIS A 305 34.30 29.73 4.63
C HIS A 305 35.56 29.50 5.45
N ALA A 306 36.30 30.57 5.71
CA ALA A 306 37.51 30.50 6.50
C ALA A 306 37.76 31.87 7.09
N TYR A 307 38.36 31.89 8.28
CA TYR A 307 38.49 33.11 9.06
C TYR A 307 39.92 33.27 9.52
N PHE A 308 40.45 34.48 9.38
CA PHE A 308 41.84 34.79 9.66
C PHE A 308 41.92 35.82 10.77
N VAL A 309 43.15 36.12 11.18
CA VAL A 309 43.46 37.31 11.96
C VAL A 309 44.69 37.91 11.31
N LEU A 310 44.52 39.07 10.70
CA LEU A 310 45.64 39.67 9.98
C LEU A 310 46.01 41.00 10.61
N ALA A 311 47.00 41.66 10.02
CA ALA A 311 47.44 42.94 10.50
C ALA A 311 46.56 44.05 9.95
N ASN A 312 46.37 45.09 10.76
CA ASN A 312 45.53 46.22 10.38
C ASN A 312 46.42 47.33 9.85
N THR A 313 46.87 47.17 8.61
CA THR A 313 47.63 48.22 7.97
C THR A 313 47.39 48.18 6.46
N GLU A 314 47.75 49.29 5.81
CA GLU A 314 47.51 49.44 4.39
C GLU A 314 48.43 48.57 3.54
N LYS A 315 49.55 48.12 4.10
CA LYS A 315 50.42 47.20 3.39
C LYS A 315 49.81 45.82 3.25
N THR A 316 48.84 45.48 4.09
CA THR A 316 48.16 44.19 4.04
C THR A 316 46.77 44.29 3.42
N VAL A 317 46.10 45.43 3.56
CA VAL A 317 44.79 45.60 2.93
C VAL A 317 44.94 45.66 1.42
N GLU A 318 45.92 46.42 0.93
CA GLU A 318 46.21 46.47 -0.49
C GLU A 318 46.71 45.14 -1.03
N THR A 319 47.31 44.31 -0.17
CA THR A 319 47.63 42.95 -0.58
C THR A 319 46.39 42.08 -0.67
N LEU A 320 45.41 42.31 0.21
CA LEU A 320 44.15 41.55 0.14
C LEU A 320 43.37 41.91 -1.11
N VAL A 321 43.25 43.20 -1.41
CA VAL A 321 42.48 43.65 -2.57
C VAL A 321 43.15 43.21 -3.85
N GLN A 322 44.48 43.22 -3.89
CA GLN A 322 45.19 42.74 -5.06
C GLN A 322 45.03 41.23 -5.23
N PHE A 323 45.10 40.49 -4.12
CA PHE A 323 44.99 39.04 -4.22
C PHE A 323 43.56 38.60 -4.51
N GLU A 324 42.56 39.35 -4.04
CA GLU A 324 41.19 39.06 -4.41
C GLU A 324 40.97 39.27 -5.91
N LYS A 325 41.56 40.34 -6.46
CA LYS A 325 41.47 40.55 -7.89
C LYS A 325 42.26 39.48 -8.65
N ASP A 326 43.44 39.14 -8.16
CA ASP A 326 44.27 38.17 -8.86
C ASP A 326 43.69 36.77 -8.79
N PHE A 327 42.98 36.46 -7.71
CA PHE A 327 42.45 35.10 -7.59
C PHE A 327 41.14 34.97 -8.36
N ASN A 328 40.36 36.05 -8.45
CA ASN A 328 39.13 35.99 -9.22
C ASN A 328 39.39 35.91 -10.70
N GLN A 329 40.52 36.45 -11.18
CA GLN A 329 40.91 36.25 -12.56
C GLN A 329 41.25 34.79 -12.83
N PHE A 330 41.76 34.09 -11.82
CA PHE A 330 42.00 32.66 -11.96
C PHE A 330 40.70 31.88 -12.07
N LEU A 331 39.75 32.18 -11.16
CA LEU A 331 38.47 31.50 -11.16
C LEU A 331 37.67 31.80 -12.41
N LEU A 332 37.78 33.03 -12.91
CA LEU A 332 37.03 33.41 -14.09
C LEU A 332 37.61 32.76 -15.34
N ALA A 333 38.93 32.56 -15.39
CA ALA A 333 39.54 31.92 -16.53
C ALA A 333 39.27 30.42 -16.59
N ASN A 334 38.76 29.82 -15.52
CA ASN A 334 38.55 28.39 -15.46
C ASN A 334 37.12 27.98 -15.16
N PHE A 335 36.28 28.89 -14.72
CA PHE A 335 34.93 28.51 -14.33
C PHE A 335 33.83 29.39 -14.88
N GLN A 336 34.13 30.63 -15.28
CA GLN A 336 33.17 31.58 -15.85
C GLN A 336 31.99 31.83 -14.89
N THR A 337 32.33 32.48 -13.78
CA THR A 337 31.40 32.96 -12.74
C THR A 337 30.61 31.84 -12.08
N ARG A 338 31.12 30.60 -12.12
CA ARG A 338 30.55 29.57 -11.28
C ARG A 338 31.07 29.66 -9.85
N LEU A 339 32.27 30.19 -9.68
CA LEU A 339 32.93 30.31 -8.39
C LEU A 339 33.39 31.75 -8.22
N TYR A 340 33.39 32.21 -6.97
CA TYR A 340 33.79 33.59 -6.69
C TYR A 340 34.21 33.69 -5.24
N VAL A 341 35.47 34.04 -5.01
CA VAL A 341 35.94 34.31 -3.65
C VAL A 341 35.61 35.76 -3.29
N ALA A 342 35.17 35.96 -2.06
CA ALA A 342 34.70 37.27 -1.61
C ALA A 342 35.31 37.56 -0.25
N PHE A 343 36.34 38.40 -0.23
CA PHE A 343 37.02 38.73 1.02
C PHE A 343 36.15 39.65 1.88
N GLY A 344 36.67 39.95 3.06
CA GLY A 344 36.04 40.92 3.92
C GLY A 344 36.80 41.01 5.23
N TRP A 345 37.09 42.22 5.68
CA TRP A 345 37.90 42.42 6.87
C TRP A 345 37.22 43.41 7.79
N GLY A 346 37.34 43.15 9.09
CA GLY A 346 36.85 44.05 10.09
C GLY A 346 37.93 44.43 11.08
N SER A 347 38.27 45.71 11.12
CA SER A 347 39.28 46.18 12.05
C SER A 347 38.71 46.18 13.46
N PHE A 348 39.48 45.64 14.42
CA PHE A 348 38.99 45.56 15.79
C PHE A 348 40.14 45.74 16.77
N ALA A 349 39.84 46.40 17.88
CA ALA A 349 40.78 46.58 18.97
C ALA A 349 40.72 45.36 19.89
N ALA A 350 41.31 45.46 21.07
CA ALA A 350 41.25 44.36 22.03
C ALA A 350 39.89 44.39 22.74
N LYS A 351 38.85 44.01 22.00
CA LYS A 351 37.49 43.98 22.50
C LYS A 351 36.91 42.57 22.56
N ASP A 352 37.58 41.58 21.98
CA ASP A 352 37.20 40.18 22.13
C ASP A 352 37.80 39.59 23.41
N ILE A 353 37.59 40.26 24.54
CA ILE A 353 38.09 39.87 25.85
C ILE A 353 36.93 40.01 26.82
N MET A 354 36.71 38.99 27.66
CA MET A 354 35.57 38.94 28.57
C MET A 354 35.62 39.97 29.71
N SER A 355 36.55 40.93 29.74
CA SER A 355 36.62 41.90 30.83
C SER A 355 35.73 43.11 30.57
N GLU A 356 34.46 42.84 30.24
CA GLU A 356 33.38 43.84 30.14
C GLU A 356 33.70 44.94 29.12
N LEU A 357 34.15 44.53 27.93
CA LEU A 357 34.50 45.49 26.88
C LEU A 357 33.31 45.65 25.93
N ASN A 358 32.29 46.34 26.44
CA ASN A 358 31.03 46.64 25.73
C ASN A 358 30.36 45.35 25.22
N SER A 359 30.20 44.39 26.14
CA SER A 359 29.85 42.98 25.93
C SER A 359 28.74 42.66 24.93
N PRO A 360 27.59 43.42 24.83
CA PRO A 360 26.63 43.08 23.76
C PRO A 360 27.13 43.30 22.34
N GLU A 361 27.47 44.54 21.99
CA GLU A 361 27.86 44.87 20.61
C GLU A 361 29.37 45.00 20.44
N SER A 362 30.13 44.01 20.82
CA SER A 362 31.56 44.18 20.52
C SER A 362 32.20 42.95 19.87
N TYR A 363 31.86 41.75 20.34
CA TYR A 363 32.61 40.57 19.93
C TYR A 363 32.13 40.03 18.59
N ARG A 364 30.86 39.60 18.53
CA ARG A 364 30.33 39.13 17.26
C ARG A 364 30.12 40.29 16.31
N GLN A 365 29.86 41.47 16.85
CA GLN A 365 29.42 42.62 16.10
C GLN A 365 30.55 43.32 15.36
N VAL A 366 31.79 42.88 15.56
CA VAL A 366 32.88 43.24 14.66
C VAL A 366 33.34 42.03 13.85
N TYR A 367 33.05 40.82 14.32
CA TYR A 367 33.06 39.64 13.46
C TYR A 367 31.95 39.71 12.43
N GLN A 368 30.88 40.47 12.71
CA GLN A 368 29.80 40.68 11.76
C GLN A 368 30.13 41.79 10.77
N LYS A 369 31.00 42.72 11.16
CA LYS A 369 31.36 43.82 10.27
C LYS A 369 32.13 43.32 9.06
N ALA A 370 33.02 42.35 9.26
CA ALA A 370 33.64 41.69 8.11
C ALA A 370 32.65 40.80 7.37
N SER A 371 31.58 40.36 8.02
CA SER A 371 30.58 39.57 7.34
C SER A 371 29.67 40.42 6.47
N ARG A 372 29.51 41.70 6.82
CA ARG A 372 28.73 42.58 5.97
C ARG A 372 29.51 43.02 4.75
N MET A 373 30.84 43.06 4.83
CA MET A 373 31.65 43.37 3.67
C MET A 373 31.62 42.24 2.65
N ILE A 374 31.51 41.01 3.12
CA ILE A 374 31.38 39.87 2.22
C ILE A 374 30.03 39.93 1.50
N SER A 375 28.97 40.27 2.21
CA SER A 375 27.67 40.43 1.59
C SER A 375 27.63 41.62 0.64
N LYS A 376 28.42 42.66 0.92
CA LYS A 376 28.51 43.79 -0.01
C LYS A 376 29.28 43.41 -1.26
N LYS A 377 30.19 42.44 -1.17
CA LYS A 377 30.99 42.05 -2.31
C LYS A 377 30.47 40.81 -3.02
N LYS A 378 29.52 40.10 -2.43
CA LYS A 378 28.84 39.02 -3.12
C LYS A 378 27.68 39.52 -3.96
N ILE A 379 27.49 40.82 -4.03
CA ILE A 379 26.25 41.41 -4.51
C ILE A 379 26.61 42.47 -5.54
N SER A 380 27.91 42.75 -5.64
CA SER A 380 28.47 43.73 -6.55
C SER A 380 29.70 43.13 -7.22
N ARG A 381 29.51 41.94 -7.81
CA ARG A 381 30.55 40.92 -8.01
C ARG A 381 31.79 41.45 -8.72
N TYR A 382 31.63 41.85 -9.97
CA TYR A 382 32.77 42.23 -10.77
C TYR A 382 32.86 43.74 -10.89
N ASP A 383 33.73 44.22 -11.77
CA ASP A 383 33.78 45.64 -12.06
C ASP A 383 33.81 45.85 -13.57
N TYR A 384 34.15 47.07 -13.99
CA TYR A 384 34.00 47.49 -15.38
C TYR A 384 34.86 46.66 -16.32
N GLN A 385 36.17 46.62 -16.08
CA GLN A 385 37.12 46.12 -17.07
C GLN A 385 37.02 44.61 -17.25
N THR A 386 36.54 43.89 -16.24
CA THR A 386 36.33 42.46 -16.41
C THR A 386 35.10 42.20 -17.26
N LEU A 387 33.98 42.84 -16.93
CA LEU A 387 32.73 42.54 -17.60
C LEU A 387 32.69 43.09 -19.02
N MET A 388 33.52 44.09 -19.34
CA MET A 388 33.71 44.45 -20.73
C MET A 388 34.37 43.32 -21.51
N LEU A 389 35.22 42.55 -20.86
CA LEU A 389 35.96 41.47 -21.51
C LEU A 389 35.35 40.09 -21.28
N LEU A 390 34.34 39.97 -20.42
CA LEU A 390 33.60 38.72 -20.28
C LEU A 390 32.89 38.37 -21.57
N ASN A 391 31.97 39.23 -21.97
CA ASN A 391 31.14 39.02 -23.14
C ASN A 391 31.71 39.79 -24.33
N ARG A 392 32.97 39.48 -24.65
CA ARG A 392 33.57 39.99 -25.87
C ARG A 392 33.19 39.16 -27.08
N GLY A 393 32.79 37.91 -26.89
CA GLY A 393 32.33 37.08 -27.99
C GLY A 393 33.45 36.61 -28.88
N GLY A 394 33.13 36.47 -30.16
CA GLY A 394 34.08 36.02 -31.16
C GLY A 394 34.46 34.56 -31.00
N LYS A 395 33.46 33.70 -30.75
CA LYS A 395 33.74 32.30 -30.47
C LYS A 395 32.65 31.47 -31.13
N SER A 396 32.95 30.93 -32.32
CA SER A 396 32.01 30.06 -33.02
C SER A 396 32.17 28.63 -32.54
N SER A 397 31.80 28.42 -31.28
CA SER A 397 31.89 27.10 -30.70
C SER A 397 30.74 26.24 -31.19
N GLU A 398 31.00 24.95 -31.25
CA GLU A 398 30.02 23.99 -31.72
C GLU A 398 29.63 22.95 -30.70
N ARG A 399 30.59 22.31 -30.06
CA ARG A 399 30.36 21.35 -29.00
C ARG A 399 30.68 22.04 -27.69
N GLU A 400 29.90 21.74 -26.67
CA GLU A 400 30.13 22.26 -25.34
C GLU A 400 30.58 21.13 -24.44
N CYS A 401 31.18 21.50 -23.31
CA CYS A 401 31.44 20.53 -22.25
C CYS A 401 30.12 20.06 -21.70
N GLU A 402 29.82 18.77 -21.84
CA GLU A 402 28.47 18.33 -21.50
C GLU A 402 28.28 18.14 -19.99
N ILE A 403 29.24 18.55 -19.17
CA ILE A 403 29.04 18.55 -17.73
C ILE A 403 28.78 19.96 -17.22
N CYS A 404 29.75 20.86 -17.43
CA CYS A 404 29.67 22.20 -16.85
C CYS A 404 29.35 23.29 -17.87
N HIS A 405 29.04 22.91 -19.11
CA HIS A 405 28.61 23.82 -20.17
C HIS A 405 29.64 24.88 -20.50
N SER A 406 30.92 24.55 -20.35
CA SER A 406 31.97 25.47 -20.75
C SER A 406 32.41 25.16 -22.18
N VAL A 407 33.32 26.00 -22.69
CA VAL A 407 33.62 26.06 -24.10
C VAL A 407 35.10 25.81 -24.38
N GLU A 408 35.99 26.41 -23.61
CA GLU A 408 37.41 26.40 -23.93
C GLU A 408 38.07 25.07 -23.57
N ASN A 409 39.04 24.67 -24.40
CA ASN A 409 39.96 23.54 -24.19
C ASN A 409 39.21 22.22 -24.00
N LEU A 410 38.53 21.82 -25.06
CA LEU A 410 37.75 20.60 -25.05
C LEU A 410 38.61 19.42 -25.45
N VAL A 411 38.68 18.42 -24.58
CA VAL A 411 39.34 17.16 -24.85
C VAL A 411 38.27 16.07 -24.91
N SER A 412 38.67 14.87 -25.31
CA SER A 412 37.68 13.86 -25.67
C SER A 412 37.76 12.64 -24.76
N TYR A 413 37.77 12.86 -23.44
CA TYR A 413 37.92 11.81 -22.44
C TYR A 413 36.82 10.77 -22.49
N HIS A 414 37.15 9.56 -22.95
CA HIS A 414 36.23 8.42 -23.10
C HIS A 414 34.95 8.81 -23.83
N ASP A 415 35.15 9.16 -25.11
CA ASP A 415 34.21 9.60 -26.14
C ASP A 415 33.07 10.47 -25.64
N GLN A 416 33.40 11.41 -24.75
CA GLN A 416 32.59 12.57 -24.47
C GLN A 416 33.53 13.76 -24.48
N LYS A 417 33.00 14.94 -24.80
CA LYS A 417 33.84 16.10 -25.07
C LYS A 417 33.75 17.04 -23.86
N VAL A 418 34.67 16.89 -22.91
CA VAL A 418 34.63 17.64 -21.68
C VAL A 418 35.69 18.72 -21.70
N CYS A 419 35.63 19.61 -20.73
CA CYS A 419 36.46 20.80 -20.69
C CYS A 419 37.81 20.47 -20.10
N ASP A 420 38.55 21.51 -19.71
CA ASP A 420 39.91 21.29 -19.22
C ASP A 420 39.91 21.04 -17.71
N ILE A 421 39.00 21.67 -16.98
CA ILE A 421 38.95 21.46 -15.54
C ILE A 421 38.30 20.12 -15.22
N CYS A 422 37.28 19.75 -15.99
CA CYS A 422 36.60 18.49 -15.71
C CYS A 422 37.39 17.30 -16.24
N ARG A 423 38.38 17.56 -17.09
CA ARG A 423 39.30 16.48 -17.48
C ARG A 423 40.17 16.08 -16.32
N GLY A 424 40.70 17.05 -15.58
CA GLY A 424 41.59 16.73 -14.49
C GLY A 424 40.87 16.09 -13.31
N LEU A 425 39.57 16.35 -13.18
CA LEU A 425 38.81 15.78 -12.07
C LEU A 425 38.59 14.29 -12.25
N TYR A 426 38.61 13.79 -13.48
CA TYR A 426 38.68 12.34 -13.66
C TYR A 426 40.07 11.83 -13.33
N GLN A 427 41.09 12.63 -13.64
CA GLN A 427 42.46 12.25 -13.29
C GLN A 427 42.70 12.39 -11.80
N PHE A 428 42.07 13.37 -11.15
CA PHE A 428 42.16 13.51 -9.71
C PHE A 428 41.36 12.45 -8.98
N SER A 429 40.33 11.89 -9.61
CA SER A 429 39.60 10.78 -9.01
C SER A 429 40.36 9.47 -9.08
N LYS A 430 41.36 9.37 -9.95
CA LYS A 430 42.24 8.22 -9.95
C LYS A 430 43.41 8.38 -9.01
N GLU A 431 43.76 9.63 -8.70
CA GLU A 431 44.85 9.95 -7.79
C GLU A 431 44.33 10.30 -6.41
N ILE A 432 43.11 9.87 -6.07
CA ILE A 432 42.49 10.28 -4.83
C ILE A 432 42.86 9.36 -3.66
N ALA A 433 43.33 8.15 -3.94
CA ALA A 433 43.65 7.18 -2.89
C ALA A 433 44.97 7.48 -2.20
N HIS A 434 45.74 8.44 -2.69
CA HIS A 434 47.07 8.68 -2.17
C HIS A 434 47.00 9.44 -0.85
N ASP A 435 48.13 9.50 -0.17
CA ASP A 435 48.23 10.17 1.11
C ASP A 435 48.80 11.57 0.98
N HIS A 436 49.43 11.89 -0.14
CA HIS A 436 50.09 13.17 -0.32
C HIS A 436 49.60 13.85 -1.58
N PHE A 437 49.42 15.17 -1.51
CA PHE A 437 49.02 15.99 -2.64
C PHE A 437 49.90 17.21 -2.68
N ILE A 438 50.44 17.53 -3.85
CA ILE A 438 51.45 18.57 -3.96
C ILE A 438 50.93 19.71 -4.81
N ILE A 439 51.56 20.87 -4.64
CA ILE A 439 51.26 22.05 -5.43
C ILE A 439 52.35 22.16 -6.49
N THR A 440 52.04 21.67 -7.69
CA THR A 440 52.98 21.78 -8.79
C THR A 440 52.91 23.16 -9.42
N GLU A 441 53.49 23.32 -10.60
CA GLU A 441 53.35 24.55 -11.35
C GLU A 441 52.50 24.40 -12.58
N ASN A 442 52.71 23.35 -13.37
CA ASN A 442 51.97 23.17 -14.61
C ASN A 442 51.58 21.70 -14.79
N GLU A 443 51.11 21.07 -13.72
CA GLU A 443 50.81 19.64 -13.81
C GLU A 443 49.36 19.32 -13.44
N GLY A 444 48.41 20.06 -14.02
CA GLY A 444 47.03 19.61 -14.08
C GLY A 444 46.17 19.86 -12.87
N LEU A 445 44.87 20.11 -13.14
CA LEU A 445 43.83 20.47 -12.18
C LEU A 445 44.27 21.67 -11.36
N PRO A 446 44.19 22.86 -11.94
CA PRO A 446 44.77 24.04 -11.28
C PRO A 446 43.90 24.50 -10.15
N ILE A 447 44.56 24.95 -9.07
CA ILE A 447 43.85 25.53 -7.92
C ILE A 447 44.35 26.92 -7.58
N GLY A 448 45.24 27.48 -8.38
CA GLY A 448 45.64 28.85 -8.15
C GLY A 448 46.47 29.42 -9.28
N PRO A 449 46.76 30.71 -9.21
CA PRO A 449 47.66 31.34 -10.19
C PRO A 449 49.06 30.77 -10.10
N ASN A 450 49.46 30.07 -11.17
CA ASN A 450 50.66 29.23 -11.23
C ASN A 450 50.66 28.18 -10.10
N ALA A 451 49.58 27.41 -10.05
CA ALA A 451 49.43 26.39 -9.02
C ALA A 451 48.49 25.31 -9.52
N CYS A 452 48.98 24.07 -9.56
CA CYS A 452 48.17 22.92 -9.96
C CYS A 452 48.35 21.80 -8.94
N LEU A 453 47.31 21.01 -8.77
CA LEU A 453 47.24 20.02 -7.69
C LEU A 453 47.41 18.62 -8.26
N LYS A 454 48.22 17.79 -7.60
CA LYS A 454 48.53 16.47 -8.15
C LYS A 454 48.58 15.43 -7.04
N GLY A 455 47.93 14.30 -7.27
CA GLY A 455 48.09 13.15 -6.39
C GLY A 455 49.42 12.48 -6.64
N VAL A 456 50.02 11.98 -5.57
CA VAL A 456 51.40 11.54 -5.63
C VAL A 456 51.64 10.48 -4.57
N ALA A 457 52.55 9.55 -4.85
CA ALA A 457 52.91 8.49 -3.92
C ALA A 457 53.86 9.04 -2.85
N PHE A 458 54.41 8.16 -2.03
CA PHE A 458 55.30 8.66 -0.98
C PHE A 458 56.69 8.96 -1.52
N GLU A 459 57.34 7.97 -2.11
CA GLU A 459 58.70 8.17 -2.62
C GLU A 459 58.74 8.92 -3.95
N LYS A 460 57.59 9.22 -4.54
CA LYS A 460 57.56 10.04 -5.74
C LYS A 460 57.80 11.52 -5.45
N LEU A 461 57.88 11.91 -4.17
CA LEU A 461 58.25 13.27 -3.82
C LEU A 461 59.69 13.59 -4.18
N SER A 462 60.54 12.58 -4.27
CA SER A 462 61.89 12.79 -4.80
C SER A 462 61.85 13.17 -6.27
N GLN A 463 60.91 12.59 -7.03
CA GLN A 463 60.82 12.83 -8.46
C GLN A 463 60.19 14.18 -8.77
N GLU A 464 59.00 14.41 -8.24
CA GLU A 464 58.18 15.54 -8.66
C GLU A 464 58.64 16.84 -8.01
N ALA A 465 58.56 17.91 -8.78
CA ALA A 465 58.89 19.25 -8.30
C ALA A 465 57.61 19.91 -7.82
N PHE A 466 57.65 20.45 -6.60
CA PHE A 466 56.46 21.05 -5.99
C PHE A 466 56.88 22.31 -5.26
N SER A 467 55.92 22.93 -4.60
CA SER A 467 56.18 24.07 -3.73
C SER A 467 55.60 23.88 -2.34
N ARG A 468 54.43 23.25 -2.23
CA ARG A 468 53.89 22.86 -0.94
C ARG A 468 53.17 21.53 -1.12
N VAL A 469 53.37 20.62 -0.17
CA VAL A 469 52.79 19.29 -0.22
C VAL A 469 51.77 19.18 0.90
N TYR A 470 50.58 18.71 0.55
CA TYR A 470 49.49 18.51 1.50
C TYR A 470 49.32 17.03 1.77
N VAL A 471 49.27 16.68 3.06
CA VAL A 471 49.11 15.29 3.48
C VAL A 471 47.77 15.18 4.19
N LYS A 472 47.09 14.05 3.99
CA LYS A 472 45.66 13.91 4.26
C LYS A 472 45.42 12.82 5.29
N ASN A 473 44.78 13.19 6.40
CA ASN A 473 44.46 12.31 7.53
C ASN A 473 45.72 11.61 8.06
N ASP A 474 46.63 12.41 8.59
CA ASP A 474 47.92 11.89 9.01
C ASP A 474 48.43 12.71 10.17
N TYR A 475 49.24 12.07 11.02
CA TYR A 475 49.90 12.75 12.11
C TYR A 475 51.38 12.42 12.21
N LYS A 476 51.90 11.57 11.33
CA LYS A 476 53.32 11.28 11.33
C LYS A 476 54.10 12.49 10.82
N ALA A 477 55.33 12.62 11.32
CA ALA A 477 56.18 13.74 10.91
C ALA A 477 56.70 13.54 9.49
N GLY A 478 57.46 12.48 9.28
CA GLY A 478 57.96 12.16 7.95
C GLY A 478 59.05 13.10 7.48
N THR A 479 59.45 12.90 6.22
CA THR A 479 60.49 13.69 5.62
C THR A 479 59.96 14.75 4.65
N VAL A 480 58.67 14.78 4.40
CA VAL A 480 58.11 15.71 3.44
C VAL A 480 57.98 17.13 4.00
N LYS A 481 57.88 17.26 5.33
CA LYS A 481 57.54 18.50 6.03
C LYS A 481 56.27 19.12 5.46
N ALA A 482 55.22 18.30 5.37
CA ALA A 482 54.04 18.62 4.59
C ALA A 482 53.08 19.50 5.38
N THR A 483 51.86 19.63 4.87
CA THR A 483 50.77 20.32 5.53
C THR A 483 49.62 19.36 5.75
N HIS A 484 49.19 19.22 7.00
CA HIS A 484 48.27 18.16 7.39
C HIS A 484 46.83 18.64 7.23
N VAL A 485 46.23 18.35 6.07
CA VAL A 485 44.80 18.55 5.92
C VAL A 485 44.06 17.33 6.44
N PHE A 486 42.76 17.50 6.66
CA PHE A 486 41.93 16.43 7.19
C PHE A 486 40.64 16.33 6.38
N VAL A 487 40.63 15.40 5.44
CA VAL A 487 39.46 15.10 4.63
C VAL A 487 38.87 13.78 5.11
N GLY A 488 37.58 13.80 5.45
CA GLY A 488 36.91 12.59 5.85
C GLY A 488 36.73 11.68 4.65
N ASP A 489 37.22 10.45 4.75
CA ASP A 489 37.11 9.50 3.64
C ASP A 489 37.19 8.07 4.14
N TYR A 490 36.31 7.23 3.60
CA TYR A 490 36.32 5.82 3.91
C TYR A 490 35.70 5.07 2.75
N GLN A 491 36.22 3.88 2.45
CA GLN A 491 35.57 2.95 1.55
C GLN A 491 35.74 1.55 2.09
N CYS A 492 34.64 0.87 2.38
CA CYS A 492 34.72 -0.53 2.72
C CYS A 492 34.70 -1.41 1.47
N ASP A 493 34.10 -0.90 0.39
CA ASP A 493 34.09 -1.57 -0.90
C ASP A 493 33.80 -0.50 -1.95
N GLU A 494 33.69 -0.92 -3.20
CA GLU A 494 33.24 -0.04 -4.27
C GLU A 494 31.79 0.37 -4.03
N ILE A 495 31.38 1.45 -4.69
CA ILE A 495 30.05 2.00 -4.49
C ILE A 495 29.00 1.06 -5.09
N TYR A 496 29.30 0.46 -6.23
CA TYR A 496 28.35 -0.40 -6.92
C TYR A 496 28.26 -1.79 -6.33
N ASN A 497 28.92 -2.07 -5.22
CA ASN A 497 28.78 -3.35 -4.55
C ASN A 497 27.96 -3.26 -3.27
N TYR A 498 27.56 -2.06 -2.85
CA TYR A 498 26.88 -1.88 -1.58
C TYR A 498 25.46 -2.42 -1.58
N ALA A 499 24.87 -2.59 -2.75
CA ALA A 499 23.55 -3.23 -2.81
C ALA A 499 23.66 -4.72 -2.53
N ALA A 500 24.62 -5.38 -3.15
CA ALA A 500 24.77 -6.82 -2.96
C ALA A 500 25.47 -7.18 -1.66
N LEU A 501 25.94 -6.19 -0.89
CA LEU A 501 26.53 -6.43 0.41
C LEU A 501 25.50 -6.38 1.54
N SER A 502 24.25 -6.05 1.25
CA SER A 502 23.26 -5.92 2.32
C SER A 502 22.69 -7.25 2.77
N LYS A 503 23.18 -8.37 2.26
CA LYS A 503 22.77 -9.66 2.76
C LYS A 503 23.41 -9.94 4.13
N ASN A 504 22.93 -10.98 4.77
CA ASN A 504 23.55 -11.53 5.96
C ASN A 504 24.41 -12.72 5.57
N GLU A 505 24.88 -13.45 6.59
CA GLU A 505 25.51 -14.75 6.35
C GLU A 505 24.48 -15.81 5.98
N ASN A 506 23.19 -15.55 6.21
CA ASN A 506 22.13 -16.46 5.81
C ASN A 506 21.72 -16.21 4.36
N GLY A 507 21.75 -14.94 3.94
CA GLY A 507 21.09 -14.50 2.73
C GLY A 507 19.91 -13.59 2.97
N LEU A 508 19.62 -13.25 4.21
CA LEU A 508 18.41 -12.50 4.56
C LEU A 508 18.74 -11.02 4.62
N GLY A 509 18.39 -10.30 3.56
CA GLY A 509 18.53 -8.86 3.52
C GLY A 509 18.01 -8.33 2.20
N ILE A 510 17.45 -7.13 2.20
CA ILE A 510 16.96 -6.54 0.97
C ILE A 510 18.14 -5.86 0.25
N LYS A 511 18.23 -6.08 -1.07
CA LYS A 511 19.36 -5.58 -1.85
C LYS A 511 19.18 -4.09 -2.13
N ARG A 512 19.41 -3.28 -1.10
CA ARG A 512 19.29 -1.85 -1.23
C ARG A 512 20.52 -1.18 -0.64
N LEU A 513 20.74 0.06 -1.05
CA LEU A 513 21.78 0.89 -0.48
C LEU A 513 21.18 2.23 -0.09
N ALA A 514 21.49 2.66 1.12
CA ALA A 514 20.94 3.89 1.67
C ALA A 514 21.96 5.00 1.62
N VAL A 515 21.47 6.23 1.60
CA VAL A 515 22.27 7.43 1.53
C VAL A 515 21.80 8.37 2.62
N VAL A 516 22.69 8.80 3.48
CA VAL A 516 22.34 9.75 4.52
C VAL A 516 23.06 11.06 4.26
N ARG A 517 22.35 12.16 4.50
CA ARG A 517 22.95 13.48 4.49
C ARG A 517 22.66 14.11 5.84
N LEU A 518 23.66 14.14 6.70
CA LEU A 518 23.52 14.75 8.01
C LEU A 518 23.78 16.24 7.88
N ASP A 519 23.35 16.98 8.90
CA ASP A 519 23.61 18.42 8.97
C ASP A 519 23.42 18.84 10.42
N VAL A 520 24.41 19.58 10.95
CA VAL A 520 24.25 20.14 12.28
C VAL A 520 23.23 21.26 12.20
N ASP A 521 22.30 21.28 13.15
CA ASP A 521 21.24 22.26 13.18
C ASP A 521 21.71 23.52 13.90
N ASP A 522 21.50 24.67 13.25
CA ASP A 522 21.90 26.00 13.71
C ASP A 522 23.39 26.04 14.04
N LEU A 523 24.22 25.70 13.06
CA LEU A 523 25.64 25.63 13.38
C LEU A 523 26.26 27.04 13.46
N GLY A 524 25.96 27.89 12.49
CA GLY A 524 26.44 29.26 12.57
C GLY A 524 25.81 30.05 13.69
N ALA A 525 24.58 29.70 14.07
CA ALA A 525 23.96 30.32 15.22
C ALA A 525 24.59 29.87 16.52
N ALA A 526 25.22 28.69 16.53
CA ALA A 526 25.95 28.21 17.68
C ALA A 526 27.43 28.55 17.61
N PHE A 527 27.93 28.87 16.42
CA PHE A 527 29.31 29.32 16.28
C PHE A 527 29.44 30.77 16.68
N MET A 528 28.59 31.62 16.10
CA MET A 528 28.76 33.07 16.20
C MET A 528 28.32 33.58 17.56
N ALA A 529 27.06 33.36 17.93
CA ALA A 529 26.61 33.77 19.25
C ALA A 529 27.00 32.74 20.30
N GLY A 530 26.38 31.57 20.25
CA GLY A 530 26.90 30.39 20.91
C GLY A 530 26.86 30.37 22.43
N PHE A 531 27.71 31.18 23.05
CA PHE A 531 28.06 31.02 24.45
C PHE A 531 27.47 32.09 25.35
N SER A 532 26.74 33.06 24.79
CA SER A 532 26.33 34.24 25.53
C SER A 532 25.25 33.97 26.56
N GLN A 533 24.68 32.75 26.59
CA GLN A 533 23.57 32.47 27.49
C GLN A 533 24.04 32.34 28.93
N GLN A 534 25.18 31.70 29.16
CA GLN A 534 25.68 31.57 30.52
C GLN A 534 26.42 32.84 30.93
N GLY A 535 26.27 33.19 32.21
CA GLY A 535 26.86 34.42 32.72
C GLY A 535 26.13 35.63 32.18
N ASN A 536 26.81 36.78 32.31
CA ASN A 536 26.34 38.03 31.73
C ASN A 536 26.90 38.24 30.33
N GLY A 537 27.57 37.24 29.78
CA GLY A 537 28.30 37.39 28.55
C GLY A 537 29.80 37.36 28.72
N GLN A 538 30.32 36.78 29.80
CA GLN A 538 31.74 36.68 30.04
C GLN A 538 32.35 35.41 29.47
N TYR A 539 31.69 34.79 28.51
CA TYR A 539 32.22 33.63 27.79
C TYR A 539 32.13 33.86 26.29
N SER A 540 31.91 35.09 25.87
CA SER A 540 31.79 35.45 24.47
C SER A 540 33.12 35.98 23.94
N THR A 541 34.11 35.09 23.94
CA THR A 541 35.47 35.45 23.53
C THR A 541 35.86 34.71 22.25
N LEU A 542 37.03 35.06 21.75
CA LEU A 542 37.52 34.43 20.52
C LEU A 542 38.02 33.02 20.77
N SER A 543 38.65 32.79 21.91
CA SER A 543 39.29 31.49 22.16
C SER A 543 38.27 30.39 22.38
N ARG A 544 37.10 30.70 22.94
CA ARG A 544 36.04 29.71 23.03
C ARG A 544 35.56 29.33 21.64
N SER A 545 35.32 30.33 20.79
CA SER A 545 34.89 30.04 19.44
C SER A 545 36.00 29.48 18.57
N ALA A 546 37.26 29.74 18.94
CA ALA A 546 38.35 29.08 18.24
C ALA A 546 38.50 27.63 18.67
N THR A 547 38.19 27.33 19.93
CA THR A 547 38.19 25.94 20.37
C THR A 547 36.97 25.20 19.83
N PHE A 548 35.83 25.90 19.77
CA PHE A 548 34.65 25.38 19.12
C PHE A 548 34.87 25.17 17.63
N SER A 549 35.76 25.97 17.03
CA SER A 549 36.11 25.81 15.63
C SER A 549 36.84 24.50 15.40
N ARG A 550 37.78 24.18 16.28
CA ARG A 550 38.52 22.93 16.15
C ARG A 550 37.63 21.74 16.43
N SER A 551 36.87 21.80 17.54
CA SER A 551 36.11 20.66 18.01
C SER A 551 34.98 20.26 17.08
N MET A 552 34.52 21.18 16.23
CA MET A 552 33.55 20.79 15.21
C MET A 552 34.24 20.31 13.94
N SER A 553 35.50 20.72 13.72
CA SER A 553 36.26 20.15 12.62
C SER A 553 36.98 18.88 13.02
N LEU A 554 37.39 18.78 14.28
CA LEU A 554 38.01 17.56 14.78
C LEU A 554 37.04 16.41 14.81
N PHE A 555 35.74 16.69 14.97
CA PHE A 555 34.75 15.63 14.94
C PHE A 555 34.53 15.14 13.52
N PHE A 556 34.04 16.02 12.65
CA PHE A 556 33.56 15.61 11.34
C PHE A 556 34.66 15.27 10.36
N LYS A 557 35.87 15.79 10.52
CA LYS A 557 36.91 15.51 9.55
C LYS A 557 37.85 14.40 9.98
N VAL A 558 37.90 14.07 11.26
CA VAL A 558 38.80 13.03 11.73
C VAL A 558 38.01 11.87 12.32
N TYR A 559 37.14 12.15 13.30
CA TYR A 559 36.49 11.10 14.06
C TYR A 559 35.44 10.35 13.28
N ILE A 560 35.07 10.80 12.09
CA ILE A 560 33.99 10.14 11.40
C ILE A 560 34.46 8.83 10.77
N ASN A 561 35.75 8.66 10.54
CA ASN A 561 36.24 7.41 10.00
C ASN A 561 36.32 6.33 11.05
N GLN A 562 36.40 6.71 12.33
CA GLN A 562 36.29 5.74 13.40
C GLN A 562 34.86 5.22 13.52
N PHE A 563 33.88 6.07 13.24
CA PHE A 563 32.49 5.63 13.30
C PHE A 563 32.15 4.76 12.11
N ALA A 564 32.86 4.96 11.01
CA ALA A 564 32.77 4.14 9.81
C ALA A 564 33.96 3.21 9.71
N SER A 565 34.34 2.58 10.81
CA SER A 565 35.54 1.75 10.86
C SER A 565 35.38 0.49 10.03
N ASP A 566 34.37 -0.33 10.33
CA ASP A 566 34.15 -1.57 9.59
C ASP A 566 32.79 -1.62 8.92
N LYS A 567 32.06 -0.51 8.89
CA LYS A 567 30.76 -0.47 8.25
C LYS A 567 30.91 -0.48 6.75
N LYS A 568 30.00 -1.18 6.07
CA LYS A 568 30.04 -1.30 4.62
C LYS A 568 29.44 -0.05 4.01
N LEU A 569 30.26 1.01 3.95
CA LEU A 569 29.78 2.27 3.42
C LEU A 569 30.93 3.02 2.76
N SER A 570 30.61 4.21 2.28
CA SER A 570 31.59 5.12 1.69
C SER A 570 31.20 6.53 2.09
N ILE A 571 32.00 7.16 2.95
CA ILE A 571 31.80 8.58 3.23
C ILE A 571 32.27 9.35 2.00
N ILE A 572 31.32 9.91 1.26
CA ILE A 572 31.67 10.69 0.08
C ILE A 572 32.20 12.05 0.49
N TYR A 573 31.57 12.69 1.46
CA TYR A 573 32.11 13.93 1.99
C TYR A 573 31.64 14.13 3.42
N ALA A 574 32.54 14.64 4.25
CA ALA A 574 32.19 15.09 5.59
C ALA A 574 32.99 16.36 5.88
N GLY A 575 32.30 17.49 6.02
CA GLY A 575 33.01 18.72 6.24
C GLY A 575 32.17 19.85 6.79
N GLY A 576 32.69 20.51 7.82
CA GLY A 576 31.93 21.55 8.48
C GLY A 576 30.77 20.97 9.26
N ASP A 577 29.56 21.18 8.74
CA ASP A 577 28.36 20.59 9.31
C ASP A 577 27.90 19.35 8.57
N ASP A 578 28.27 19.20 7.31
CA ASP A 578 27.57 18.31 6.39
C ASP A 578 28.32 17.01 6.24
N VAL A 579 27.56 15.91 6.24
CA VAL A 579 28.05 14.58 5.94
C VAL A 579 27.26 14.07 4.75
N PHE A 580 27.91 13.36 3.85
CA PHE A 580 27.21 12.71 2.75
C PHE A 580 27.83 11.34 2.58
N ALA A 581 27.10 10.29 2.92
CA ALA A 581 27.68 8.96 3.03
C ALA A 581 26.75 7.93 2.41
N ILE A 582 27.16 7.39 1.28
CA ILE A 582 26.48 6.28 0.64
C ILE A 582 26.90 5.00 1.34
N GLY A 583 26.13 3.93 1.18
CA GLY A 583 26.55 2.65 1.70
C GLY A 583 25.41 1.68 1.80
N SER A 584 25.74 0.48 2.26
CA SER A 584 24.73 -0.55 2.48
C SER A 584 23.79 -0.13 3.60
N TRP A 585 22.52 -0.52 3.47
CA TRP A 585 21.48 0.14 4.23
C TRP A 585 21.45 -0.27 5.69
N GLN A 586 21.90 -1.48 6.03
CA GLN A 586 21.91 -1.86 7.44
C GLN A 586 22.93 -1.03 8.20
N ASP A 587 24.03 -0.67 7.55
CA ASP A 587 25.12 0.02 8.20
C ASP A 587 24.92 1.53 8.20
N ILE A 588 24.35 2.09 7.12
CA ILE A 588 24.06 3.52 7.07
C ILE A 588 23.05 3.90 8.15
N ILE A 589 22.02 3.07 8.34
CA ILE A 589 21.10 3.27 9.45
C ILE A 589 21.81 3.11 10.77
N ALA A 590 22.72 2.13 10.85
CA ALA A 590 23.50 1.96 12.07
C ALA A 590 24.56 3.04 12.22
N PHE A 591 24.99 3.66 11.11
CA PHE A 591 26.02 4.70 11.16
C PHE A 591 25.52 5.94 11.88
N THR A 592 24.37 6.43 11.48
CA THR A 592 23.88 7.71 11.99
C THR A 592 23.30 7.58 13.39
N VAL A 593 22.78 6.40 13.72
CA VAL A 593 22.45 6.12 15.11
C VAL A 593 23.72 6.11 15.94
N GLU A 594 24.78 5.48 15.42
CA GLU A 594 26.05 5.47 16.16
C GLU A 594 26.76 6.80 16.08
N LEU A 595 26.52 7.60 15.04
CA LEU A 595 27.16 8.90 14.97
C LEU A 595 26.55 9.86 15.98
N ARG A 596 25.22 9.96 15.99
CA ARG A 596 24.58 10.96 16.84
C ARG A 596 24.73 10.63 18.32
N GLU A 597 24.56 9.35 18.68
CA GLU A 597 24.74 8.93 20.06
C GLU A 597 26.17 9.14 20.55
N ASN A 598 27.14 9.20 19.63
CA ASN A 598 28.45 9.71 19.96
C ASN A 598 28.46 11.24 19.98
N PHE A 599 27.81 11.86 19.00
CA PHE A 599 27.85 13.32 18.87
C PHE A 599 27.03 14.02 19.94
N ILE A 600 26.04 13.35 20.53
CA ILE A 600 25.37 13.98 21.67
C ILE A 600 26.16 13.78 22.96
N LYS A 601 27.04 12.78 23.02
CA LYS A 601 27.96 12.69 24.13
C LYS A 601 29.15 13.61 23.93
N TRP A 602 29.49 13.91 22.67
CA TRP A 602 30.57 14.84 22.41
C TRP A 602 30.20 16.25 22.82
N THR A 603 28.92 16.61 22.74
CA THR A 603 28.49 17.98 22.92
C THR A 603 27.54 18.17 24.10
N ASN A 604 27.34 17.12 24.91
CA ASN A 604 26.44 17.13 26.08
C ASN A 604 25.00 17.42 25.67
N GLY A 605 24.58 16.91 24.51
CA GLY A 605 23.21 17.06 24.07
C GLY A 605 22.91 18.33 23.31
N LYS A 606 23.73 19.36 23.46
CA LYS A 606 23.56 20.57 22.66
C LYS A 606 24.08 20.31 21.25
N LEU A 607 23.79 21.26 20.35
CA LEU A 607 24.01 21.11 18.90
C LEU A 607 23.45 19.80 18.37
N THR A 608 22.14 19.69 18.42
CA THR A 608 21.50 18.55 17.79
C THR A 608 21.67 18.64 16.28
N LEU A 609 21.75 17.49 15.64
CA LEU A 609 21.83 17.47 14.19
C LEU A 609 20.53 16.95 13.60
N SER A 610 20.52 16.76 12.28
CA SER A 610 19.37 16.23 11.59
C SER A 610 19.85 15.41 10.41
N ALA A 611 19.10 14.38 10.06
CA ALA A 611 19.54 13.46 9.03
C ALA A 611 18.38 13.12 8.13
N GLY A 612 18.71 12.59 6.97
CA GLY A 612 17.72 12.02 6.10
C GLY A 612 18.28 10.82 5.37
N ILE A 613 17.66 9.67 5.55
CA ILE A 613 18.14 8.42 4.98
C ILE A 613 17.19 8.04 3.85
N GLY A 614 17.73 7.60 2.72
CA GLY A 614 16.86 7.14 1.67
C GLY A 614 17.29 5.82 1.09
N LEU A 615 16.44 4.82 1.11
CA LEU A 615 16.70 3.61 0.36
C LEU A 615 16.56 3.81 -1.13
N PHE A 616 17.47 3.22 -1.86
CA PHE A 616 17.43 3.22 -3.29
C PHE A 616 17.82 1.83 -3.77
N ALA A 617 17.30 1.47 -4.93
CA ALA A 617 17.56 0.15 -5.47
C ALA A 617 18.99 0.06 -5.97
N ASP A 618 19.35 -1.12 -6.44
CA ASP A 618 20.63 -1.26 -7.13
C ASP A 618 20.54 -0.54 -8.47
N LYS A 619 21.70 -0.06 -8.93
CA LYS A 619 21.94 0.49 -10.27
C LYS A 619 21.18 1.78 -10.56
N THR A 620 20.59 2.42 -9.56
CA THR A 620 19.98 3.72 -9.81
C THR A 620 21.06 4.79 -9.86
N PRO A 621 20.86 5.85 -10.65
CA PRO A 621 21.88 6.89 -10.75
C PRO A 621 22.02 7.68 -9.47
N ILE A 622 23.23 8.22 -9.26
CA ILE A 622 23.56 8.89 -8.02
C ILE A 622 22.89 10.26 -7.97
N SER A 623 22.61 10.86 -9.12
CA SER A 623 21.92 12.14 -9.12
C SER A 623 20.46 12.00 -8.71
N LEU A 624 19.81 10.93 -9.12
CA LEU A 624 18.49 10.61 -8.58
C LEU A 624 18.58 10.25 -7.11
N MET A 625 19.70 9.66 -6.72
CA MET A 625 19.94 9.19 -5.36
C MET A 625 20.27 10.34 -4.43
N ALA A 626 21.20 11.21 -4.83
CA ALA A 626 21.62 12.30 -3.97
C ALA A 626 20.59 13.41 -3.87
N HIS A 627 19.69 13.53 -4.84
CA HIS A 627 18.70 14.60 -4.78
C HIS A 627 17.61 14.30 -3.77
N GLN A 628 17.03 13.09 -3.85
CA GLN A 628 15.89 12.76 -3.00
C GLN A 628 16.29 12.64 -1.54
N THR A 629 17.55 12.28 -1.29
CA THR A 629 18.09 12.35 0.06
C THR A 629 18.16 13.80 0.53
N GLY A 630 18.48 14.72 -0.37
CA GLY A 630 18.44 16.13 -0.02
C GLY A 630 17.03 16.63 0.23
N GLU A 631 16.04 16.04 -0.45
CA GLU A 631 14.65 16.34 -0.15
C GLU A 631 14.26 15.90 1.25
N LEU A 632 14.85 14.80 1.73
CA LEU A 632 14.52 14.30 3.05
C LEU A 632 15.24 15.06 4.15
N GLU A 633 16.44 15.57 3.85
CA GLU A 633 17.13 16.39 4.83
C GLU A 633 16.41 17.71 5.04
N GLU A 634 16.02 18.39 3.95
CA GLU A 634 15.28 19.63 4.08
C GLU A 634 13.86 19.43 4.58
N ALA A 635 13.32 18.22 4.48
CA ALA A 635 12.07 17.91 5.15
C ALA A 635 12.29 17.70 6.64
N ALA A 636 13.39 17.05 7.00
CA ALA A 636 13.72 16.83 8.41
C ALA A 636 14.20 18.11 9.09
N LYS A 637 14.63 19.12 8.34
CA LYS A 637 14.88 20.41 8.94
C LYS A 637 13.59 21.12 9.30
N GLY A 638 12.48 20.72 8.69
CA GLY A 638 11.23 21.38 8.93
C GLY A 638 10.25 20.56 9.75
N ASN A 639 10.75 19.59 10.52
CA ASN A 639 9.86 18.89 11.44
C ASN A 639 9.55 19.86 12.57
N GLU A 640 10.54 20.11 13.42
CA GLU A 640 10.75 21.43 13.98
C GLU A 640 12.14 21.93 13.64
N LYS A 641 13.18 21.25 14.11
CA LYS A 641 14.50 21.38 13.51
C LYS A 641 15.27 20.06 13.56
N ASP A 642 14.94 19.21 14.53
CA ASP A 642 15.81 18.11 15.00
C ASP A 642 15.15 16.77 14.67
N SER A 643 15.38 16.25 13.47
CA SER A 643 14.68 15.03 13.12
C SER A 643 15.43 14.21 12.09
N ILE A 644 15.10 12.92 12.06
CA ILE A 644 15.55 12.01 11.04
C ILE A 644 14.37 11.73 10.12
N SER A 645 14.63 11.52 8.85
CA SER A 645 13.58 11.33 7.85
C SER A 645 13.85 10.05 7.10
N LEU A 646 13.35 8.94 7.63
CA LEU A 646 13.61 7.63 7.04
C LEU A 646 12.81 7.46 5.76
N PHE A 647 13.51 7.33 4.65
CA PHE A 647 13.08 6.65 3.43
C PHE A 647 12.04 7.41 2.63
N SER A 648 11.46 8.46 3.22
CA SER A 648 10.23 9.08 2.77
C SER A 648 9.94 10.26 3.70
N SER A 649 9.24 11.28 3.20
CA SER A 649 9.04 12.48 3.99
C SER A 649 8.06 12.31 5.13
N ASP A 650 7.33 11.20 5.18
CA ASP A 650 6.32 10.97 6.21
C ASP A 650 6.77 10.02 7.30
N TYR A 651 8.08 9.77 7.44
CA TYR A 651 8.62 9.08 8.60
C TYR A 651 9.54 10.00 9.38
N THR A 652 9.10 11.25 9.56
CA THR A 652 9.99 12.29 10.10
C THR A 652 9.90 12.23 11.62
N PHE A 653 10.75 11.41 12.22
CA PHE A 653 10.78 11.23 13.66
C PHE A 653 11.87 12.08 14.28
N LYS A 654 11.63 12.52 15.51
CA LYS A 654 12.71 13.03 16.35
C LYS A 654 13.73 11.94 16.57
N PHE A 655 15.00 12.34 16.69
CA PHE A 655 16.02 11.39 17.10
C PHE A 655 15.82 10.94 18.55
N ASP A 656 15.26 11.81 19.38
CA ASP A 656 14.99 11.47 20.77
C ASP A 656 13.83 10.50 20.94
N ARG A 657 13.20 10.05 19.85
CA ARG A 657 12.32 8.90 19.89
C ARG A 657 12.50 8.01 18.67
N PHE A 658 13.64 8.09 17.99
CA PHE A 658 13.98 7.11 16.97
C PHE A 658 15.00 6.09 17.45
N ILE A 659 16.00 6.52 18.20
CA ILE A 659 16.98 5.58 18.73
C ILE A 659 16.43 4.89 19.96
N THR A 660 15.86 5.66 20.89
CA THR A 660 15.40 5.07 22.14
C THR A 660 14.07 4.35 22.00
N ASN A 661 13.35 4.53 20.89
CA ASN A 661 12.07 3.85 20.71
C ASN A 661 12.04 2.95 19.49
N VAL A 662 12.41 3.45 18.32
CA VAL A 662 12.27 2.66 17.11
C VAL A 662 13.41 1.67 16.97
N TYR A 663 14.64 2.17 16.88
CA TYR A 663 15.76 1.34 16.46
C TYR A 663 16.24 0.38 17.55
N ASP A 664 16.03 0.70 18.81
CA ASP A 664 16.54 -0.13 19.88
C ASP A 664 15.48 -0.70 20.80
N ASP A 665 14.29 -0.10 20.87
CA ASP A 665 13.25 -0.58 21.77
C ASP A 665 12.18 -1.39 21.03
N LYS A 666 11.51 -0.78 20.05
CA LYS A 666 10.43 -1.48 19.37
C LYS A 666 10.97 -2.53 18.41
N LEU A 667 12.07 -2.25 17.72
CA LEU A 667 12.62 -3.24 16.81
C LEU A 667 13.24 -4.41 17.56
N GLU A 668 13.69 -4.21 18.79
CA GLU A 668 14.19 -5.31 19.60
C GLU A 668 13.06 -6.25 20.00
N GLN A 669 11.91 -5.69 20.36
CA GLN A 669 10.80 -6.50 20.83
C GLN A 669 10.10 -7.22 19.69
N ILE A 670 10.05 -6.62 18.51
CA ILE A 670 9.54 -7.31 17.34
C ILE A 670 10.47 -8.43 16.94
N ARG A 671 11.78 -8.19 17.02
CA ARG A 671 12.73 -9.23 16.68
C ARG A 671 12.78 -10.31 17.77
N TYR A 672 12.44 -9.95 19.00
CA TYR A 672 12.38 -10.95 20.06
C TYR A 672 11.20 -11.88 19.88
N PHE A 673 10.11 -11.39 19.28
CA PHE A 673 8.98 -12.28 19.02
C PHE A 673 9.25 -13.18 17.83
N PHE A 674 9.52 -12.60 16.67
CA PHE A 674 9.46 -13.33 15.41
C PHE A 674 10.67 -14.22 15.18
N ASN A 675 11.56 -14.38 16.15
CA ASN A 675 12.55 -15.45 16.09
C ASN A 675 12.26 -16.58 17.06
N HIS A 676 11.48 -16.35 18.10
CA HIS A 676 11.12 -17.41 19.03
C HIS A 676 9.77 -18.03 18.70
N GLN A 677 9.57 -18.37 17.41
CA GLN A 677 8.36 -18.99 16.87
C GLN A 677 8.58 -19.31 15.40
N ASP A 678 7.83 -20.27 14.86
CA ASP A 678 7.81 -20.52 13.42
C ASP A 678 6.45 -20.27 12.81
N GLU A 679 5.46 -19.89 13.62
CA GLU A 679 4.07 -19.80 13.19
C GLU A 679 3.74 -18.48 12.51
N ARG A 680 3.85 -17.37 13.25
CA ARG A 680 3.49 -16.07 12.71
C ARG A 680 4.60 -15.62 11.76
N GLY A 681 4.39 -15.84 10.49
CA GLY A 681 5.40 -15.55 9.49
C GLY A 681 5.35 -14.12 9.03
N LYS A 682 5.76 -13.91 7.78
CA LYS A 682 5.74 -12.57 7.21
C LYS A 682 4.33 -12.10 6.93
N ASN A 683 3.40 -13.04 6.71
CA ASN A 683 2.03 -12.68 6.38
C ASN A 683 1.32 -12.03 7.56
N PHE A 684 1.65 -12.45 8.78
CA PHE A 684 1.14 -11.77 9.95
C PHE A 684 1.73 -10.37 10.05
N ILE A 685 3.00 -10.20 9.67
CA ILE A 685 3.63 -8.90 9.79
C ILE A 685 3.07 -7.95 8.75
N TYR A 686 2.78 -8.47 7.56
CA TYR A 686 2.35 -7.62 6.47
C TYR A 686 0.94 -7.11 6.68
N LYS A 687 0.06 -7.95 7.23
CA LYS A 687 -1.29 -7.50 7.51
C LYS A 687 -1.33 -6.52 8.68
N LEU A 688 -0.29 -6.50 9.51
CA LEU A 688 -0.20 -5.45 10.53
C LEU A 688 0.14 -4.11 9.93
N ILE A 689 0.88 -4.09 8.82
CA ILE A 689 1.33 -2.83 8.26
C ILE A 689 0.16 -2.08 7.64
N GLU A 690 -0.72 -2.79 6.93
CA GLU A 690 -1.97 -2.20 6.46
C GLU A 690 -2.81 -1.66 7.61
N LEU A 691 -2.89 -2.41 8.71
CA LEU A 691 -3.63 -1.95 9.86
C LEU A 691 -2.97 -0.75 10.53
N LEU A 692 -1.65 -0.67 10.49
CA LEU A 692 -0.94 0.47 11.06
C LEU A 692 -0.96 1.69 10.15
N ARG A 693 -1.19 1.50 8.85
CA ARG A 693 -1.03 2.60 7.92
C ARG A 693 -2.33 3.36 7.68
N ASN A 694 -3.45 2.65 7.57
CA ASN A 694 -4.72 3.31 7.32
C ASN A 694 -5.20 4.02 8.57
N HIS A 695 -5.50 3.23 9.60
CA HIS A 695 -5.82 3.70 10.96
C HIS A 695 -6.99 4.69 10.97
N ASP A 696 -8.16 4.16 10.65
CA ASP A 696 -9.37 4.86 11.02
C ASP A 696 -9.79 4.36 12.41
N ARG A 697 -10.97 4.78 12.87
CA ARG A 697 -11.45 4.24 14.13
C ARG A 697 -11.93 2.81 13.96
N MET A 698 -12.33 2.44 12.75
CA MET A 698 -12.80 1.07 12.51
C MET A 698 -11.65 0.07 12.52
N ASN A 699 -10.46 0.44 12.03
CA ASN A 699 -9.35 -0.49 12.08
C ASN A 699 -8.83 -0.75 13.49
N MET A 700 -9.19 0.06 14.48
CA MET A 700 -8.85 -0.32 15.85
C MET A 700 -9.61 -1.56 16.27
N ALA A 701 -10.89 -1.64 15.88
CA ALA A 701 -11.68 -2.81 16.21
C ALA A 701 -11.24 -4.01 15.41
N ARG A 702 -10.92 -3.81 14.12
CA ARG A 702 -10.49 -4.91 13.26
C ARG A 702 -9.13 -5.45 13.67
N LEU A 703 -8.29 -4.61 14.25
CA LEU A 703 -7.02 -5.09 14.80
C LEU A 703 -7.24 -5.83 16.11
N ALA A 704 -8.21 -5.36 16.91
CA ALA A 704 -8.50 -6.04 18.18
C ALA A 704 -9.13 -7.38 17.94
N TYR A 705 -9.81 -7.54 16.82
CA TYR A 705 -10.31 -8.85 16.44
C TYR A 705 -9.23 -9.72 15.82
N TYR A 706 -8.29 -9.12 15.09
CA TYR A 706 -7.30 -9.90 14.36
C TYR A 706 -6.28 -10.52 15.29
N LEU A 707 -5.93 -9.83 16.36
CA LEU A 707 -4.96 -10.38 17.29
C LEU A 707 -5.59 -11.42 18.19
N THR A 708 -6.88 -11.30 18.47
CA THR A 708 -7.54 -12.17 19.42
C THR A 708 -7.99 -13.47 18.77
N ARG A 709 -8.14 -13.47 17.45
CA ARG A 709 -8.27 -14.72 16.71
C ARG A 709 -7.01 -15.54 16.82
N LEU A 710 -5.86 -14.92 16.56
CA LEU A 710 -4.61 -15.65 16.51
C LEU A 710 -4.08 -15.99 17.90
N GLU A 711 -4.63 -15.37 18.93
CA GLU A 711 -4.26 -15.71 20.29
C GLU A 711 -4.69 -17.13 20.62
N GLU A 712 -5.83 -17.56 20.10
CA GLU A 712 -6.27 -18.94 20.28
C GLU A 712 -5.94 -19.83 19.10
N LEU A 713 -5.56 -19.27 17.96
CA LEU A 713 -5.19 -20.11 16.82
C LEU A 713 -3.82 -20.75 17.02
N THR A 714 -2.95 -20.12 17.81
CA THR A 714 -1.61 -20.66 18.03
C THR A 714 -1.67 -21.92 18.88
N ARG A 715 -0.53 -22.60 18.95
CA ARG A 715 -0.40 -23.75 19.81
C ARG A 715 -0.27 -23.29 21.26
N GLU A 716 -0.83 -24.07 22.16
CA GLU A 716 -1.11 -23.61 23.51
C GLU A 716 0.12 -23.57 24.41
N THR A 717 1.31 -23.90 23.91
CA THR A 717 2.51 -23.74 24.71
C THR A 717 2.96 -22.29 24.75
N ASP A 718 3.16 -21.68 23.58
CA ASP A 718 3.58 -20.28 23.48
C ASP A 718 2.37 -19.35 23.29
N ARG A 719 1.38 -19.50 24.15
CA ARG A 719 0.26 -18.58 24.10
C ARG A 719 0.52 -17.34 24.93
N ASP A 720 1.34 -17.46 25.98
CA ASP A 720 1.73 -16.29 26.75
C ASP A 720 2.65 -15.37 25.97
N LYS A 721 3.49 -15.92 25.09
CA LYS A 721 4.38 -15.12 24.27
C LYS A 721 3.59 -14.25 23.31
N PHE A 722 2.53 -14.80 22.74
CA PHE A 722 1.72 -14.02 21.82
C PHE A 722 0.87 -13.02 22.59
N LYS A 723 0.40 -13.41 23.78
CA LYS A 723 -0.45 -12.52 24.57
C LYS A 723 0.35 -11.41 25.22
N THR A 724 1.64 -11.64 25.51
CA THR A 724 2.46 -10.52 25.93
C THR A 724 2.96 -9.70 24.76
N PHE A 725 2.74 -10.18 23.53
CA PHE A 725 3.01 -9.40 22.33
C PHE A 725 1.79 -8.61 21.90
N LYS A 726 0.63 -9.26 21.81
CA LYS A 726 -0.55 -8.60 21.25
C LYS A 726 -1.10 -7.52 22.18
N ASN A 727 -1.06 -7.72 23.50
CA ASN A 727 -1.54 -6.68 24.40
C ASN A 727 -0.52 -5.58 24.56
N LEU A 728 0.70 -5.82 24.15
CA LEU A 728 1.73 -4.79 24.06
C LEU A 728 1.77 -4.14 22.69
N PHE A 729 1.25 -4.81 21.66
CA PHE A 729 1.13 -4.18 20.35
C PHE A 729 -0.14 -3.34 20.26
N TYR A 730 -1.23 -3.83 20.82
CA TYR A 730 -2.48 -3.07 20.88
C TYR A 730 -2.34 -1.84 21.77
N SER A 731 -1.36 -1.86 22.69
CA SER A 731 -1.11 -0.73 23.56
C SER A 731 -0.61 0.48 22.77
N TRP A 732 0.38 0.28 21.89
CA TRP A 732 0.82 1.38 21.05
C TRP A 732 0.09 1.45 19.72
N TYR A 733 -1.13 0.94 19.65
CA TYR A 733 -1.95 1.25 18.50
C TYR A 733 -3.04 2.25 18.81
N THR A 734 -3.51 2.29 20.05
CA THR A 734 -4.64 3.11 20.44
C THR A 734 -4.22 4.26 21.35
N ASN A 735 -2.99 4.74 21.21
CA ASN A 735 -2.49 5.74 22.13
C ASN A 735 -3.04 7.12 21.83
N LYS A 736 -3.41 7.36 20.56
CA LYS A 736 -4.08 8.58 20.09
C LYS A 736 -3.25 9.83 20.33
N ASN A 737 -1.93 9.69 20.19
CA ASN A 737 -1.03 10.83 20.11
C ASN A 737 -0.12 10.80 18.91
N ASP A 738 -0.17 9.71 18.10
CA ASP A 738 0.47 9.51 16.80
C ASP A 738 1.98 9.32 16.93
N LYS A 739 2.54 9.53 18.13
CA LYS A 739 3.97 9.42 18.30
C LYS A 739 4.36 8.01 18.69
N ASP A 740 3.38 7.18 19.04
CA ASP A 740 3.67 5.82 19.44
C ASP A 740 3.22 4.81 18.39
N ARG A 741 2.68 5.29 17.27
CA ARG A 741 2.05 4.45 16.26
C ARG A 741 2.82 4.42 14.95
N LYS A 742 3.25 5.59 14.47
CA LYS A 742 4.04 5.66 13.25
C LYS A 742 5.41 5.05 13.46
N GLU A 743 5.88 5.05 14.71
CA GLU A 743 7.10 4.34 15.08
C GLU A 743 6.93 2.84 14.90
N ALA A 744 5.75 2.32 15.23
CA ALA A 744 5.49 0.89 15.06
C ALA A 744 5.45 0.50 13.60
N GLU A 745 5.03 1.42 12.74
CA GLU A 745 5.08 1.18 11.31
C GLU A 745 6.52 1.16 10.82
N LEU A 746 7.35 2.08 11.31
CA LEU A 746 8.72 2.15 10.84
C LEU A 746 9.56 1.03 11.44
N ALA A 747 9.17 0.53 12.61
CA ALA A 747 9.87 -0.61 13.18
C ALA A 747 9.59 -1.88 12.40
N LEU A 748 8.39 -2.00 11.83
CA LEU A 748 8.07 -3.19 11.04
C LEU A 748 8.62 -3.09 9.62
N LEU A 749 8.88 -1.89 9.11
CA LEU A 749 9.58 -1.79 7.84
C LEU A 749 11.02 -2.24 7.99
N LEU A 750 11.66 -1.86 9.10
CA LEU A 750 13.04 -2.26 9.34
C LEU A 750 13.15 -3.72 9.72
N TYR A 751 12.04 -4.41 9.99
CA TYR A 751 12.17 -5.83 10.26
C TYR A 751 11.97 -6.66 9.01
N ILE A 752 11.04 -6.27 8.13
CA ILE A 752 10.85 -7.02 6.90
C ILE A 752 12.00 -6.79 5.93
N TYR A 753 12.60 -5.61 5.98
CA TYR A 753 13.81 -5.35 5.20
C TYR A 753 14.99 -6.19 5.68
N GLU A 754 15.02 -6.58 6.95
CA GLU A 754 16.09 -7.43 7.44
C GLU A 754 15.86 -8.90 7.18
N ILE A 755 14.64 -9.33 6.87
CA ILE A 755 14.36 -10.74 6.64
C ILE A 755 13.96 -11.01 5.20
N ARG A 756 14.21 -10.07 4.30
CA ARG A 756 13.87 -10.25 2.90
C ARG A 756 14.78 -11.29 2.27
N LYS A 757 14.20 -12.37 1.76
CA LYS A 757 14.96 -13.46 1.14
C LYS A 757 15.53 -13.04 -0.22
N ILE B 3 -52.58 -3.41 1.40
CA ILE B 3 -51.47 -3.23 0.48
C ILE B 3 -50.21 -3.00 1.31
N LEU B 4 -49.06 -3.40 0.77
CA LEU B 4 -47.79 -3.29 1.47
C LEU B 4 -46.67 -3.11 0.46
N THR B 5 -45.88 -2.06 0.67
CA THR B 5 -44.71 -1.80 -0.18
C THR B 5 -43.49 -2.39 0.50
N ASP B 6 -42.31 -2.15 -0.07
CA ASP B 6 -41.11 -2.72 0.51
C ASP B 6 -40.62 -1.94 1.72
N GLU B 7 -40.95 -0.67 1.82
CA GLU B 7 -40.42 0.19 2.87
C GLU B 7 -41.31 0.23 4.10
N ASN B 8 -42.41 -0.51 4.13
CA ASN B 8 -43.33 -0.41 5.25
C ASN B 8 -43.87 -1.72 5.79
N TYR B 9 -43.69 -2.85 5.09
CA TYR B 9 -44.43 -4.07 5.42
C TYR B 9 -43.99 -4.69 6.74
N VAL B 10 -42.86 -4.28 7.29
CA VAL B 10 -42.48 -4.72 8.62
C VAL B 10 -43.09 -3.80 9.67
N ASP B 11 -43.15 -2.49 9.40
CA ASP B 11 -43.83 -1.59 10.30
C ASP B 11 -45.34 -1.77 10.26
N ILE B 12 -45.88 -2.27 9.15
CA ILE B 12 -47.28 -2.69 9.12
C ILE B 12 -47.49 -3.88 10.06
N ALA B 13 -46.62 -4.87 9.96
CA ALA B 13 -46.74 -6.06 10.79
C ALA B 13 -46.39 -5.80 12.24
N GLU B 14 -45.57 -4.79 12.52
CA GLU B 14 -45.34 -4.40 13.90
C GLU B 14 -46.60 -3.78 14.49
N LYS B 15 -47.32 -2.99 13.70
CA LYS B 15 -48.54 -2.36 14.19
C LYS B 15 -49.66 -3.37 14.34
N ALA B 16 -49.70 -4.39 13.49
CA ALA B 16 -50.81 -5.33 13.51
C ALA B 16 -50.78 -6.24 14.73
N ILE B 17 -49.59 -6.56 15.23
CA ILE B 17 -49.49 -7.34 16.47
C ILE B 17 -49.93 -6.50 17.65
N LEU B 18 -49.53 -5.22 17.68
CA LEU B 18 -49.96 -4.33 18.74
C LEU B 18 -51.46 -4.07 18.66
N LYS B 19 -52.00 -3.99 17.44
CA LYS B 19 -53.42 -3.74 17.27
C LYS B 19 -54.25 -4.99 17.56
N LEU B 20 -53.61 -6.15 17.59
CA LEU B 20 -54.30 -7.39 17.94
C LEU B 20 -54.57 -7.39 19.44
N GLU B 21 -55.69 -8.01 19.82
CA GLU B 21 -56.11 -7.94 21.22
C GLU B 21 -55.30 -8.90 22.07
N ARG B 22 -55.51 -8.80 23.38
CA ARG B 22 -54.82 -9.62 24.35
C ARG B 22 -55.83 -10.24 25.30
N ASN B 23 -55.39 -11.25 26.03
CA ASN B 23 -56.24 -11.82 27.07
C ASN B 23 -56.29 -10.85 28.23
N THR B 24 -57.28 -9.95 28.22
CA THR B 24 -57.39 -8.94 29.26
C THR B 24 -57.77 -9.55 30.60
N ARG B 25 -58.49 -10.66 30.58
CA ARG B 25 -58.77 -11.42 31.79
C ARG B 25 -57.70 -12.49 31.95
N ASN B 26 -57.89 -13.38 32.94
CA ASN B 26 -56.99 -14.49 33.27
C ASN B 26 -55.59 -14.00 33.58
N ARG B 27 -55.49 -13.27 34.70
CA ARG B 27 -54.25 -12.62 35.12
C ARG B 27 -53.24 -13.63 35.66
N LYS B 28 -52.73 -14.46 34.74
CA LYS B 28 -51.63 -15.38 34.99
C LYS B 28 -50.69 -15.20 33.80
N ASN B 29 -49.63 -14.39 34.02
CA ASN B 29 -48.83 -13.73 32.99
C ASN B 29 -49.76 -12.97 32.03
N PRO B 30 -50.37 -11.86 32.46
CA PRO B 30 -51.43 -11.23 31.67
C PRO B 30 -50.91 -10.48 30.46
N ASP B 31 -51.84 -9.85 29.72
CA ASP B 31 -51.62 -9.25 28.40
C ASP B 31 -51.02 -10.25 27.41
N ALA B 32 -51.36 -11.53 27.56
CA ALA B 32 -51.00 -12.53 26.59
C ALA B 32 -52.06 -12.58 25.50
N PHE B 33 -51.68 -13.11 24.34
CA PHE B 33 -52.60 -13.09 23.22
C PHE B 33 -53.57 -14.26 23.32
N PHE B 34 -54.75 -14.08 22.73
CA PHE B 34 -55.57 -15.23 22.41
C PHE B 34 -54.93 -16.09 21.33
N LEU B 35 -54.25 -15.45 20.39
CA LEU B 35 -53.54 -16.16 19.35
C LEU B 35 -52.32 -16.84 19.95
N THR B 36 -52.08 -18.08 19.55
CA THR B 36 -50.98 -18.85 20.09
C THR B 36 -49.89 -19.01 19.05
N THR B 37 -48.72 -19.43 19.53
CA THR B 37 -47.57 -19.57 18.65
C THR B 37 -47.78 -20.67 17.63
N SER B 38 -48.35 -21.80 18.05
CA SER B 38 -48.45 -22.95 17.16
C SER B 38 -49.51 -22.75 16.09
N LYS B 39 -50.55 -21.97 16.36
CA LYS B 39 -51.47 -21.63 15.29
C LYS B 39 -50.86 -20.63 14.33
N LEU B 40 -49.92 -19.83 14.81
CA LEU B 40 -49.28 -18.87 13.94
C LEU B 40 -48.22 -19.53 13.07
N ARG B 41 -47.50 -20.51 13.62
CA ARG B 41 -46.49 -21.20 12.82
C ARG B 41 -47.09 -22.17 11.82
N ASN B 42 -48.36 -22.52 11.96
CA ASN B 42 -49.01 -23.28 10.91
C ASN B 42 -49.30 -22.41 9.69
N LEU B 43 -49.46 -21.10 9.89
CA LEU B 43 -49.68 -20.21 8.77
C LEU B 43 -48.38 -19.95 8.03
N LEU B 44 -47.30 -19.73 8.77
CA LEU B 44 -46.00 -19.51 8.14
C LEU B 44 -45.44 -20.77 7.49
N SER B 45 -45.85 -21.96 7.95
CA SER B 45 -45.43 -23.18 7.29
C SER B 45 -45.99 -23.31 5.88
N LEU B 46 -47.08 -22.60 5.58
CA LEU B 46 -47.55 -22.53 4.20
C LEU B 46 -46.65 -21.61 3.37
N THR B 47 -46.31 -20.44 3.92
CA THR B 47 -45.60 -19.45 3.13
C THR B 47 -44.11 -19.71 3.07
N SER B 48 -43.55 -20.39 4.05
CA SER B 48 -42.11 -20.60 4.05
C SER B 48 -41.68 -21.62 3.01
N THR B 49 -42.57 -22.52 2.60
CA THR B 49 -42.25 -23.44 1.54
C THR B 49 -42.50 -22.85 0.16
N LEU B 50 -43.04 -21.63 0.09
CA LEU B 50 -43.08 -20.87 -1.15
C LEU B 50 -42.03 -19.78 -1.20
N PHE B 51 -41.54 -19.31 -0.06
CA PHE B 51 -40.49 -18.31 -0.05
C PHE B 51 -39.16 -18.89 -0.52
N ASP B 52 -39.01 -20.20 -0.50
CA ASP B 52 -37.82 -20.84 -1.01
C ASP B 52 -38.02 -21.57 -2.32
N GLU B 53 -39.25 -21.76 -2.76
CA GLU B 53 -39.49 -22.16 -4.14
C GLU B 53 -39.75 -20.97 -5.04
N SER B 54 -39.82 -19.77 -4.48
CA SER B 54 -39.78 -18.58 -5.32
C SER B 54 -38.38 -18.34 -5.85
N LYS B 55 -37.36 -18.74 -5.08
CA LYS B 55 -35.98 -18.61 -5.53
C LYS B 55 -35.70 -19.57 -6.67
N VAL B 56 -36.12 -20.83 -6.51
CA VAL B 56 -35.77 -21.85 -7.48
C VAL B 56 -36.65 -21.74 -8.72
N LYS B 57 -37.96 -21.87 -8.55
CA LYS B 57 -38.84 -22.05 -9.67
C LYS B 57 -39.29 -20.71 -10.26
N GLU B 58 -40.01 -20.80 -11.37
CA GLU B 58 -40.66 -19.67 -11.99
C GLU B 58 -41.82 -19.20 -11.11
N TYR B 59 -42.35 -18.02 -11.44
CA TYR B 59 -43.66 -17.69 -10.90
C TYR B 59 -44.76 -18.43 -11.63
N ASP B 60 -44.50 -18.87 -12.85
CA ASP B 60 -45.48 -19.49 -13.71
C ASP B 60 -45.87 -20.89 -13.27
N ALA B 61 -45.16 -21.46 -12.30
CA ALA B 61 -45.54 -22.74 -11.72
C ALA B 61 -46.06 -22.63 -10.31
N LEU B 62 -45.79 -21.53 -9.63
CA LEU B 62 -46.21 -21.39 -8.24
C LEU B 62 -47.62 -20.89 -8.09
N LEU B 63 -48.29 -20.51 -9.16
CA LEU B 63 -49.61 -19.87 -9.04
C LEU B 63 -50.72 -20.86 -8.71
N ASP B 64 -50.41 -22.14 -8.61
CA ASP B 64 -51.37 -23.11 -8.08
C ASP B 64 -51.40 -23.09 -6.55
N ARG B 65 -50.24 -23.01 -5.90
CA ARG B 65 -50.24 -22.93 -4.44
C ARG B 65 -50.50 -21.53 -3.92
N ILE B 66 -50.19 -20.49 -4.71
CA ILE B 66 -50.53 -19.14 -4.28
C ILE B 66 -52.04 -18.98 -4.26
N ALA B 67 -52.74 -19.67 -5.16
CA ALA B 67 -54.19 -19.76 -5.06
C ALA B 67 -54.61 -20.55 -3.83
N TYR B 68 -53.80 -21.50 -3.39
CA TYR B 68 -54.17 -22.30 -2.23
C TYR B 68 -53.93 -21.56 -0.91
N LEU B 69 -53.13 -20.50 -0.89
CA LEU B 69 -52.98 -19.74 0.34
C LEU B 69 -54.25 -18.98 0.71
N ARG B 70 -55.09 -18.65 -0.25
CA ARG B 70 -56.38 -18.06 0.07
C ARG B 70 -57.34 -19.11 0.60
N VAL B 71 -57.12 -20.38 0.29
CA VAL B 71 -57.91 -21.45 0.88
C VAL B 71 -57.65 -21.54 2.37
N GLN B 72 -56.39 -21.69 2.74
CA GLN B 72 -56.13 -22.14 4.09
C GLN B 72 -55.99 -21.01 5.09
N PHE B 73 -55.62 -19.81 4.63
CA PHE B 73 -55.74 -18.65 5.51
C PHE B 73 -57.18 -18.34 5.84
N VAL B 74 -58.10 -18.68 4.93
CA VAL B 74 -59.52 -18.63 5.26
C VAL B 74 -59.89 -19.79 6.17
N TYR B 75 -59.37 -20.99 5.89
CA TYR B 75 -59.75 -22.18 6.64
C TYR B 75 -59.24 -22.13 8.06
N GLN B 76 -58.00 -21.69 8.26
CA GLN B 76 -57.49 -21.55 9.62
C GLN B 76 -58.19 -20.42 10.36
N ALA B 77 -58.68 -19.42 9.63
CA ALA B 77 -59.46 -18.37 10.27
C ALA B 77 -60.83 -18.85 10.69
N GLY B 78 -61.39 -19.81 9.97
CA GLY B 78 -62.71 -20.31 10.32
C GLY B 78 -62.72 -21.20 11.53
N ARG B 79 -61.59 -21.86 11.81
CA ARG B 79 -61.55 -22.82 12.91
C ARG B 79 -61.51 -22.11 14.25
N GLU B 80 -60.48 -21.33 14.49
CA GLU B 80 -60.31 -20.64 15.76
C GLU B 80 -60.51 -19.15 15.56
N ILE B 81 -61.21 -18.53 16.49
CA ILE B 81 -61.52 -17.10 16.40
C ILE B 81 -60.30 -16.22 16.62
N ALA B 82 -59.20 -16.77 17.14
CA ALA B 82 -57.99 -15.98 17.32
C ALA B 82 -57.29 -15.74 15.99
N VAL B 83 -57.23 -16.77 15.13
CA VAL B 83 -56.67 -16.59 13.80
C VAL B 83 -57.60 -15.75 12.94
N LYS B 84 -58.91 -15.80 13.24
CA LYS B 84 -59.90 -14.95 12.60
C LYS B 84 -59.58 -13.47 12.79
N ASP B 85 -59.07 -13.11 13.96
CA ASP B 85 -58.72 -11.72 14.20
C ASP B 85 -57.40 -11.35 13.54
N LEU B 86 -56.49 -12.31 13.38
CA LEU B 86 -55.19 -12.03 12.77
C LEU B 86 -55.33 -11.60 11.32
N ILE B 87 -56.12 -12.33 10.55
CA ILE B 87 -56.31 -11.99 9.15
C ILE B 87 -57.15 -10.73 8.94
N GLU B 88 -57.82 -10.25 9.98
CA GLU B 88 -58.50 -8.97 9.90
C GLU B 88 -57.56 -7.83 10.24
N LYS B 89 -56.81 -7.96 11.34
CA LYS B 89 -55.89 -6.91 11.76
C LYS B 89 -54.73 -6.79 10.80
N ALA B 90 -53.92 -7.85 10.71
CA ALA B 90 -52.97 -7.95 9.61
C ALA B 90 -53.77 -8.22 8.35
N GLN B 91 -53.80 -7.25 7.44
CA GLN B 91 -54.60 -7.38 6.23
C GLN B 91 -53.95 -8.41 5.31
N ILE B 92 -54.22 -9.67 5.61
CA ILE B 92 -53.59 -10.79 4.93
C ILE B 92 -54.40 -11.20 3.71
N LEU B 93 -55.72 -11.32 3.87
CA LEU B 93 -56.59 -11.68 2.75
C LEU B 93 -56.64 -10.57 1.69
N GLU B 94 -56.36 -9.33 2.07
CA GLU B 94 -56.20 -8.28 1.08
C GLU B 94 -54.87 -8.41 0.38
N ALA B 95 -53.79 -8.68 1.13
CA ALA B 95 -52.48 -8.74 0.54
C ALA B 95 -52.27 -10.01 -0.28
N LEU B 96 -53.00 -11.07 0.04
CA LEU B 96 -52.80 -12.33 -0.66
C LEU B 96 -53.38 -12.29 -2.06
N LYS B 97 -54.35 -11.42 -2.32
CA LYS B 97 -54.95 -11.28 -3.63
C LYS B 97 -54.19 -10.31 -4.53
N GLU B 98 -52.93 -10.03 -4.21
CA GLU B 98 -52.17 -8.97 -4.86
C GLU B 98 -50.74 -9.44 -5.09
N ILE B 99 -50.57 -10.66 -5.59
CA ILE B 99 -49.22 -11.21 -5.68
C ILE B 99 -48.60 -10.92 -7.03
N LYS B 100 -49.12 -11.56 -8.09
CA LYS B 100 -48.90 -11.23 -9.50
C LYS B 100 -47.48 -11.38 -10.04
N ASP B 101 -46.47 -11.62 -9.19
CA ASP B 101 -45.09 -11.76 -9.63
C ASP B 101 -44.28 -12.37 -8.49
N ARG B 102 -42.99 -12.56 -8.75
CA ARG B 102 -42.12 -13.18 -7.75
C ARG B 102 -41.83 -12.22 -6.60
N GLU B 103 -41.59 -10.95 -6.91
CA GLU B 103 -41.07 -10.04 -5.90
C GLU B 103 -42.12 -9.59 -4.88
N THR B 104 -43.39 -9.83 -5.14
CA THR B 104 -44.41 -9.57 -4.13
C THR B 104 -44.71 -10.82 -3.32
N LEU B 105 -44.60 -11.99 -3.97
CA LEU B 105 -44.64 -13.27 -3.27
C LEU B 105 -43.57 -13.33 -2.19
N GLN B 106 -42.35 -12.92 -2.52
CA GLN B 106 -41.32 -12.85 -1.49
C GLN B 106 -41.56 -11.70 -0.53
N ARG B 107 -42.28 -10.66 -0.94
CA ARG B 107 -42.59 -9.58 -0.01
C ARG B 107 -43.69 -10.01 0.95
N PHE B 108 -44.67 -10.77 0.47
CA PHE B 108 -45.69 -11.28 1.37
C PHE B 108 -45.13 -12.36 2.28
N CYS B 109 -44.24 -13.20 1.78
CA CYS B 109 -43.73 -14.26 2.62
C CYS B 109 -42.73 -13.73 3.65
N ARG B 110 -42.09 -12.61 3.37
CA ARG B 110 -41.37 -11.89 4.42
C ARG B 110 -42.31 -11.11 5.32
N TYR B 111 -43.53 -10.81 4.85
CA TYR B 111 -44.50 -10.16 5.70
C TYR B 111 -45.03 -11.11 6.75
N MET B 112 -45.20 -12.38 6.40
CA MET B 112 -45.62 -13.36 7.40
C MET B 112 -44.52 -13.63 8.42
N GLU B 113 -43.26 -13.54 8.01
CA GLU B 113 -42.17 -13.74 8.95
C GLU B 113 -42.07 -12.56 9.90
N ALA B 114 -42.47 -11.37 9.46
CA ALA B 114 -42.47 -10.22 10.35
C ALA B 114 -43.57 -10.34 11.39
N LEU B 115 -44.67 -11.02 11.05
CA LEU B 115 -45.72 -11.26 12.04
C LEU B 115 -45.25 -12.24 13.11
N VAL B 116 -44.51 -13.27 12.71
CA VAL B 116 -44.01 -14.26 13.65
C VAL B 116 -42.91 -13.66 14.52
N ALA B 117 -42.13 -12.75 13.95
CA ALA B 117 -41.02 -12.15 14.68
C ALA B 117 -41.52 -11.27 15.81
N TYR B 118 -42.44 -10.35 15.53
CA TYR B 118 -42.94 -9.47 16.58
C TYR B 118 -43.85 -10.20 17.55
N PHE B 119 -44.50 -11.28 17.12
CA PHE B 119 -45.31 -12.06 18.05
C PHE B 119 -44.43 -12.75 19.07
N LYS B 120 -43.29 -13.28 18.63
CA LYS B 120 -42.34 -13.85 19.56
C LYS B 120 -41.69 -12.77 20.40
N PHE B 121 -41.52 -11.57 19.83
CA PHE B 121 -40.91 -10.46 20.56
C PHE B 121 -41.84 -9.96 21.65
N TYR B 122 -43.04 -9.51 21.27
CA TYR B 122 -44.01 -9.00 22.23
C TYR B 122 -44.68 -10.18 22.89
N GLY B 123 -44.10 -10.67 23.98
CA GLY B 123 -44.67 -11.75 24.73
C GLY B 123 -44.61 -13.09 24.03
N ILE C 3 -28.64 6.60 17.48
CA ILE C 3 -28.03 7.29 16.35
C ILE C 3 -26.53 7.11 16.45
N LEU C 4 -25.85 7.12 15.31
CA LEU C 4 -24.41 6.90 15.26
C LEU C 4 -23.82 7.64 14.07
N THR C 5 -22.81 8.46 14.34
CA THR C 5 -22.10 9.17 13.30
C THR C 5 -20.87 8.37 12.90
N ASP C 6 -20.03 8.93 12.03
CA ASP C 6 -18.85 8.20 11.59
C ASP C 6 -17.72 8.24 12.61
N GLU C 7 -17.70 9.25 13.47
CA GLU C 7 -16.60 9.44 14.40
C GLU C 7 -16.82 8.79 15.75
N ASN C 8 -17.94 8.08 15.93
CA ASN C 8 -18.23 7.52 17.24
C ASN C 8 -18.75 6.11 17.26
N TYR C 9 -19.17 5.53 16.12
CA TYR C 9 -19.93 4.29 16.13
C TYR C 9 -19.12 3.08 16.58
N VAL C 10 -17.81 3.19 16.62
CA VAL C 10 -16.99 2.13 17.20
C VAL C 10 -16.86 2.33 18.71
N ASP C 11 -16.74 3.57 19.17
CA ASP C 11 -16.74 3.82 20.60
C ASP C 11 -18.12 3.62 21.22
N ILE C 12 -19.19 3.76 20.42
CA ILE C 12 -20.51 3.36 20.88
C ILE C 12 -20.56 1.84 21.09
N ALA C 13 -20.06 1.09 20.11
CA ALA C 13 -20.07 -0.36 20.19
C ALA C 13 -19.08 -0.89 21.21
N GLU C 14 -18.02 -0.14 21.50
CA GLU C 14 -17.14 -0.54 22.59
C GLU C 14 -17.83 -0.39 23.92
N LYS C 15 -18.64 0.66 24.08
CA LYS C 15 -19.35 0.87 25.33
C LYS C 15 -20.49 -0.11 25.50
N ALA C 16 -21.12 -0.52 24.40
CA ALA C 16 -22.29 -1.38 24.50
C ALA C 16 -21.94 -2.79 24.94
N ILE C 17 -20.75 -3.28 24.57
CA ILE C 17 -20.31 -4.58 25.04
C ILE C 17 -19.99 -4.53 26.53
N LEU C 18 -19.34 -3.45 26.97
CA LEU C 18 -19.06 -3.27 28.38
C LEU C 18 -20.34 -3.08 29.17
N LYS C 19 -21.32 -2.39 28.60
CA LYS C 19 -22.59 -2.16 29.28
C LYS C 19 -23.45 -3.41 29.28
N LEU C 20 -23.15 -4.38 28.42
CA LEU C 20 -23.87 -5.64 28.42
C LEU C 20 -23.47 -6.46 29.63
N GLU C 21 -24.42 -7.24 30.16
CA GLU C 21 -24.17 -7.93 31.40
C GLU C 21 -23.30 -9.17 31.18
N ARG C 22 -22.90 -9.78 32.28
CA ARG C 22 -22.06 -10.96 32.25
C ARG C 22 -22.67 -12.03 33.14
N ASN C 23 -22.19 -13.26 32.97
CA ASN C 23 -22.61 -14.34 33.85
C ASN C 23 -21.94 -14.14 35.20
N THR C 24 -22.60 -13.41 36.11
CA THR C 24 -22.02 -13.12 37.40
C THR C 24 -21.91 -14.37 38.27
N ARG C 25 -22.80 -15.33 38.07
CA ARG C 25 -22.69 -16.62 38.72
C ARG C 25 -21.92 -17.57 37.79
N ASN C 26 -21.85 -18.85 38.17
CA ASN C 26 -21.17 -19.93 37.44
C ASN C 26 -19.71 -19.61 37.23
N ARG C 27 -18.98 -19.58 38.35
CA ARG C 27 -17.57 -19.19 38.36
C ARG C 27 -16.67 -20.29 37.78
N LYS C 28 -16.81 -20.48 36.46
CA LYS C 28 -15.94 -21.33 35.66
C LYS C 28 -15.60 -20.51 34.43
N ASN C 29 -14.40 -19.89 34.47
CA ASN C 29 -14.01 -18.74 33.66
C ASN C 29 -15.06 -17.64 33.76
N PRO C 30 -15.16 -16.96 34.92
CA PRO C 30 -16.29 -16.05 35.15
C PRO C 30 -16.19 -14.74 34.39
N ASP C 31 -17.18 -13.87 34.62
CA ASP C 31 -17.42 -12.65 33.83
C ASP C 31 -17.55 -12.94 32.33
N ALA C 32 -18.07 -14.12 32.00
CA ALA C 32 -18.40 -14.42 30.62
C ALA C 32 -19.81 -13.94 30.31
N PHE C 33 -20.09 -13.75 29.04
CA PHE C 33 -21.37 -13.20 28.67
C PHE C 33 -22.44 -14.28 28.64
N PHE C 34 -23.69 -13.87 28.88
CA PHE C 34 -24.81 -14.72 28.48
C PHE C 34 -24.90 -14.83 26.97
N LEU C 35 -24.57 -13.76 26.27
CA LEU C 35 -24.56 -13.77 24.82
C LEU C 35 -23.38 -14.60 24.34
N THR C 36 -23.62 -15.43 23.33
CA THR C 36 -22.60 -16.32 22.81
C THR C 36 -22.13 -15.85 21.44
N THR C 37 -21.00 -16.40 21.02
CA THR C 37 -20.40 -16.00 19.76
C THR C 37 -21.28 -16.40 18.58
N SER C 38 -21.84 -17.60 18.62
CA SER C 38 -22.58 -18.11 17.47
C SER C 38 -23.92 -17.41 17.30
N LYS C 39 -24.54 -16.95 18.38
CA LYS C 39 -25.73 -16.13 18.20
C LYS C 39 -25.38 -14.76 17.70
N LEU C 40 -24.18 -14.29 17.98
CA LEU C 40 -23.78 -12.98 17.50
C LEU C 40 -23.37 -13.03 16.04
N ARG C 41 -22.73 -14.12 15.61
CA ARG C 41 -22.35 -14.22 14.21
C ARG C 41 -23.51 -14.54 13.31
N ASN C 42 -24.65 -14.97 13.85
CA ASN C 42 -25.85 -15.08 13.04
C ASN C 42 -26.43 -13.73 12.71
N LEU C 43 -26.19 -12.74 13.57
CA LEU C 43 -26.67 -11.40 13.27
C LEU C 43 -25.79 -10.71 12.24
N LEU C 44 -24.48 -10.87 12.36
CA LEU C 44 -23.57 -10.28 11.38
C LEU C 44 -23.65 -10.98 10.03
N SER C 45 -24.06 -12.24 9.98
CA SER C 45 -24.25 -12.91 8.70
C SER C 45 -25.39 -12.30 7.89
N LEU C 46 -26.31 -11.58 8.54
CA LEU C 46 -27.29 -10.81 7.80
C LEU C 46 -26.67 -9.57 7.21
N THR C 47 -25.87 -8.85 8.01
CA THR C 47 -25.38 -7.55 7.57
C THR C 47 -24.16 -7.66 6.68
N SER C 48 -23.39 -8.74 6.78
CA SER C 48 -22.18 -8.85 5.99
C SER C 48 -22.48 -9.14 4.53
N THR C 49 -23.63 -9.72 4.24
CA THR C 49 -24.03 -9.92 2.85
C THR C 49 -24.71 -8.69 2.26
N LEU C 50 -24.94 -7.66 3.06
CA LEU C 50 -25.34 -6.36 2.55
C LEU C 50 -24.21 -5.35 2.53
N PHE C 51 -23.18 -5.55 3.36
CA PHE C 51 -22.03 -4.66 3.33
C PHE C 51 -21.19 -4.83 2.07
N ASP C 52 -21.36 -5.94 1.38
CA ASP C 52 -20.68 -6.16 0.11
C ASP C 52 -21.59 -6.08 -1.10
N GLU C 53 -22.90 -6.07 -0.92
CA GLU C 53 -23.78 -5.69 -2.00
C GLU C 53 -24.14 -4.23 -1.95
N SER C 54 -23.69 -3.50 -0.93
CA SER C 54 -23.75 -2.05 -0.98
C SER C 54 -22.70 -1.50 -1.93
N LYS C 55 -21.56 -2.19 -2.05
CA LYS C 55 -20.53 -1.78 -2.98
C LYS C 55 -20.99 -1.98 -4.42
N VAL C 56 -21.57 -3.13 -4.71
CA VAL C 56 -21.92 -3.47 -6.08
C VAL C 56 -23.19 -2.76 -6.51
N LYS C 57 -24.29 -3.03 -5.81
CA LYS C 57 -25.59 -2.62 -6.29
C LYS C 57 -25.94 -1.20 -5.84
N GLU C 58 -27.06 -0.71 -6.35
CA GLU C 58 -27.65 0.54 -5.93
C GLU C 58 -28.18 0.42 -4.51
N TYR C 59 -28.52 1.55 -3.92
CA TYR C 59 -29.36 1.50 -2.73
C TYR C 59 -30.80 1.20 -3.08
N ASP C 60 -31.20 1.48 -4.32
CA ASP C 60 -32.57 1.38 -4.76
C ASP C 60 -33.03 -0.06 -4.93
N ALA C 61 -32.11 -1.03 -4.86
CA ALA C 61 -32.48 -2.44 -4.87
C ALA C 61 -32.30 -3.11 -3.54
N LEU C 62 -31.52 -2.53 -2.63
CA LEU C 62 -31.25 -3.18 -1.36
C LEU C 62 -32.31 -2.90 -0.31
N LEU C 63 -33.28 -2.04 -0.58
CA LEU C 63 -34.23 -1.63 0.44
C LEU C 63 -35.28 -2.68 0.74
N ASP C 64 -35.26 -3.82 0.05
CA ASP C 64 -36.08 -4.95 0.44
C ASP C 64 -35.45 -5.76 1.56
N ARG C 65 -34.12 -5.98 1.52
CA ARG C 65 -33.47 -6.69 2.62
C ARG C 65 -33.16 -5.80 3.80
N ILE C 66 -33.01 -4.49 3.58
CA ILE C 66 -32.82 -3.59 4.72
C ILE C 66 -34.10 -3.53 5.54
N ALA C 67 -35.25 -3.66 4.88
CA ALA C 67 -36.49 -3.87 5.62
C ALA C 67 -36.50 -5.20 6.34
N TYR C 68 -35.82 -6.22 5.80
CA TYR C 68 -35.81 -7.52 6.44
C TYR C 68 -34.87 -7.59 7.64
N LEU C 69 -33.94 -6.66 7.77
CA LEU C 69 -33.10 -6.67 8.97
C LEU C 69 -33.87 -6.28 10.23
N ARG C 70 -34.96 -5.52 10.09
CA ARG C 70 -35.80 -5.27 11.23
C ARG C 70 -36.65 -6.48 11.59
N VAL C 71 -36.87 -7.37 10.62
CA VAL C 71 -37.55 -8.63 10.92
C VAL C 71 -36.70 -9.49 11.84
N GLN C 72 -35.47 -9.76 11.43
CA GLN C 72 -34.76 -10.84 12.06
C GLN C 72 -33.95 -10.40 13.27
N PHE C 73 -33.55 -9.14 13.34
CA PHE C 73 -33.02 -8.63 14.60
C PHE C 73 -34.08 -8.60 15.69
N VAL C 74 -35.34 -8.45 15.31
CA VAL C 74 -36.43 -8.66 16.26
C VAL C 74 -36.62 -10.14 16.54
N TYR C 75 -36.55 -10.97 15.49
CA TYR C 75 -36.83 -12.39 15.66
C TYR C 75 -35.75 -13.09 16.47
N GLN C 76 -34.48 -12.76 16.23
CA GLN C 76 -33.42 -13.34 17.03
C GLN C 76 -33.46 -12.82 18.46
N ALA C 77 -33.99 -11.61 18.65
CA ALA C 77 -34.15 -11.08 20.01
C ALA C 77 -35.28 -11.79 20.74
N GLY C 78 -36.30 -12.25 20.02
CA GLY C 78 -37.40 -12.91 20.68
C GLY C 78 -37.09 -14.32 21.12
N ARG C 79 -36.13 -14.97 20.47
CA ARG C 79 -35.83 -16.35 20.78
C ARG C 79 -35.06 -16.48 22.08
N GLU C 80 -33.87 -15.89 22.14
CA GLU C 80 -33.02 -15.98 23.30
C GLU C 80 -32.95 -14.62 23.99
N ILE C 81 -33.02 -14.62 25.32
CA ILE C 81 -33.02 -13.38 26.08
C ILE C 81 -31.66 -12.69 26.09
N ALA C 82 -30.60 -13.38 25.66
CA ALA C 82 -29.30 -12.76 25.59
C ALA C 82 -29.20 -11.81 24.39
N VAL C 83 -29.75 -12.21 23.25
CA VAL C 83 -29.79 -11.34 22.08
C VAL C 83 -30.79 -10.21 22.33
N LYS C 84 -31.80 -10.48 23.14
CA LYS C 84 -32.76 -9.46 23.58
C LYS C 84 -32.08 -8.30 24.27
N ASP C 85 -31.05 -8.59 25.05
CA ASP C 85 -30.32 -7.52 25.74
C ASP C 85 -29.37 -6.79 24.80
N LEU C 86 -28.87 -7.48 23.77
CA LEU C 86 -27.92 -6.86 22.84
C LEU C 86 -28.57 -5.73 22.04
N ILE C 87 -29.78 -5.98 21.52
CA ILE C 87 -30.47 -4.95 20.76
C ILE C 87 -31.01 -3.82 21.62
N GLU C 88 -31.03 -4.00 22.94
CA GLU C 88 -31.39 -2.91 23.84
C GLU C 88 -30.15 -2.07 24.18
N LYS C 89 -29.05 -2.73 24.55
CA LYS C 89 -27.83 -2.03 24.93
C LYS C 89 -27.21 -1.36 23.72
N ALA C 90 -26.78 -2.16 22.75
CA ALA C 90 -26.45 -1.63 21.44
C ALA C 90 -27.75 -1.22 20.78
N GLN C 91 -27.96 0.09 20.60
CA GLN C 91 -29.21 0.57 20.05
C GLN C 91 -29.26 0.23 18.56
N ILE C 92 -29.65 -1.02 18.29
CA ILE C 92 -29.65 -1.56 16.95
C ILE C 92 -30.98 -1.31 16.25
N LEU C 93 -32.08 -1.56 16.96
CA LEU C 93 -33.40 -1.30 16.39
C LEU C 93 -33.66 0.19 16.18
N GLU C 94 -32.98 1.05 16.92
CA GLU C 94 -33.03 2.47 16.64
C GLU C 94 -32.20 2.81 15.40
N ALA C 95 -31.01 2.23 15.31
CA ALA C 95 -30.11 2.56 14.20
C ALA C 95 -30.56 1.93 12.90
N LEU C 96 -31.31 0.82 12.97
CA LEU C 96 -31.71 0.14 11.75
C LEU C 96 -32.83 0.89 11.03
N LYS C 97 -33.59 1.71 11.74
CA LYS C 97 -34.65 2.51 11.14
C LYS C 97 -34.15 3.83 10.59
N GLU C 98 -32.86 3.97 10.35
CA GLU C 98 -32.24 5.24 10.03
C GLU C 98 -31.19 5.05 8.93
N ILE C 99 -31.53 4.28 7.89
CA ILE C 99 -30.51 3.92 6.91
C ILE C 99 -30.50 4.93 5.76
N LYS C 100 -31.54 4.92 4.93
CA LYS C 100 -31.88 5.96 3.96
C LYS C 100 -30.91 6.18 2.81
N ASP C 101 -29.72 5.58 2.82
CA ASP C 101 -28.74 5.76 1.75
C ASP C 101 -27.67 4.68 1.91
N ARG C 102 -26.70 4.71 0.99
CA ARG C 102 -25.64 3.71 1.00
C ARG C 102 -24.67 3.92 2.17
N GLU C 103 -24.32 5.17 2.45
CA GLU C 103 -23.23 5.42 3.37
C GLU C 103 -23.60 5.21 4.84
N THR C 104 -24.88 5.08 5.15
CA THR C 104 -25.27 4.71 6.50
C THR C 104 -25.46 3.22 6.63
N LEU C 105 -25.90 2.58 5.53
CA LEU C 105 -25.92 1.13 5.44
C LEU C 105 -24.54 0.54 5.68
N GLN C 106 -23.52 1.12 5.05
CA GLN C 106 -22.17 0.70 5.34
C GLN C 106 -21.71 1.14 6.71
N ARG C 107 -22.28 2.20 7.26
CA ARG C 107 -21.90 2.61 8.61
C ARG C 107 -22.54 1.69 9.63
N PHE C 108 -23.78 1.25 9.39
CA PHE C 108 -24.40 0.29 10.29
C PHE C 108 -23.76 -1.08 10.16
N CYS C 109 -23.38 -1.49 8.96
CA CYS C 109 -22.80 -2.80 8.81
C CYS C 109 -21.37 -2.86 9.33
N ARG C 110 -20.68 -1.71 9.36
CA ARG C 110 -19.44 -1.64 10.13
C ARG C 110 -19.70 -1.50 11.61
N TYR C 111 -20.88 -1.06 12.00
CA TYR C 111 -21.22 -1.01 13.41
C TYR C 111 -21.45 -2.40 13.98
N MET C 112 -22.04 -3.29 13.19
CA MET C 112 -22.19 -4.67 13.63
C MET C 112 -20.84 -5.39 13.72
N GLU C 113 -19.90 -5.04 12.85
CA GLU C 113 -18.58 -5.65 12.92
C GLU C 113 -17.82 -5.16 14.13
N ALA C 114 -18.09 -3.94 14.58
CA ALA C 114 -17.46 -3.44 15.79
C ALA C 114 -18.01 -4.15 17.02
N LEU C 115 -19.25 -4.60 16.98
CA LEU C 115 -19.80 -5.38 18.08
C LEU C 115 -19.14 -6.74 18.16
N VAL C 116 -18.90 -7.37 17.01
CA VAL C 116 -18.27 -8.69 16.98
C VAL C 116 -16.81 -8.58 17.36
N ALA C 117 -16.16 -7.47 17.02
CA ALA C 117 -14.75 -7.30 17.31
C ALA C 117 -14.50 -7.19 18.80
N TYR C 118 -15.22 -6.30 19.48
CA TYR C 118 -15.00 -6.14 20.91
C TYR C 118 -15.54 -7.31 21.71
N PHE C 119 -16.54 -8.02 21.18
CA PHE C 119 -17.02 -9.22 21.87
C PHE C 119 -15.97 -10.31 21.86
N LYS C 120 -15.28 -10.46 20.74
CA LYS C 120 -14.16 -11.40 20.65
C LYS C 120 -12.99 -10.90 21.49
N PHE C 121 -12.83 -9.58 21.57
CA PHE C 121 -11.74 -9.00 22.35
C PHE C 121 -11.96 -9.19 23.83
N TYR C 122 -13.07 -8.67 24.35
CA TYR C 122 -13.40 -8.79 25.77
C TYR C 122 -13.96 -10.18 26.01
N GLY C 123 -13.08 -11.13 26.27
CA GLY C 123 -13.50 -12.49 26.58
C GLY C 123 -14.05 -13.24 25.39
N THR D 2 7.95 -33.96 -23.66
CA THR D 2 6.61 -34.05 -24.23
C THR D 2 5.58 -33.42 -23.32
N PHE D 3 4.36 -33.27 -23.84
CA PHE D 3 3.27 -32.68 -23.06
C PHE D 3 1.95 -33.26 -23.55
N ALA D 4 1.17 -33.78 -22.61
CA ALA D 4 -0.15 -34.30 -22.93
C ALA D 4 -1.06 -34.06 -21.73
N LYS D 5 -2.33 -33.81 -22.01
CA LYS D 5 -3.35 -33.66 -20.98
C LYS D 5 -4.45 -34.65 -21.29
N ILE D 6 -4.75 -35.53 -20.33
CA ILE D 6 -5.79 -36.52 -20.50
C ILE D 6 -6.91 -36.20 -19.52
N LYS D 7 -8.04 -36.85 -19.70
CA LYS D 7 -9.27 -36.43 -19.05
C LYS D 7 -10.08 -37.64 -18.57
N PHE D 8 -10.46 -37.62 -17.29
CA PHE D 8 -11.27 -38.68 -16.69
C PHE D 8 -12.73 -38.28 -16.74
N SER D 9 -13.36 -38.51 -17.88
CA SER D 9 -14.79 -38.25 -17.99
C SER D 9 -15.56 -39.34 -17.26
N ALA D 10 -15.75 -39.15 -15.96
CA ALA D 10 -16.50 -40.10 -15.15
C ALA D 10 -17.81 -39.44 -14.76
N GLN D 11 -18.65 -40.18 -14.05
CA GLN D 11 -20.01 -39.72 -13.79
C GLN D 11 -20.42 -40.13 -12.38
N ILE D 12 -20.56 -39.15 -11.50
CA ILE D 12 -21.08 -39.39 -10.17
C ILE D 12 -22.55 -39.75 -10.25
N ARG D 13 -22.93 -40.84 -9.60
CA ARG D 13 -24.34 -41.16 -9.34
C ARG D 13 -24.56 -41.09 -7.84
N LEU D 14 -25.63 -40.42 -7.43
CA LEU D 14 -25.91 -40.33 -6.01
C LEU D 14 -26.69 -41.55 -5.52
N GLU D 15 -26.52 -41.85 -4.26
CA GLU D 15 -27.37 -42.75 -3.50
C GLU D 15 -27.52 -42.07 -2.15
N THR D 16 -28.76 -41.98 -1.64
CA THR D 16 -29.17 -41.15 -0.50
C THR D 16 -28.49 -39.78 -0.52
N GLY D 17 -28.88 -38.96 -1.49
CA GLY D 17 -28.20 -37.75 -1.93
C GLY D 17 -27.71 -36.76 -0.89
N LEU D 18 -26.72 -35.97 -1.29
CA LEU D 18 -25.79 -35.36 -0.38
C LEU D 18 -26.13 -33.91 -0.08
N HIS D 19 -25.69 -33.46 1.07
CA HIS D 19 -25.74 -32.07 1.48
C HIS D 19 -24.34 -31.49 1.35
N ILE D 20 -24.24 -30.31 0.74
CA ILE D 20 -22.99 -29.55 0.72
C ILE D 20 -23.35 -28.13 1.06
N GLY D 21 -22.91 -27.67 2.24
CA GLY D 21 -23.49 -26.49 2.85
C GLY D 21 -23.24 -25.21 2.07
N GLY D 22 -24.11 -24.23 2.34
CA GLY D 22 -24.07 -22.85 1.81
C GLY D 22 -24.62 -21.93 2.88
N SER D 23 -24.03 -20.76 3.14
CA SER D 23 -24.57 -19.94 4.27
C SER D 23 -25.98 -19.43 4.03
N ASP D 24 -26.25 -18.78 2.89
CA ASP D 24 -27.61 -18.26 2.54
C ASP D 24 -28.25 -17.56 3.75
N ALA D 25 -27.65 -16.50 4.29
CA ALA D 25 -28.20 -15.86 5.52
C ALA D 25 -29.64 -15.39 5.32
N PHE D 26 -29.93 -14.72 4.20
CA PHE D 26 -31.29 -14.29 3.87
C PHE D 26 -32.09 -15.44 3.30
N ALA D 27 -32.13 -16.57 4.00
CA ALA D 27 -32.77 -17.75 3.45
C ALA D 27 -34.26 -17.75 3.72
N ALA D 28 -34.65 -17.79 5.00
CA ALA D 28 -36.01 -17.68 5.49
C ALA D 28 -35.93 -17.53 7.00
N ILE D 29 -37.08 -17.65 7.67
CA ILE D 29 -37.14 -17.95 9.09
C ILE D 29 -37.67 -19.35 9.34
N GLY D 30 -38.83 -19.67 8.81
CA GLY D 30 -39.41 -20.96 9.12
C GLY D 30 -39.15 -22.00 8.06
N ALA D 31 -38.01 -21.90 7.41
CA ALA D 31 -37.65 -22.81 6.33
C ALA D 31 -36.14 -22.96 6.34
N ILE D 32 -35.58 -23.37 5.19
CA ILE D 32 -34.23 -23.95 5.07
C ILE D 32 -33.15 -23.06 5.68
N ASN D 33 -32.50 -23.57 6.70
CA ASN D 33 -31.43 -22.91 7.41
C ASN D 33 -30.09 -23.57 7.16
N SER D 34 -30.03 -24.49 6.21
CA SER D 34 -28.75 -25.06 5.75
C SER D 34 -28.93 -25.45 4.30
N PRO D 35 -28.74 -24.51 3.39
CA PRO D 35 -29.01 -24.78 1.99
C PRO D 35 -27.83 -25.48 1.32
N VAL D 36 -28.15 -26.22 0.28
CA VAL D 36 -27.11 -26.82 -0.54
C VAL D 36 -26.54 -25.73 -1.45
N ILE D 37 -25.28 -25.88 -1.84
CA ILE D 37 -24.68 -24.92 -2.75
C ILE D 37 -25.28 -25.12 -4.13
N LYS D 38 -25.48 -24.02 -4.86
CA LYS D 38 -26.23 -24.09 -6.10
C LYS D 38 -25.57 -23.26 -7.18
N ASP D 39 -25.84 -23.62 -8.41
CA ASP D 39 -25.48 -22.83 -9.57
C ASP D 39 -26.37 -21.60 -9.56
N PRO D 40 -25.84 -20.39 -9.51
CA PRO D 40 -26.70 -19.22 -9.27
C PRO D 40 -27.54 -18.78 -10.46
N ILE D 41 -27.53 -19.54 -11.55
CA ILE D 41 -28.33 -19.19 -12.71
C ILE D 41 -29.38 -20.26 -12.97
N THR D 42 -29.09 -21.51 -12.59
CA THR D 42 -30.04 -22.59 -12.76
C THR D 42 -30.64 -23.09 -11.46
N ASN D 43 -30.05 -22.72 -10.32
CA ASN D 43 -30.47 -23.13 -8.97
C ASN D 43 -30.54 -24.65 -8.84
N LEU D 44 -29.54 -25.32 -9.38
CA LEU D 44 -29.44 -26.76 -9.35
C LEU D 44 -28.36 -27.20 -8.38
N PRO D 45 -28.45 -28.39 -7.80
CA PRO D 45 -27.42 -28.84 -6.86
C PRO D 45 -26.10 -29.11 -7.55
N ILE D 46 -25.03 -28.64 -6.92
CA ILE D 46 -23.69 -28.68 -7.51
C ILE D 46 -22.78 -29.43 -6.55
N ILE D 47 -21.99 -30.37 -7.08
CA ILE D 47 -20.85 -30.91 -6.37
C ILE D 47 -19.63 -30.09 -6.80
N PRO D 48 -19.11 -29.21 -5.96
CA PRO D 48 -17.93 -28.45 -6.35
C PRO D 48 -16.70 -29.34 -6.28
N GLY D 49 -15.67 -28.93 -7.02
CA GLY D 49 -14.44 -29.68 -7.02
C GLY D 49 -13.61 -29.52 -5.77
N SER D 50 -13.88 -28.49 -4.98
CA SER D 50 -13.11 -28.28 -3.76
C SER D 50 -13.45 -29.32 -2.70
N SER D 51 -14.68 -29.81 -2.67
CA SER D 51 -15.05 -30.88 -1.76
C SER D 51 -14.86 -32.27 -2.36
N LEU D 52 -14.58 -32.35 -3.65
CA LEU D 52 -14.07 -33.59 -4.22
C LEU D 52 -12.57 -33.74 -4.00
N LYS D 53 -11.84 -32.64 -4.07
CA LYS D 53 -10.39 -32.71 -3.84
C LYS D 53 -10.08 -32.78 -2.37
N GLY D 54 -10.96 -32.25 -1.53
CA GLY D 54 -10.69 -32.27 -0.11
C GLY D 54 -10.87 -33.64 0.50
N LYS D 55 -11.73 -34.48 -0.09
CA LYS D 55 -11.83 -35.84 0.39
C LYS D 55 -10.63 -36.65 -0.05
N MET D 56 -10.23 -36.52 -1.30
CA MET D 56 -9.23 -37.42 -1.84
C MET D 56 -7.82 -37.12 -1.37
N ARG D 57 -7.56 -36.01 -0.69
CA ARG D 57 -6.32 -35.94 0.08
C ARG D 57 -6.50 -36.56 1.45
N THR D 58 -7.64 -36.32 2.08
CA THR D 58 -7.86 -36.84 3.41
C THR D 58 -8.25 -38.32 3.42
N LEU D 59 -8.83 -38.83 2.35
CA LEU D 59 -9.05 -40.28 2.31
C LEU D 59 -7.80 -41.01 1.94
N LEU D 60 -6.98 -40.43 1.06
CA LEU D 60 -5.73 -41.08 0.69
C LEU D 60 -4.61 -40.77 1.66
N ALA D 61 -4.86 -39.95 2.68
CA ALA D 61 -3.86 -39.76 3.72
C ALA D 61 -3.74 -40.98 4.61
N LYS D 62 -4.78 -41.80 4.66
CA LYS D 62 -4.71 -43.02 5.44
C LYS D 62 -4.15 -44.19 4.66
N VAL D 63 -3.96 -44.04 3.36
CA VAL D 63 -3.47 -45.11 2.53
C VAL D 63 -2.05 -44.85 2.05
N TYR D 64 -1.77 -43.64 1.58
CA TYR D 64 -0.49 -43.32 0.96
C TYR D 64 0.34 -42.34 1.76
N ASN D 65 0.17 -42.30 3.08
CA ASN D 65 1.12 -41.63 3.95
C ASN D 65 1.68 -42.65 4.94
N GLU D 66 2.98 -42.92 4.83
CA GLU D 66 3.64 -43.77 5.81
C GLU D 66 3.72 -43.08 7.16
N LYS D 67 3.83 -41.75 7.16
CA LYS D 67 3.90 -40.97 8.37
C LYS D 67 2.69 -40.03 8.41
N VAL D 68 2.11 -39.86 9.60
CA VAL D 68 0.88 -39.09 9.73
C VAL D 68 1.15 -37.62 9.47
N ALA D 69 0.21 -36.95 8.82
CA ALA D 69 0.51 -35.69 8.14
C ALA D 69 0.63 -34.51 9.10
N GLU D 70 -0.47 -34.20 9.80
CA GLU D 70 -0.76 -33.04 10.67
C GLU D 70 -0.98 -31.75 9.88
N LYS D 71 -0.61 -31.76 8.60
CA LYS D 71 -0.83 -30.65 7.69
C LYS D 71 -0.80 -31.21 6.28
N PRO D 72 -1.35 -30.49 5.31
CA PRO D 72 -0.90 -30.69 3.94
C PRO D 72 0.50 -30.14 3.81
N SER D 73 1.19 -30.56 2.76
CA SER D 73 2.65 -30.39 2.59
C SER D 73 3.44 -31.06 3.71
N ASP D 74 2.85 -32.10 4.29
CA ASP D 74 3.60 -33.15 4.96
C ASP D 74 3.26 -34.50 4.35
N ASP D 75 2.60 -34.50 3.20
CA ASP D 75 2.25 -35.75 2.55
C ASP D 75 3.46 -36.32 1.82
N SER D 76 3.29 -37.51 1.27
CA SER D 76 4.39 -38.42 0.99
C SER D 76 4.76 -38.46 -0.48
N ASP D 77 4.73 -37.32 -1.18
CA ASP D 77 5.22 -37.10 -2.55
C ASP D 77 4.50 -37.92 -3.61
N ILE D 78 3.51 -38.73 -3.24
CA ILE D 78 2.66 -39.43 -4.18
C ILE D 78 1.30 -38.75 -4.12
N LEU D 79 1.00 -38.16 -2.97
CA LEU D 79 -0.12 -37.25 -2.91
C LEU D 79 0.30 -35.85 -3.33
N SER D 80 1.55 -35.49 -3.09
CA SER D 80 1.99 -34.14 -3.39
C SER D 80 2.10 -33.91 -4.88
N ARG D 81 2.62 -34.89 -5.62
CA ARG D 81 2.75 -34.69 -7.04
C ARG D 81 1.41 -34.77 -7.75
N LEU D 82 0.42 -35.39 -7.13
CA LEU D 82 -0.93 -35.42 -7.67
C LEU D 82 -1.71 -34.18 -7.30
N PHE D 83 -1.74 -33.81 -6.02
CA PHE D 83 -2.58 -32.70 -5.61
C PHE D 83 -1.82 -31.39 -5.50
N GLY D 84 -0.68 -31.37 -4.82
CA GLY D 84 0.10 -30.16 -4.75
C GLY D 84 0.44 -29.74 -3.33
N ASN D 85 1.54 -29.02 -3.17
CA ASN D 85 1.92 -28.45 -1.89
C ASN D 85 2.15 -26.96 -2.02
N SER D 86 2.42 -26.33 -0.88
CA SER D 86 2.89 -24.97 -0.87
C SER D 86 4.21 -24.80 -0.15
N LYS D 87 4.73 -25.86 0.46
CA LYS D 87 6.05 -25.80 1.07
C LYS D 87 7.02 -26.78 0.42
N ASP D 88 6.64 -27.41 -0.69
CA ASP D 88 7.61 -28.07 -1.53
C ASP D 88 7.98 -27.18 -2.71
N LYS D 89 8.96 -27.62 -3.48
CA LYS D 89 9.52 -26.80 -4.53
C LYS D 89 9.08 -27.22 -5.92
N ARG D 90 9.09 -28.51 -6.22
CA ARG D 90 8.79 -28.99 -7.56
C ARG D 90 7.39 -29.51 -7.70
N PHE D 91 6.61 -29.51 -6.63
CA PHE D 91 5.28 -30.12 -6.59
C PHE D 91 4.20 -29.12 -6.21
N LYS D 92 4.40 -27.83 -6.50
CA LYS D 92 3.37 -26.86 -6.15
C LYS D 92 2.23 -26.93 -7.14
N MET D 93 2.42 -26.61 -8.42
CA MET D 93 1.30 -26.85 -9.31
C MET D 93 1.28 -28.39 -9.36
N GLY D 94 0.14 -29.06 -9.19
CA GLY D 94 0.23 -30.52 -9.15
C GLY D 94 -0.58 -31.64 -9.78
N ARG D 95 -0.60 -31.74 -11.10
CA ARG D 95 -1.21 -32.88 -11.80
C ARG D 95 -2.65 -33.32 -11.49
N LEU D 96 -3.53 -32.39 -11.23
CA LEU D 96 -4.94 -32.69 -11.02
C LEU D 96 -5.74 -31.40 -10.99
N ILE D 97 -6.67 -31.28 -11.92
CA ILE D 97 -7.57 -30.14 -12.00
C ILE D 97 -8.97 -30.71 -11.82
N PHE D 98 -9.46 -30.74 -10.58
CA PHE D 98 -10.76 -31.36 -10.35
C PHE D 98 -11.83 -30.36 -10.73
N ARG D 99 -12.36 -30.47 -11.95
CA ARG D 99 -13.43 -29.59 -12.39
C ARG D 99 -14.72 -29.90 -11.63
N ASP D 100 -15.56 -28.89 -11.48
CA ASP D 100 -16.80 -29.05 -10.74
C ASP D 100 -17.76 -29.96 -11.49
N ALA D 101 -18.70 -30.53 -10.76
CA ALA D 101 -19.70 -31.42 -11.33
C ALA D 101 -21.07 -30.79 -11.19
N PHE D 102 -21.80 -30.73 -12.29
CA PHE D 102 -23.12 -30.12 -12.34
C PHE D 102 -24.18 -31.20 -12.51
N LEU D 103 -25.42 -30.84 -12.19
CA LEU D 103 -26.53 -31.79 -12.22
C LEU D 103 -26.82 -32.17 -13.67
N SER D 104 -26.51 -33.41 -14.03
CA SER D 104 -26.59 -33.82 -15.43
C SER D 104 -28.01 -34.18 -15.84
N ASN D 105 -28.68 -35.04 -15.08
CA ASN D 105 -29.98 -35.59 -15.53
C ASN D 105 -31.14 -34.76 -14.99
N ALA D 106 -31.17 -33.50 -15.41
CA ALA D 106 -32.31 -32.66 -15.07
C ALA D 106 -33.57 -33.07 -15.83
N ASP D 107 -33.42 -33.84 -16.91
CA ASP D 107 -34.53 -34.33 -17.71
C ASP D 107 -35.04 -35.68 -17.24
N GLU D 108 -34.14 -36.55 -16.79
CA GLU D 108 -34.56 -37.82 -16.21
C GLU D 108 -35.31 -37.62 -14.91
N LEU D 109 -34.91 -36.64 -14.10
CA LEU D 109 -35.66 -36.33 -12.89
C LEU D 109 -36.99 -35.69 -13.22
N ASP D 110 -37.05 -34.88 -14.28
CA ASP D 110 -38.35 -34.40 -14.74
C ASP D 110 -39.16 -35.49 -15.41
N SER D 111 -38.52 -36.53 -15.93
CA SER D 111 -39.27 -37.65 -16.48
C SER D 111 -39.97 -38.42 -15.37
N LEU D 112 -39.29 -38.60 -14.25
CA LEU D 112 -39.94 -39.21 -13.09
C LEU D 112 -40.71 -38.14 -12.33
N GLY D 113 -41.37 -38.55 -11.26
CA GLY D 113 -42.22 -37.64 -10.53
C GLY D 113 -41.50 -36.78 -9.52
N VAL D 114 -40.73 -35.81 -9.98
CA VAL D 114 -39.93 -34.96 -9.11
C VAL D 114 -40.40 -33.52 -9.26
N ARG D 115 -40.82 -32.92 -8.16
CA ARG D 115 -41.21 -31.52 -8.18
C ARG D 115 -40.00 -30.60 -8.15
N SER D 116 -39.20 -30.70 -7.09
CA SER D 116 -38.03 -29.85 -6.91
C SER D 116 -36.77 -30.70 -6.86
N TYR D 117 -35.67 -30.15 -7.36
CA TYR D 117 -34.41 -30.87 -7.41
C TYR D 117 -33.70 -30.94 -6.08
N THR D 118 -34.17 -30.23 -5.06
CA THR D 118 -33.58 -30.26 -3.73
C THR D 118 -34.68 -30.61 -2.74
N GLU D 119 -34.66 -31.84 -2.25
CA GLU D 119 -35.57 -32.20 -1.19
C GLU D 119 -35.12 -31.58 0.12
N VAL D 120 -36.07 -31.33 1.01
CA VAL D 120 -35.81 -30.70 2.29
C VAL D 120 -36.22 -31.67 3.39
N LYS D 121 -35.32 -31.92 4.32
CA LYS D 121 -35.54 -32.89 5.38
C LYS D 121 -35.55 -32.21 6.73
N PHE D 122 -36.50 -32.58 7.58
CA PHE D 122 -36.60 -31.99 8.91
C PHE D 122 -35.94 -32.99 9.86
N GLU D 123 -35.15 -32.49 10.83
CA GLU D 123 -34.20 -33.41 11.46
C GLU D 123 -34.15 -33.50 12.99
N ASN D 124 -34.56 -32.48 13.76
CA ASN D 124 -35.01 -32.67 15.15
C ASN D 124 -33.94 -33.25 16.08
N THR D 125 -32.99 -32.42 16.47
CA THR D 125 -32.11 -32.82 17.57
C THR D 125 -32.93 -32.98 18.85
N ILE D 126 -33.16 -34.22 19.27
CA ILE D 126 -33.95 -34.49 20.46
C ILE D 126 -33.03 -34.44 21.68
N ASP D 127 -33.38 -33.60 22.65
CA ASP D 127 -32.62 -33.54 23.89
C ASP D 127 -32.90 -34.78 24.71
N ARG D 128 -31.85 -35.41 25.24
CA ARG D 128 -32.06 -36.70 25.88
C ARG D 128 -32.48 -36.58 27.34
N ILE D 129 -32.57 -35.37 27.89
CA ILE D 129 -33.38 -35.14 29.07
C ILE D 129 -34.31 -34.00 28.71
N THR D 130 -35.51 -34.01 29.30
CA THR D 130 -36.71 -33.20 29.03
C THR D 130 -37.36 -33.49 27.68
N ALA D 131 -36.72 -34.33 26.84
CA ALA D 131 -37.19 -34.76 25.52
C ALA D 131 -37.59 -33.62 24.60
N GLU D 132 -37.08 -32.41 24.81
CA GLU D 132 -37.57 -31.26 24.06
C GLU D 132 -36.77 -31.10 22.78
N ALA D 133 -37.48 -30.70 21.73
CA ALA D 133 -37.01 -30.82 20.36
C ALA D 133 -36.13 -29.64 19.99
N ASN D 134 -35.58 -29.71 18.78
CA ASN D 134 -34.77 -28.64 18.19
C ASN D 134 -34.70 -28.88 16.69
N PRO D 135 -35.72 -28.52 15.93
CA PRO D 135 -35.76 -28.92 14.53
C PRO D 135 -34.85 -28.07 13.67
N ARG D 136 -34.42 -28.67 12.57
CA ARG D 136 -33.70 -27.99 11.53
C ARG D 136 -34.21 -28.51 10.21
N GLN D 137 -34.09 -27.70 9.17
CA GLN D 137 -34.57 -28.08 7.84
C GLN D 137 -33.37 -28.01 6.91
N ILE D 138 -32.71 -29.08 6.73
CA ILE D 138 -31.55 -29.02 5.84
C ILE D 138 -31.99 -29.46 4.46
N GLU D 139 -31.21 -29.03 3.47
CA GLU D 139 -31.56 -29.16 2.08
C GLU D 139 -30.52 -30.04 1.41
N ARG D 140 -30.96 -31.03 0.66
CA ARG D 140 -30.03 -31.93 0.02
C ARG D 140 -30.47 -32.25 -1.40
N ALA D 141 -29.50 -32.64 -2.22
CA ALA D 141 -29.81 -33.15 -3.54
C ALA D 141 -30.49 -34.51 -3.40
N ILE D 142 -31.19 -34.91 -4.46
CA ILE D 142 -32.11 -36.01 -4.37
C ILE D 142 -31.43 -37.28 -4.84
N ARG D 143 -32.12 -38.41 -4.66
CA ARG D 143 -31.47 -39.70 -4.52
C ARG D 143 -30.82 -40.18 -5.81
N ASN D 144 -31.52 -40.10 -6.93
CA ASN D 144 -30.97 -40.58 -8.19
C ASN D 144 -30.52 -39.45 -9.08
N SER D 145 -29.97 -38.40 -8.49
CA SER D 145 -29.29 -37.38 -9.28
C SER D 145 -27.99 -37.93 -9.84
N THR D 146 -27.50 -37.29 -10.89
CA THR D 146 -26.19 -37.67 -11.39
C THR D 146 -25.46 -36.43 -11.87
N PHE D 147 -24.14 -36.57 -11.99
CA PHE D 147 -23.26 -35.43 -12.14
C PHE D 147 -22.19 -35.74 -13.17
N ASP D 148 -21.93 -34.80 -14.07
CA ASP D 148 -20.81 -34.94 -15.00
C ASP D 148 -19.52 -34.60 -14.29
N PHE D 149 -18.69 -35.59 -14.07
CA PHE D 149 -17.48 -35.45 -13.28
C PHE D 149 -16.27 -35.41 -14.20
N GLU D 150 -15.79 -34.21 -14.47
CA GLU D 150 -14.58 -34.03 -15.25
C GLU D 150 -13.37 -34.05 -14.34
N LEU D 151 -12.26 -34.57 -14.87
CA LEU D 151 -11.01 -34.56 -14.14
C LEU D 151 -9.90 -34.60 -15.16
N ILE D 152 -8.94 -33.70 -15.06
CA ILE D 152 -7.92 -33.51 -16.08
C ILE D 152 -6.56 -33.79 -15.47
N TYR D 153 -5.78 -34.63 -16.15
CA TYR D 153 -4.47 -35.06 -15.68
C TYR D 153 -3.41 -34.54 -16.64
N GLU D 154 -2.42 -33.84 -16.09
CA GLU D 154 -1.30 -33.30 -16.87
C GLU D 154 -0.19 -34.34 -16.95
N ILE D 155 0.49 -34.39 -18.09
CA ILE D 155 1.69 -35.21 -18.25
C ILE D 155 2.77 -34.31 -18.83
N THR D 156 3.67 -33.83 -17.98
CA THR D 156 4.73 -32.93 -18.38
C THR D 156 5.97 -33.74 -18.76
N ASP D 157 7.13 -33.10 -18.84
CA ASP D 157 8.39 -33.79 -19.06
C ASP D 157 9.02 -34.26 -17.74
N GLU D 158 8.21 -34.89 -16.91
CA GLU D 158 8.68 -35.58 -15.72
C GLU D 158 8.01 -36.92 -15.51
N ASN D 159 6.83 -37.14 -16.06
CA ASN D 159 6.11 -38.41 -15.94
C ASN D 159 6.70 -39.40 -16.94
N GLU D 160 7.81 -40.01 -16.53
CA GLU D 160 8.42 -41.06 -17.35
C GLU D 160 7.56 -42.31 -17.31
N ASN D 161 7.38 -42.88 -16.13
CA ASN D 161 6.49 -44.01 -15.90
C ASN D 161 5.57 -43.78 -14.71
N GLN D 162 5.43 -42.52 -14.28
CA GLN D 162 4.58 -42.17 -13.16
C GLN D 162 3.12 -42.01 -13.55
N VAL D 163 2.79 -42.18 -14.83
CA VAL D 163 1.40 -42.09 -15.26
C VAL D 163 0.61 -43.26 -14.71
N GLU D 164 1.18 -44.47 -14.78
CA GLU D 164 0.50 -45.64 -14.27
C GLU D 164 0.51 -45.67 -12.76
N GLU D 165 1.59 -45.21 -12.13
CA GLU D 165 1.65 -45.16 -10.68
C GLU D 165 0.65 -44.18 -10.10
N ASP D 166 0.41 -43.06 -10.78
CA ASP D 166 -0.59 -42.12 -10.32
C ASP D 166 -2.00 -42.62 -10.54
N PHE D 167 -2.22 -43.54 -11.48
CA PHE D 167 -3.59 -43.98 -11.73
C PHE D 167 -3.97 -45.16 -10.86
N LYS D 168 -2.99 -45.82 -10.24
CA LYS D 168 -3.28 -46.67 -9.10
C LYS D 168 -3.78 -45.86 -7.92
N VAL D 169 -3.43 -44.58 -7.84
CA VAL D 169 -3.85 -43.72 -6.75
C VAL D 169 -5.23 -43.14 -7.02
N ILE D 170 -5.50 -42.74 -8.26
CA ILE D 170 -6.78 -42.09 -8.56
C ILE D 170 -7.91 -43.10 -8.52
N ARG D 171 -7.67 -44.35 -8.90
CA ARG D 171 -8.62 -45.41 -8.64
C ARG D 171 -8.38 -46.09 -7.31
N ASP D 172 -7.76 -45.39 -6.36
CA ASP D 172 -7.77 -45.74 -4.96
C ASP D 172 -8.52 -44.71 -4.14
N GLY D 173 -8.65 -43.49 -4.64
CA GLY D 173 -9.41 -42.46 -3.96
C GLY D 173 -10.84 -42.39 -4.45
N LEU D 174 -11.10 -42.81 -5.69
CA LEU D 174 -12.47 -42.81 -6.17
C LEU D 174 -13.24 -44.02 -5.70
N LYS D 175 -12.59 -45.18 -5.61
CA LYS D 175 -13.27 -46.34 -5.05
C LYS D 175 -13.26 -46.33 -3.54
N LEU D 176 -12.70 -45.30 -2.92
CA LEU D 176 -12.78 -45.14 -1.48
C LEU D 176 -13.82 -44.10 -1.09
N LEU D 177 -14.11 -43.14 -1.97
CA LEU D 177 -15.30 -42.31 -1.81
C LEU D 177 -16.59 -43.11 -1.95
N GLU D 178 -16.56 -44.27 -2.59
CA GLU D 178 -17.71 -45.15 -2.53
C GLU D 178 -17.93 -45.69 -1.12
N LEU D 179 -16.86 -45.75 -0.33
CA LEU D 179 -16.91 -46.12 1.07
C LEU D 179 -16.97 -44.93 2.00
N ASP D 180 -17.08 -43.72 1.48
CA ASP D 180 -17.10 -42.53 2.32
C ASP D 180 -18.17 -41.61 1.73
N TYR D 181 -18.20 -40.32 2.12
CA TYR D 181 -19.46 -39.63 1.97
C TYR D 181 -19.48 -38.22 1.37
N LEU D 182 -18.42 -37.76 0.71
CA LEU D 182 -18.40 -36.46 -0.02
C LEU D 182 -18.80 -35.24 0.80
N GLY D 183 -18.65 -35.29 2.12
CA GLY D 183 -18.99 -34.12 2.90
C GLY D 183 -20.47 -33.93 3.10
N GLY D 184 -20.82 -33.23 4.16
CA GLY D 184 -22.20 -33.08 4.52
C GLY D 184 -22.41 -33.50 5.94
N SER D 185 -23.15 -34.56 6.17
CA SER D 185 -23.20 -35.15 7.49
C SER D 185 -22.67 -36.56 7.50
N GLY D 186 -23.04 -37.36 6.52
CA GLY D 186 -22.33 -38.61 6.30
C GLY D 186 -22.55 -39.73 7.25
N SER D 187 -22.40 -39.48 8.52
CA SER D 187 -22.74 -40.42 9.54
C SER D 187 -24.24 -40.54 9.76
N ARG D 188 -25.08 -39.95 8.91
CA ARG D 188 -26.52 -40.05 8.95
C ARG D 188 -27.06 -40.23 7.54
N GLY D 189 -26.37 -41.01 6.73
CA GLY D 189 -26.70 -41.14 5.32
C GLY D 189 -25.89 -40.15 4.50
N TYR D 190 -26.57 -39.38 3.67
CA TYR D 190 -25.97 -38.20 3.04
C TYR D 190 -24.62 -38.29 2.32
N GLY D 191 -24.34 -39.35 1.59
CA GLY D 191 -23.04 -39.38 0.97
C GLY D 191 -22.67 -40.41 -0.04
N LYS D 192 -23.17 -41.63 0.16
CA LYS D 192 -22.77 -42.73 -0.68
C LYS D 192 -23.01 -42.47 -2.14
N VAL D 193 -21.97 -42.74 -2.92
CA VAL D 193 -21.99 -42.52 -4.34
C VAL D 193 -21.34 -43.63 -5.11
N ALA D 194 -21.83 -43.83 -6.31
CA ALA D 194 -21.29 -44.81 -7.26
C ALA D 194 -20.76 -44.05 -8.47
N PHE D 195 -19.45 -44.08 -8.66
CA PHE D 195 -18.80 -43.44 -9.80
C PHE D 195 -19.01 -44.30 -11.04
N GLU D 196 -20.03 -43.98 -11.80
CA GLU D 196 -20.29 -44.70 -13.05
C GLU D 196 -19.40 -44.17 -14.16
N ASN D 197 -19.08 -45.06 -15.10
CA ASN D 197 -18.50 -44.73 -16.42
C ASN D 197 -17.13 -44.09 -16.30
N LEU D 198 -16.25 -44.71 -15.53
CA LEU D 198 -14.85 -44.26 -15.43
C LEU D 198 -14.18 -44.48 -16.77
N LYS D 199 -13.84 -43.40 -17.47
CA LYS D 199 -13.43 -43.52 -18.87
C LYS D 199 -12.43 -42.42 -19.19
N ALA D 200 -11.15 -42.79 -19.24
CA ALA D 200 -10.11 -41.84 -19.61
C ALA D 200 -10.15 -41.54 -21.10
N THR D 201 -9.66 -40.36 -21.45
CA THR D 201 -9.53 -39.94 -22.85
C THR D 201 -8.51 -38.82 -22.91
N THR D 202 -7.93 -38.64 -24.10
CA THR D 202 -7.01 -37.54 -24.33
C THR D 202 -7.75 -36.31 -24.85
N VAL D 203 -7.36 -35.15 -24.35
CA VAL D 203 -7.84 -33.89 -24.89
C VAL D 203 -6.74 -33.04 -25.48
N PHE D 204 -5.47 -33.30 -25.17
CA PHE D 204 -4.37 -32.58 -25.77
C PHE D 204 -3.14 -33.47 -25.72
N GLY D 205 -2.30 -33.36 -26.74
CA GLY D 205 -1.08 -34.13 -26.81
C GLY D 205 -1.32 -35.47 -27.47
N ASN D 206 -0.40 -36.40 -27.21
CA ASN D 206 -0.49 -37.76 -27.72
C ASN D 206 -0.08 -38.70 -26.60
N TYR D 207 -1.03 -39.45 -26.08
CA TYR D 207 -0.70 -40.47 -25.10
C TYR D 207 -1.68 -41.62 -25.25
N ASP D 208 -1.15 -42.83 -25.36
CA ASP D 208 -1.99 -44.02 -25.54
C ASP D 208 -2.74 -44.32 -24.26
N VAL D 209 -4.07 -44.34 -24.34
CA VAL D 209 -4.93 -44.55 -23.17
C VAL D 209 -5.57 -45.93 -23.17
N LYS D 210 -5.27 -46.77 -24.15
CA LYS D 210 -5.88 -48.09 -24.16
C LYS D 210 -5.29 -49.02 -23.13
N THR D 211 -4.06 -48.75 -22.69
CA THR D 211 -3.50 -49.42 -21.52
C THR D 211 -3.97 -48.81 -20.21
N LEU D 212 -4.77 -47.75 -20.26
CA LEU D 212 -5.28 -47.11 -19.06
C LEU D 212 -6.69 -47.57 -18.74
N ASN D 213 -7.49 -47.90 -19.76
CA ASN D 213 -8.86 -48.34 -19.54
C ASN D 213 -8.91 -49.83 -19.26
N GLU D 214 -8.08 -50.31 -18.33
CA GLU D 214 -8.09 -51.71 -17.94
C GLU D 214 -8.06 -51.83 -16.43
N LEU D 215 -7.51 -50.81 -15.77
CA LEU D 215 -7.54 -50.72 -14.32
C LEU D 215 -8.57 -49.73 -13.81
N LEU D 216 -9.01 -48.80 -14.66
CA LEU D 216 -10.15 -47.97 -14.31
C LEU D 216 -11.42 -48.80 -14.25
N THR D 217 -11.57 -49.74 -15.18
CA THR D 217 -12.75 -50.59 -15.30
C THR D 217 -12.44 -52.03 -14.90
N ALA D 218 -11.60 -52.21 -13.90
CA ALA D 218 -11.27 -53.54 -13.41
C ALA D 218 -12.23 -53.98 -12.31
N THR E 2 2.47 -5.00 -45.98
CA THR E 2 2.56 -3.73 -45.30
C THR E 2 2.22 -3.88 -43.81
N PHE E 3 2.19 -2.77 -43.08
CA PHE E 3 1.82 -2.78 -41.68
C PHE E 3 0.33 -3.06 -41.52
N ALA E 4 -0.01 -3.97 -40.61
CA ALA E 4 -1.41 -4.33 -40.40
C ALA E 4 -1.62 -4.81 -38.98
N LYS E 5 -2.82 -4.57 -38.47
CA LYS E 5 -3.24 -5.07 -37.16
C LYS E 5 -4.57 -5.78 -37.30
N ILE E 6 -4.63 -7.03 -36.87
CA ILE E 6 -5.86 -7.79 -36.91
C ILE E 6 -6.33 -8.00 -35.48
N LYS E 7 -7.53 -8.58 -35.34
CA LYS E 7 -8.29 -8.49 -34.09
C LYS E 7 -9.10 -9.76 -33.89
N PHE E 8 -8.92 -10.41 -32.74
CA PHE E 8 -9.58 -11.68 -32.43
C PHE E 8 -10.74 -11.46 -31.49
N SER E 9 -11.90 -11.15 -32.04
CA SER E 9 -13.07 -10.92 -31.22
C SER E 9 -13.68 -12.25 -30.85
N ALA E 10 -13.17 -12.87 -29.79
CA ALA E 10 -13.76 -14.06 -29.22
C ALA E 10 -14.56 -13.69 -27.97
N GLN E 11 -15.31 -14.67 -27.49
CA GLN E 11 -16.34 -14.46 -26.48
C GLN E 11 -16.07 -15.44 -25.36
N ILE E 12 -15.46 -14.99 -24.27
CA ILE E 12 -15.08 -15.91 -23.20
C ILE E 12 -16.34 -16.25 -22.42
N ARG E 13 -16.90 -17.45 -22.64
CA ARG E 13 -17.85 -17.92 -21.66
C ARG E 13 -17.12 -18.49 -20.48
N LEU E 14 -17.90 -18.79 -19.45
CA LEU E 14 -17.40 -19.44 -18.27
C LEU E 14 -18.19 -20.73 -18.05
N GLU E 15 -17.56 -21.68 -17.39
CA GLU E 15 -18.20 -22.78 -16.71
C GLU E 15 -17.35 -22.96 -15.47
N THR E 16 -17.98 -23.28 -14.33
CA THR E 16 -17.33 -23.34 -13.01
C THR E 16 -16.59 -22.02 -12.73
N GLY E 17 -17.38 -20.98 -12.51
CA GLY E 17 -16.96 -19.59 -12.66
C GLY E 17 -15.67 -19.07 -12.06
N LEU E 18 -15.16 -17.99 -12.64
CA LEU E 18 -13.84 -17.44 -12.40
C LEU E 18 -13.65 -16.93 -10.99
N HIS E 19 -12.39 -16.86 -10.59
CA HIS E 19 -11.95 -16.09 -9.43
C HIS E 19 -10.55 -15.57 -9.76
N ILE E 20 -10.49 -14.38 -10.33
CA ILE E 20 -9.22 -13.70 -10.52
C ILE E 20 -9.10 -12.72 -9.37
N GLY E 21 -8.20 -13.02 -8.45
CA GLY E 21 -8.14 -12.26 -7.22
C GLY E 21 -7.67 -10.85 -7.44
N GLY E 22 -8.17 -9.95 -6.61
CA GLY E 22 -7.78 -8.57 -6.69
C GLY E 22 -7.21 -8.11 -5.37
N SER E 23 -7.89 -7.16 -4.74
CA SER E 23 -7.40 -6.57 -3.50
C SER E 23 -7.52 -7.58 -2.38
N ASP E 24 -6.45 -8.32 -2.13
CA ASP E 24 -6.43 -9.28 -1.03
C ASP E 24 -6.02 -8.66 0.29
N ALA E 25 -6.29 -7.37 0.46
CA ALA E 25 -5.93 -6.64 1.66
C ALA E 25 -6.82 -7.07 2.83
N PHE E 26 -6.61 -6.40 3.96
CA PHE E 26 -7.32 -6.76 5.18
C PHE E 26 -8.78 -6.34 5.07
N ALA E 27 -9.64 -7.27 4.69
CA ALA E 27 -11.03 -6.97 4.40
C ALA E 27 -11.82 -6.82 5.69
N ALA E 28 -13.14 -6.76 5.58
CA ALA E 28 -13.97 -6.65 6.76
C ALA E 28 -14.09 -8.01 7.45
N ILE E 29 -14.84 -8.05 8.55
CA ILE E 29 -14.81 -9.20 9.45
C ILE E 29 -15.67 -10.34 8.90
N GLY E 30 -16.94 -10.07 8.65
CA GLY E 30 -17.73 -11.15 8.11
C GLY E 30 -17.74 -11.20 6.61
N ALA E 31 -16.96 -10.34 5.97
CA ALA E 31 -17.06 -10.10 4.54
C ALA E 31 -16.29 -11.14 3.75
N ILE E 32 -16.07 -10.83 2.47
CA ILE E 32 -15.40 -11.74 1.56
C ILE E 32 -13.93 -11.80 1.94
N ASN E 33 -13.39 -13.00 2.05
CA ASN E 33 -12.00 -13.14 2.39
C ASN E 33 -11.10 -13.08 1.17
N SER E 34 -11.66 -13.21 -0.03
CA SER E 34 -10.88 -13.15 -1.26
C SER E 34 -11.77 -12.61 -2.36
N PRO E 35 -11.78 -11.30 -2.56
CA PRO E 35 -12.67 -10.73 -3.58
C PRO E 35 -12.06 -10.80 -4.97
N VAL E 36 -12.94 -10.90 -5.96
CA VAL E 36 -12.51 -10.90 -7.34
C VAL E 36 -12.13 -9.49 -7.75
N ILE E 37 -11.37 -9.36 -8.83
CA ILE E 37 -11.00 -8.04 -9.34
C ILE E 37 -12.19 -7.47 -10.09
N LYS E 38 -12.40 -6.16 -9.96
CA LYS E 38 -13.61 -5.53 -10.45
C LYS E 38 -13.27 -4.17 -11.06
N ASP E 39 -14.30 -3.48 -11.48
CA ASP E 39 -14.32 -2.17 -12.13
C ASP E 39 -14.67 -1.11 -11.10
N PRO E 40 -14.01 0.03 -11.05
CA PRO E 40 -14.46 1.06 -10.12
C PRO E 40 -15.69 1.78 -10.59
N ILE E 41 -15.94 1.78 -11.90
CA ILE E 41 -17.10 2.49 -12.44
C ILE E 41 -18.38 1.71 -12.13
N THR E 42 -18.42 0.44 -12.50
CA THR E 42 -19.65 -0.33 -12.47
C THR E 42 -19.67 -1.47 -11.48
N ASN E 43 -18.51 -1.84 -10.90
CA ASN E 43 -18.36 -2.99 -9.99
C ASN E 43 -18.85 -4.29 -10.63
N LEU E 44 -18.32 -4.59 -11.79
CA LEU E 44 -18.58 -5.82 -12.49
C LEU E 44 -17.30 -6.64 -12.55
N PRO E 45 -17.38 -7.94 -12.76
CA PRO E 45 -16.16 -8.73 -12.92
C PRO E 45 -15.40 -8.40 -14.19
N ILE E 46 -14.08 -8.49 -14.09
CA ILE E 46 -13.17 -8.29 -15.21
C ILE E 46 -12.19 -9.44 -15.23
N ILE E 47 -12.09 -10.12 -16.38
CA ILE E 47 -10.86 -10.84 -16.66
C ILE E 47 -9.90 -9.79 -17.20
N PRO E 48 -8.80 -9.51 -16.51
CA PRO E 48 -7.82 -8.58 -17.08
C PRO E 48 -7.07 -9.24 -18.22
N GLY E 49 -6.47 -8.41 -19.06
CA GLY E 49 -5.68 -8.94 -20.14
C GLY E 49 -4.37 -9.53 -19.68
N SER E 50 -3.92 -9.19 -18.48
CA SER E 50 -2.65 -9.69 -17.99
C SER E 50 -2.77 -11.12 -17.51
N SER E 51 -3.92 -11.53 -16.98
CA SER E 51 -4.11 -12.92 -16.60
C SER E 51 -4.37 -13.82 -17.78
N LEU E 52 -4.86 -13.28 -18.88
CA LEU E 52 -4.90 -14.06 -20.11
C LEU E 52 -3.50 -14.29 -20.64
N LYS E 53 -2.66 -13.27 -20.60
CA LYS E 53 -1.35 -13.36 -21.23
C LYS E 53 -0.39 -14.23 -20.43
N GLY E 54 -0.47 -14.16 -19.11
CA GLY E 54 0.40 -15.00 -18.31
C GLY E 54 0.00 -16.46 -18.33
N LYS E 55 -1.31 -16.74 -18.39
CA LYS E 55 -1.72 -18.13 -18.54
C LYS E 55 -1.42 -18.66 -19.92
N MET E 56 -1.48 -17.81 -20.94
CA MET E 56 -1.27 -18.32 -22.29
C MET E 56 0.19 -18.54 -22.59
N ARG E 57 1.11 -17.84 -21.93
CA ARG E 57 2.53 -18.17 -22.07
C ARG E 57 2.83 -19.51 -21.42
N THR E 58 2.52 -19.64 -20.13
CA THR E 58 2.94 -20.79 -19.34
C THR E 58 2.26 -22.08 -19.76
N LEU E 59 1.22 -22.02 -20.59
CA LEU E 59 0.72 -23.20 -21.26
C LEU E 59 1.43 -23.45 -22.57
N LEU E 60 1.74 -22.39 -23.32
CA LEU E 60 2.52 -22.55 -24.52
C LEU E 60 4.00 -22.72 -24.24
N ALA E 61 4.45 -22.38 -23.03
CA ALA E 61 5.82 -22.66 -22.65
C ALA E 61 6.07 -24.14 -22.43
N LYS E 62 5.02 -24.89 -22.10
CA LYS E 62 5.16 -26.33 -21.94
C LYS E 62 5.08 -27.05 -23.26
N VAL E 63 4.60 -26.40 -24.30
CA VAL E 63 4.41 -27.01 -25.60
C VAL E 63 5.48 -26.58 -26.59
N TYR E 64 5.65 -25.27 -26.76
CA TYR E 64 6.54 -24.71 -27.78
C TYR E 64 7.91 -24.36 -27.26
N ASN E 65 8.42 -25.07 -26.27
CA ASN E 65 9.80 -24.89 -25.83
C ASN E 65 10.52 -26.22 -25.81
N GLU E 66 11.66 -26.28 -26.48
CA GLU E 66 12.52 -27.46 -26.38
C GLU E 66 13.18 -27.52 -25.01
N LYS E 67 13.98 -26.52 -24.68
CA LYS E 67 14.62 -26.47 -23.38
C LYS E 67 13.67 -25.87 -22.36
N VAL E 68 13.63 -26.47 -21.18
CA VAL E 68 12.77 -26.01 -20.11
C VAL E 68 13.27 -24.66 -19.61
N ALA E 69 12.44 -23.63 -19.77
CA ALA E 69 12.84 -22.28 -19.43
C ALA E 69 12.89 -22.07 -17.92
N GLU E 70 13.91 -21.37 -17.45
CA GLU E 70 14.02 -21.02 -16.05
C GLU E 70 13.34 -19.70 -15.74
N LYS E 71 13.03 -18.90 -16.76
CA LYS E 71 12.53 -17.55 -16.60
C LYS E 71 11.87 -17.15 -17.92
N PRO E 72 10.97 -16.16 -17.91
CA PRO E 72 10.27 -15.78 -19.15
C PRO E 72 11.17 -15.20 -20.22
N SER E 73 12.40 -14.83 -19.91
CA SER E 73 13.36 -14.34 -20.89
C SER E 73 14.06 -15.47 -21.64
N ASP E 74 13.70 -16.71 -21.37
CA ASP E 74 14.38 -17.88 -21.93
C ASP E 74 13.39 -18.71 -22.72
N ASP E 75 12.47 -18.06 -23.41
CA ASP E 75 11.53 -18.80 -24.26
C ASP E 75 12.19 -19.14 -25.59
N SER E 76 11.41 -19.78 -26.45
CA SER E 76 11.84 -20.03 -27.81
C SER E 76 11.68 -18.77 -28.64
N ASP E 77 12.07 -18.85 -29.92
CA ASP E 77 11.83 -17.74 -30.82
C ASP E 77 10.37 -17.64 -31.23
N ILE E 78 9.57 -18.67 -30.93
CA ILE E 78 8.16 -18.62 -31.26
C ILE E 78 7.35 -17.94 -30.16
N LEU E 79 7.77 -18.05 -28.90
CA LEU E 79 7.02 -17.38 -27.85
C LEU E 79 7.52 -15.98 -27.59
N SER E 80 8.82 -15.76 -27.68
CA SER E 80 9.38 -14.46 -27.34
C SER E 80 9.00 -13.40 -28.35
N ARG E 81 8.61 -13.77 -29.56
CA ARG E 81 8.11 -12.74 -30.46
C ARG E 81 6.60 -12.59 -30.39
N LEU E 82 5.86 -13.62 -30.01
CA LEU E 82 4.44 -13.43 -29.82
C LEU E 82 4.13 -12.76 -28.49
N PHE E 83 4.86 -13.10 -27.44
CA PHE E 83 4.50 -12.62 -26.12
C PHE E 83 5.50 -11.63 -25.57
N GLY E 84 6.44 -11.17 -26.37
CA GLY E 84 7.35 -10.13 -25.93
C GLY E 84 8.48 -10.65 -25.06
N ASN E 85 9.66 -10.06 -25.20
CA ASN E 85 10.83 -10.52 -24.48
C ASN E 85 11.73 -9.34 -24.20
N SER E 86 12.22 -9.25 -22.97
CA SER E 86 12.97 -8.09 -22.53
C SER E 86 14.47 -8.26 -22.63
N LYS E 87 14.95 -9.38 -23.17
CA LYS E 87 16.38 -9.59 -23.31
C LYS E 87 16.83 -9.78 -24.75
N ASP E 88 15.90 -9.97 -25.67
CA ASP E 88 16.25 -10.00 -27.08
C ASP E 88 16.32 -8.59 -27.62
N LYS E 89 17.29 -8.36 -28.51
CA LYS E 89 17.38 -7.07 -29.18
C LYS E 89 16.20 -6.88 -30.14
N ARG E 90 15.70 -7.97 -30.71
CA ARG E 90 14.64 -7.90 -31.70
C ARG E 90 13.26 -7.91 -31.06
N PHE E 91 13.04 -8.82 -30.12
CA PHE E 91 11.72 -9.26 -29.73
C PHE E 91 11.12 -8.43 -28.61
N LYS E 92 11.68 -7.27 -28.32
CA LYS E 92 10.99 -6.34 -27.45
C LYS E 92 9.79 -5.76 -28.17
N MET E 93 8.69 -5.61 -27.41
CA MET E 93 7.40 -5.04 -27.92
C MET E 93 6.95 -5.80 -29.17
N GLY E 94 6.72 -7.12 -29.08
CA GLY E 94 6.33 -7.79 -30.33
C GLY E 94 5.08 -8.65 -30.38
N ARG E 95 4.19 -8.31 -31.31
CA ARG E 95 3.04 -9.09 -31.85
C ARG E 95 1.80 -9.34 -30.97
N LEU E 96 1.60 -8.76 -29.80
CA LEU E 96 0.31 -9.10 -29.22
C LEU E 96 -0.08 -8.10 -28.16
N ILE E 97 -1.36 -7.72 -28.16
CA ILE E 97 -1.93 -6.78 -27.21
C ILE E 97 -3.17 -7.45 -26.67
N PHE E 98 -3.12 -7.88 -25.41
CA PHE E 98 -4.25 -8.61 -24.82
C PHE E 98 -5.11 -7.60 -24.08
N ARG E 99 -6.26 -7.25 -24.63
CA ARG E 99 -7.11 -6.28 -23.96
C ARG E 99 -7.90 -6.98 -22.85
N ASP E 100 -8.42 -6.17 -21.93
CA ASP E 100 -9.19 -6.72 -20.83
C ASP E 100 -10.57 -7.15 -21.31
N ALA E 101 -11.23 -7.94 -20.48
CA ALA E 101 -12.55 -8.46 -20.79
C ALA E 101 -13.59 -7.77 -19.90
N PHE E 102 -14.74 -7.42 -20.47
CA PHE E 102 -15.64 -6.50 -19.80
C PHE E 102 -17.11 -6.91 -19.88
N LEU E 103 -17.41 -8.18 -19.62
CA LEU E 103 -18.72 -8.63 -19.11
C LEU E 103 -19.87 -8.26 -20.06
N SER E 104 -19.88 -8.94 -21.21
CA SER E 104 -20.76 -8.58 -22.31
C SER E 104 -22.23 -8.80 -21.98
N ASN E 105 -22.57 -9.95 -21.40
CA ASN E 105 -23.97 -10.28 -21.16
C ASN E 105 -24.45 -9.77 -19.79
N ALA E 106 -24.33 -8.46 -19.60
CA ALA E 106 -24.87 -7.87 -18.38
C ALA E 106 -26.39 -7.84 -18.39
N ASP E 107 -27.00 -7.73 -19.57
CA ASP E 107 -28.44 -7.73 -19.68
C ASP E 107 -29.03 -9.12 -19.79
N GLU E 108 -28.30 -10.05 -20.41
CA GLU E 108 -28.79 -11.41 -20.57
C GLU E 108 -28.85 -12.15 -19.25
N LEU E 109 -27.84 -11.96 -18.40
CA LEU E 109 -27.88 -12.57 -17.07
C LEU E 109 -28.98 -11.96 -16.22
N ASP E 110 -29.19 -10.66 -16.35
CA ASP E 110 -30.18 -10.00 -15.51
C ASP E 110 -31.61 -10.24 -16.00
N SER E 111 -31.78 -10.73 -17.23
CA SER E 111 -33.11 -11.17 -17.64
C SER E 111 -33.49 -12.48 -16.97
N LEU E 112 -32.49 -13.28 -16.61
CA LEU E 112 -32.72 -14.52 -15.88
C LEU E 112 -32.77 -14.24 -14.39
N GLY E 113 -32.72 -15.29 -13.58
CA GLY E 113 -32.88 -15.16 -12.15
C GLY E 113 -31.69 -14.62 -11.40
N VAL E 114 -30.68 -14.12 -12.10
CA VAL E 114 -29.44 -13.68 -11.49
C VAL E 114 -29.67 -12.39 -10.72
N ARG E 115 -29.37 -12.41 -9.43
CA ARG E 115 -29.39 -11.19 -8.64
C ARG E 115 -28.08 -10.44 -8.76
N SER E 116 -26.97 -11.13 -8.50
CA SER E 116 -25.65 -10.54 -8.51
C SER E 116 -24.78 -11.25 -9.54
N TYR E 117 -23.90 -10.49 -10.17
CA TYR E 117 -22.99 -11.05 -11.16
C TYR E 117 -21.82 -11.79 -10.54
N THR E 118 -21.71 -11.83 -9.23
CA THR E 118 -20.66 -12.56 -8.52
C THR E 118 -21.31 -13.46 -7.49
N GLU E 119 -21.04 -14.75 -7.55
CA GLU E 119 -21.46 -15.61 -6.46
C GLU E 119 -20.38 -15.71 -5.40
N VAL E 120 -20.80 -15.93 -4.18
CA VAL E 120 -19.90 -16.06 -3.04
C VAL E 120 -20.12 -17.48 -2.53
N LYS E 121 -19.21 -18.38 -2.85
CA LYS E 121 -19.34 -19.71 -2.31
C LYS E 121 -18.62 -19.79 -0.98
N PHE E 122 -19.24 -20.45 -0.01
CA PHE E 122 -18.60 -20.62 1.28
C PHE E 122 -17.84 -21.92 1.21
N GLU E 123 -16.80 -22.00 2.03
CA GLU E 123 -15.78 -22.99 1.74
C GLU E 123 -14.89 -23.09 2.97
N ASN E 124 -14.39 -24.28 3.28
CA ASN E 124 -13.53 -24.37 4.45
C ASN E 124 -12.33 -25.26 4.15
N THR E 125 -11.63 -25.62 5.23
CA THR E 125 -10.58 -26.61 5.20
C THR E 125 -10.53 -27.29 6.56
N ILE E 126 -10.25 -28.58 6.55
CA ILE E 126 -10.23 -29.39 7.75
C ILE E 126 -8.79 -29.74 8.06
N ASP E 127 -8.34 -29.40 9.27
CA ASP E 127 -7.05 -29.85 9.75
C ASP E 127 -7.05 -31.36 9.88
N ARG E 128 -5.92 -31.99 9.53
CA ARG E 128 -5.93 -33.43 9.29
C ARG E 128 -5.87 -34.22 10.59
N ILE E 129 -4.94 -33.86 11.48
CA ILE E 129 -5.15 -34.11 12.89
C ILE E 129 -6.05 -32.99 13.42
N THR E 130 -6.80 -33.28 14.49
CA THR E 130 -7.65 -32.41 15.31
C THR E 130 -8.94 -31.94 14.61
N ALA E 131 -9.11 -32.27 13.34
CA ALA E 131 -10.32 -32.02 12.54
C ALA E 131 -11.03 -30.72 12.91
N GLU E 132 -10.30 -29.63 12.78
CA GLU E 132 -10.86 -28.30 13.00
C GLU E 132 -11.12 -27.64 11.66
N ALA E 133 -12.24 -26.96 11.55
CA ALA E 133 -12.58 -26.26 10.32
C ALA E 133 -12.05 -24.84 10.35
N ASN E 134 -11.70 -24.33 9.16
CA ASN E 134 -11.22 -22.97 9.00
C ASN E 134 -11.90 -22.40 7.77
N PRO E 135 -13.00 -21.70 7.94
CA PRO E 135 -13.86 -21.36 6.79
C PRO E 135 -13.35 -20.17 6.02
N ARG E 136 -13.80 -20.08 4.78
CA ARG E 136 -13.47 -18.93 3.96
C ARG E 136 -14.65 -18.61 3.05
N GLN E 137 -14.81 -17.34 2.76
CA GLN E 137 -15.83 -16.87 1.83
C GLN E 137 -15.08 -16.24 0.68
N ILE E 138 -14.97 -16.92 -0.44
CA ILE E 138 -14.27 -16.37 -1.59
C ILE E 138 -15.27 -16.05 -2.68
N GLU E 139 -15.08 -14.91 -3.31
CA GLU E 139 -16.01 -14.43 -4.31
C GLU E 139 -15.63 -15.05 -5.64
N ARG E 140 -16.58 -15.07 -6.57
CA ARG E 140 -16.48 -15.93 -7.72
C ARG E 140 -17.45 -15.42 -8.77
N ALA E 141 -16.99 -15.21 -9.99
CA ALA E 141 -17.89 -14.83 -11.07
C ALA E 141 -18.83 -16.00 -11.38
N ILE E 142 -20.06 -15.68 -11.76
CA ILE E 142 -21.07 -16.72 -11.88
C ILE E 142 -20.86 -17.49 -13.16
N ARG E 143 -21.59 -18.59 -13.34
CA ARG E 143 -21.21 -19.62 -14.31
C ARG E 143 -21.42 -19.17 -15.74
N ASN E 144 -22.55 -18.55 -16.07
CA ASN E 144 -22.85 -18.37 -17.49
C ASN E 144 -22.56 -16.96 -17.98
N SER E 145 -21.48 -16.34 -17.50
CA SER E 145 -21.08 -15.04 -18.00
C SER E 145 -20.43 -15.20 -19.38
N THR E 146 -20.52 -14.14 -20.20
CA THR E 146 -19.74 -14.06 -21.43
C THR E 146 -18.94 -12.79 -21.39
N PHE E 147 -17.65 -12.90 -21.72
CA PHE E 147 -16.75 -11.76 -21.65
C PHE E 147 -16.24 -11.42 -23.03
N ASP E 148 -16.24 -10.13 -23.37
CA ASP E 148 -15.71 -9.69 -24.64
C ASP E 148 -14.19 -9.79 -24.63
N PHE E 149 -13.64 -10.61 -25.51
CA PHE E 149 -12.21 -10.85 -25.59
C PHE E 149 -11.68 -10.42 -26.93
N GLU E 150 -10.67 -9.58 -26.95
CA GLU E 150 -10.07 -9.19 -28.21
C GLU E 150 -8.55 -9.20 -28.08
N LEU E 151 -7.89 -9.40 -29.21
CA LEU E 151 -6.46 -9.25 -29.33
C LEU E 151 -6.17 -8.20 -30.37
N ILE E 152 -4.90 -7.81 -30.45
CA ILE E 152 -4.38 -7.05 -31.55
C ILE E 152 -3.09 -7.73 -31.97
N TYR E 153 -3.08 -8.31 -33.14
CA TYR E 153 -1.88 -8.93 -33.69
C TYR E 153 -1.33 -7.98 -34.75
N GLU E 154 -0.20 -7.35 -34.46
CA GLU E 154 0.40 -6.45 -35.44
C GLU E 154 1.38 -7.20 -36.34
N ILE E 155 1.46 -6.77 -37.59
CA ILE E 155 2.38 -7.32 -38.57
C ILE E 155 3.28 -6.18 -39.02
N THR E 156 4.50 -6.14 -38.49
CA THR E 156 5.36 -4.96 -38.60
C THR E 156 6.35 -5.06 -39.75
N ASP E 157 6.06 -5.92 -40.75
CA ASP E 157 6.89 -6.13 -41.93
C ASP E 157 8.31 -6.60 -41.59
N GLU E 158 8.49 -7.25 -40.45
CA GLU E 158 9.78 -7.76 -40.02
C GLU E 158 9.83 -9.27 -40.04
N ASN E 159 8.74 -9.92 -40.45
CA ASN E 159 8.69 -11.36 -40.62
C ASN E 159 8.43 -11.76 -42.06
N GLU E 160 7.34 -11.28 -42.65
CA GLU E 160 6.88 -11.46 -44.03
C GLU E 160 6.50 -12.90 -44.38
N ASN E 161 6.74 -13.85 -43.50
CA ASN E 161 6.25 -15.21 -43.67
C ASN E 161 5.78 -15.87 -42.39
N GLN E 162 5.95 -15.25 -41.24
CA GLN E 162 5.62 -15.88 -39.97
C GLN E 162 4.18 -15.65 -39.57
N VAL E 163 3.40 -14.99 -40.42
CA VAL E 163 2.04 -14.63 -40.04
C VAL E 163 1.17 -15.87 -39.96
N GLU E 164 1.25 -16.74 -40.97
CA GLU E 164 0.37 -17.89 -41.03
C GLU E 164 0.65 -18.95 -39.97
N GLU E 165 1.83 -18.93 -39.34
CA GLU E 165 2.13 -19.93 -38.33
C GLU E 165 2.12 -19.36 -36.92
N ASP E 166 1.96 -18.06 -36.75
CA ASP E 166 1.72 -17.55 -35.41
C ASP E 166 0.31 -17.86 -34.94
N PHE E 167 -0.66 -17.91 -35.85
CA PHE E 167 -2.02 -18.21 -35.43
C PHE E 167 -2.22 -19.67 -35.13
N LYS E 168 -1.35 -20.52 -35.68
CA LYS E 168 -1.34 -21.91 -35.27
C LYS E 168 -0.87 -22.04 -33.82
N VAL E 169 -0.11 -21.07 -33.32
CA VAL E 169 0.23 -21.03 -31.90
C VAL E 169 -0.89 -20.39 -31.10
N ILE E 170 -1.55 -19.36 -31.65
CA ILE E 170 -2.59 -18.65 -30.92
C ILE E 170 -3.82 -19.52 -30.74
N ARG E 171 -4.26 -20.17 -31.81
CA ARG E 171 -5.38 -21.10 -31.72
C ARG E 171 -5.03 -22.31 -30.86
N ASP E 172 -3.76 -22.68 -30.81
CA ASP E 172 -3.33 -23.72 -29.87
C ASP E 172 -3.30 -23.18 -28.46
N GLY E 173 -2.99 -21.89 -28.29
CA GLY E 173 -2.98 -21.31 -26.96
C GLY E 173 -4.38 -21.15 -26.39
N LEU E 174 -5.36 -20.92 -27.25
CA LEU E 174 -6.74 -20.83 -26.78
C LEU E 174 -7.37 -22.20 -26.63
N LYS E 175 -6.78 -23.24 -27.22
CA LYS E 175 -7.22 -24.60 -26.95
C LYS E 175 -6.69 -25.07 -25.60
N LEU E 176 -5.57 -24.53 -25.14
CA LEU E 176 -5.04 -24.95 -23.86
C LEU E 176 -5.72 -24.26 -22.69
N LEU E 177 -6.20 -23.03 -22.85
CA LEU E 177 -6.96 -22.42 -21.77
C LEU E 177 -8.33 -23.05 -21.61
N GLU E 178 -8.88 -23.65 -22.65
CA GLU E 178 -10.11 -24.40 -22.47
C GLU E 178 -9.89 -25.73 -21.77
N LEU E 179 -8.64 -26.16 -21.67
CA LEU E 179 -8.28 -27.36 -20.93
C LEU E 179 -7.60 -27.07 -19.62
N ASP E 180 -6.86 -25.99 -19.51
CA ASP E 180 -6.34 -25.55 -18.24
C ASP E 180 -7.38 -24.59 -17.66
N TYR E 181 -7.04 -23.81 -16.64
CA TYR E 181 -8.11 -23.20 -15.90
C TYR E 181 -8.25 -21.69 -16.00
N LEU E 182 -7.24 -20.94 -16.44
CA LEU E 182 -7.29 -19.46 -16.58
C LEU E 182 -7.63 -18.79 -15.25
N GLY E 183 -6.64 -18.80 -14.37
CA GLY E 183 -6.64 -17.84 -13.29
C GLY E 183 -7.36 -18.28 -12.04
N GLY E 184 -6.67 -18.16 -10.93
CA GLY E 184 -7.27 -18.37 -9.63
C GLY E 184 -7.09 -19.78 -9.13
N SER E 185 -7.87 -20.11 -8.11
CA SER E 185 -7.75 -21.39 -7.44
C SER E 185 -8.32 -22.51 -8.29
N GLY E 186 -7.68 -22.80 -9.41
CA GLY E 186 -8.30 -23.57 -10.46
C GLY E 186 -8.14 -25.06 -10.38
N SER E 187 -7.27 -25.55 -9.52
CA SER E 187 -7.17 -26.98 -9.33
C SER E 187 -8.20 -27.50 -8.33
N ARG E 188 -9.02 -26.61 -7.79
CA ARG E 188 -10.15 -27.00 -6.96
C ARG E 188 -11.48 -26.71 -7.63
N GLY E 189 -11.47 -26.46 -8.92
CA GLY E 189 -12.72 -26.35 -9.62
C GLY E 189 -12.88 -25.16 -10.53
N TYR E 190 -12.28 -24.04 -10.16
CA TYR E 190 -12.74 -22.75 -10.68
C TYR E 190 -12.20 -22.54 -12.09
N GLY E 191 -12.42 -21.35 -12.61
CA GLY E 191 -11.89 -21.03 -13.90
C GLY E 191 -12.67 -21.64 -15.03
N LYS E 192 -12.01 -22.47 -15.85
CA LYS E 192 -12.61 -23.21 -16.98
C LYS E 192 -13.35 -22.27 -17.94
N VAL E 193 -12.56 -21.48 -18.63
CA VAL E 193 -13.10 -20.58 -19.64
C VAL E 193 -13.43 -21.36 -20.90
N ALA E 194 -14.21 -20.74 -21.78
CA ALA E 194 -14.58 -21.37 -23.04
C ALA E 194 -14.65 -20.27 -24.09
N PHE E 195 -13.79 -20.36 -25.10
CA PHE E 195 -13.67 -19.34 -26.12
C PHE E 195 -14.64 -19.63 -27.24
N GLU E 196 -15.52 -18.68 -27.53
CA GLU E 196 -16.56 -18.87 -28.52
C GLU E 196 -16.51 -17.75 -29.55
N ASN E 197 -16.92 -18.10 -30.78
CA ASN E 197 -17.20 -17.15 -31.86
C ASN E 197 -15.95 -16.37 -32.27
N LEU E 198 -14.85 -17.10 -32.48
CA LEU E 198 -13.61 -16.45 -32.89
C LEU E 198 -13.73 -15.90 -34.30
N LYS E 199 -13.21 -14.70 -34.50
CA LYS E 199 -13.32 -14.03 -35.79
C LYS E 199 -12.14 -13.09 -35.93
N ALA E 200 -11.25 -13.39 -36.86
CA ALA E 200 -10.12 -12.53 -37.15
C ALA E 200 -10.53 -11.54 -38.22
N THR E 201 -10.53 -10.25 -37.89
CA THR E 201 -10.87 -9.22 -38.85
C THR E 201 -9.85 -8.10 -38.79
N THR E 202 -9.28 -7.78 -39.95
CA THR E 202 -8.26 -6.73 -40.02
C THR E 202 -8.88 -5.36 -39.82
N VAL E 203 -8.26 -4.56 -38.97
CA VAL E 203 -8.78 -3.24 -38.63
C VAL E 203 -7.97 -2.13 -39.28
N PHE E 204 -6.64 -2.28 -39.31
CA PHE E 204 -5.78 -1.42 -40.10
C PHE E 204 -4.93 -2.31 -40.98
N GLY E 205 -4.50 -1.77 -42.11
CA GLY E 205 -3.71 -2.53 -43.02
C GLY E 205 -4.60 -3.34 -43.95
N ASN E 206 -3.95 -4.16 -44.78
CA ASN E 206 -4.65 -4.91 -45.82
C ASN E 206 -4.09 -6.33 -45.83
N TYR E 207 -4.70 -7.21 -45.06
CA TYR E 207 -4.28 -8.61 -45.02
C TYR E 207 -5.51 -9.50 -45.13
N ASP E 208 -5.43 -10.50 -45.98
CA ASP E 208 -6.55 -11.38 -46.25
C ASP E 208 -6.76 -12.32 -45.07
N VAL E 209 -7.89 -12.19 -44.40
CA VAL E 209 -8.18 -12.98 -43.21
C VAL E 209 -9.09 -14.16 -43.48
N LYS E 210 -9.83 -14.16 -44.59
CA LYS E 210 -10.73 -15.27 -44.88
C LYS E 210 -9.98 -16.51 -45.37
N THR E 211 -8.78 -16.33 -45.91
CA THR E 211 -7.93 -17.49 -46.15
C THR E 211 -7.33 -18.01 -44.86
N LEU E 212 -7.31 -17.18 -43.81
CA LEU E 212 -6.82 -17.55 -42.49
C LEU E 212 -7.94 -17.98 -41.55
N ASN E 213 -9.17 -17.52 -41.79
CA ASN E 213 -10.29 -17.78 -40.89
C ASN E 213 -10.70 -19.26 -40.87
N GLU E 214 -10.18 -20.07 -41.78
CA GLU E 214 -10.35 -21.51 -41.71
C GLU E 214 -9.46 -22.16 -40.66
N LEU E 215 -8.37 -21.51 -40.25
CA LEU E 215 -7.58 -22.04 -39.15
C LEU E 215 -8.30 -21.86 -37.82
N LEU E 216 -9.17 -20.88 -37.74
CA LEU E 216 -9.97 -20.65 -36.56
C LEU E 216 -11.29 -21.41 -36.60
N THR E 217 -11.76 -21.75 -37.79
CA THR E 217 -12.99 -22.49 -38.06
C THR E 217 -14.23 -21.86 -37.42
N THR F 2 -0.92 32.28 -46.30
CA THR F 2 -1.61 32.78 -45.13
C THR F 2 -1.04 32.13 -43.87
N PHE F 3 -1.41 32.66 -42.71
CA PHE F 3 -0.91 32.15 -41.43
C PHE F 3 -2.08 31.76 -40.55
N ALA F 4 -2.01 30.56 -39.98
CA ALA F 4 -3.09 30.03 -39.15
C ALA F 4 -2.53 28.98 -38.21
N LYS F 5 -3.26 28.74 -37.12
CA LYS F 5 -2.92 27.70 -36.16
C LYS F 5 -4.20 26.96 -35.80
N ILE F 6 -4.54 25.94 -36.57
CA ILE F 6 -5.75 25.16 -36.33
C ILE F 6 -5.46 24.14 -35.24
N LYS F 7 -6.43 23.86 -34.37
CA LYS F 7 -6.21 22.84 -33.36
C LYS F 7 -7.25 21.75 -33.42
N PHE F 8 -6.89 20.59 -32.87
CA PHE F 8 -7.71 19.39 -32.92
C PHE F 8 -8.20 19.09 -31.50
N SER F 9 -9.30 19.71 -31.12
CA SER F 9 -9.86 19.45 -29.80
C SER F 9 -10.60 18.13 -29.82
N ALA F 10 -10.16 17.19 -28.99
CA ALA F 10 -10.85 15.92 -28.83
C ALA F 10 -11.01 15.64 -27.34
N GLN F 11 -11.95 14.73 -27.05
CA GLN F 11 -12.10 14.17 -25.72
C GLN F 11 -11.64 12.74 -25.78
N ILE F 12 -10.53 12.45 -25.12
CA ILE F 12 -9.99 11.10 -25.13
C ILE F 12 -10.83 10.24 -24.20
N ARG F 13 -10.77 8.92 -24.34
CA ARG F 13 -11.54 8.08 -23.43
C ARG F 13 -10.84 6.76 -23.19
N LEU F 14 -10.78 6.35 -21.92
CA LEU F 14 -10.02 5.18 -21.48
C LEU F 14 -10.96 3.98 -21.40
N GLU F 15 -10.93 3.11 -22.40
CA GLU F 15 -11.73 1.90 -22.30
C GLU F 15 -11.11 0.83 -21.41
N THR F 16 -9.81 0.92 -21.11
CA THR F 16 -9.22 0.17 -20.01
C THR F 16 -8.49 1.18 -19.14
N GLY F 17 -7.63 0.73 -18.25
CA GLY F 17 -6.86 1.66 -17.45
C GLY F 17 -5.78 2.39 -18.23
N LEU F 18 -5.01 3.20 -17.51
CA LEU F 18 -3.73 3.69 -17.98
C LEU F 18 -2.65 3.26 -17.01
N HIS F 19 -1.41 3.34 -17.44
CA HIS F 19 -0.32 3.41 -16.47
C HIS F 19 0.82 4.18 -17.11
N ILE F 20 0.86 5.47 -16.84
CA ILE F 20 1.97 6.32 -17.24
C ILE F 20 2.72 6.63 -15.95
N GLY F 21 3.86 5.99 -15.76
CA GLY F 21 4.63 6.14 -14.55
C GLY F 21 5.46 7.41 -14.57
N GLY F 22 6.58 7.37 -13.88
CA GLY F 22 7.42 8.54 -13.82
C GLY F 22 8.49 8.40 -12.76
N SER F 23 8.58 9.40 -11.89
CA SER F 23 9.49 9.30 -10.76
C SER F 23 9.00 8.24 -9.77
N ASP F 24 9.92 7.39 -9.34
CA ASP F 24 9.66 6.35 -8.37
C ASP F 24 10.31 6.74 -7.04
N ALA F 25 9.48 7.17 -6.08
CA ALA F 25 10.05 7.68 -4.82
C ALA F 25 10.42 6.55 -3.88
N PHE F 26 9.42 6.02 -3.18
CA PHE F 26 9.65 4.93 -2.22
C PHE F 26 8.58 3.85 -2.25
N ALA F 27 8.99 2.59 -2.39
CA ALA F 27 8.04 1.49 -2.44
C ALA F 27 7.28 1.32 -1.13
N ALA F 28 7.97 1.45 0.00
CA ALA F 28 7.35 1.34 1.32
C ALA F 28 6.54 0.09 1.60
N ILE F 29 7.05 -1.08 1.25
CA ILE F 29 6.35 -2.35 1.51
C ILE F 29 4.96 -2.36 0.87
N GLY F 30 3.95 -2.18 1.70
CA GLY F 30 2.56 -2.20 1.26
C GLY F 30 2.19 -1.16 0.20
N ALA F 31 2.83 0.00 0.21
CA ALA F 31 2.55 1.07 -0.73
C ALA F 31 2.84 0.70 -2.20
N ILE F 32 2.12 1.38 -3.08
CA ILE F 32 2.07 1.14 -4.52
C ILE F 32 3.48 0.94 -5.07
N ASN F 33 3.65 -0.12 -5.84
CA ASN F 33 4.94 -0.42 -6.44
C ASN F 33 5.17 0.35 -7.73
N SER F 34 4.19 1.09 -8.22
CA SER F 34 4.30 1.86 -9.44
C SER F 34 3.26 2.97 -9.44
N PRO F 35 3.54 4.12 -8.86
CA PRO F 35 2.53 5.20 -8.84
C PRO F 35 2.45 5.88 -10.19
N VAL F 36 1.22 6.07 -10.66
CA VAL F 36 0.99 6.70 -11.97
C VAL F 36 1.36 8.17 -11.86
N ILE F 37 1.72 8.78 -13.01
CA ILE F 37 2.06 10.19 -13.02
C ILE F 37 0.81 10.99 -12.75
N LYS F 38 0.94 12.09 -12.02
CA LYS F 38 -0.21 12.87 -11.62
C LYS F 38 0.13 14.34 -11.74
N ASP F 39 -0.90 15.16 -11.58
CA ASP F 39 -0.75 16.60 -11.59
C ASP F 39 -0.40 17.01 -10.17
N PRO F 40 0.81 17.52 -9.91
CA PRO F 40 1.26 17.68 -8.52
C PRO F 40 0.57 18.79 -7.74
N ILE F 41 -0.39 19.49 -8.32
CA ILE F 41 -1.23 20.42 -7.58
C ILE F 41 -2.53 19.72 -7.20
N THR F 42 -3.26 19.27 -8.20
CA THR F 42 -4.60 18.74 -7.99
C THR F 42 -4.60 17.31 -7.47
N ASN F 43 -3.50 16.58 -7.68
CA ASN F 43 -3.39 15.13 -7.46
C ASN F 43 -4.48 14.37 -8.22
N LEU F 44 -4.63 14.72 -9.46
CA LEU F 44 -5.43 14.00 -10.45
C LEU F 44 -4.50 13.36 -11.47
N PRO F 45 -4.86 12.23 -12.05
CA PRO F 45 -3.99 11.60 -13.03
C PRO F 45 -3.95 12.41 -14.31
N ILE F 46 -2.75 12.51 -14.87
CA ILE F 46 -2.51 13.37 -16.02
C ILE F 46 -2.07 12.46 -17.16
N ILE F 47 -2.20 12.96 -18.39
CA ILE F 47 -1.47 12.35 -19.49
C ILE F 47 -0.52 13.41 -20.02
N PRO F 48 0.79 13.26 -19.84
CA PRO F 48 1.71 14.26 -20.36
C PRO F 48 1.75 14.21 -21.88
N GLY F 49 2.02 15.37 -22.48
CA GLY F 49 1.91 15.49 -23.91
C GLY F 49 3.00 14.77 -24.66
N SER F 50 4.18 14.66 -24.06
CA SER F 50 5.26 13.90 -24.67
C SER F 50 4.94 12.42 -24.70
N SER F 51 4.13 11.94 -23.76
CA SER F 51 3.68 10.56 -23.78
C SER F 51 2.66 10.33 -24.88
N LEU F 52 2.00 11.38 -25.35
CA LEU F 52 1.19 11.32 -26.56
C LEU F 52 2.04 11.53 -27.80
N LYS F 53 3.07 12.38 -27.70
CA LYS F 53 3.78 12.85 -28.87
C LYS F 53 4.75 11.80 -29.38
N GLY F 54 5.39 11.08 -28.48
CA GLY F 54 6.21 9.98 -28.91
C GLY F 54 5.42 8.76 -29.27
N LYS F 55 4.22 8.61 -28.70
CA LYS F 55 3.46 7.41 -28.96
C LYS F 55 2.82 7.47 -30.34
N MET F 56 2.31 8.62 -30.74
CA MET F 56 1.72 8.66 -32.07
C MET F 56 2.75 8.90 -33.16
N ARG F 57 4.02 9.07 -32.84
CA ARG F 57 4.99 9.12 -33.92
C ARG F 57 5.66 7.79 -34.18
N THR F 58 5.75 6.91 -33.18
CA THR F 58 6.28 5.59 -33.44
C THR F 58 5.27 4.73 -34.17
N LEU F 59 3.98 5.00 -33.97
CA LEU F 59 2.94 4.31 -34.72
C LEU F 59 2.96 4.73 -36.18
N LEU F 60 3.12 6.03 -36.43
CA LEU F 60 3.24 6.52 -37.80
C LEU F 60 4.59 6.19 -38.40
N ALA F 61 5.58 5.87 -37.58
CA ALA F 61 6.86 5.42 -38.11
C ALA F 61 6.73 4.06 -38.78
N LYS F 62 5.79 3.23 -38.31
CA LYS F 62 5.58 1.96 -38.97
C LYS F 62 4.73 2.10 -40.23
N VAL F 63 4.03 3.21 -40.37
CA VAL F 63 3.14 3.41 -41.51
C VAL F 63 3.81 4.19 -42.63
N TYR F 64 4.33 5.36 -42.26
CA TYR F 64 5.01 6.26 -43.19
C TYR F 64 6.53 6.20 -42.99
N ASN F 65 7.13 5.03 -43.09
CA ASN F 65 8.57 4.97 -42.90
C ASN F 65 9.29 4.55 -44.16
N GLU F 66 10.25 5.37 -44.59
CA GLU F 66 11.06 5.12 -45.77
C GLU F 66 10.21 4.74 -46.98
N SER F 76 11.58 10.50 -41.32
CA SER F 76 11.77 10.56 -42.76
C SER F 76 11.54 11.98 -43.30
N ASP F 77 10.46 12.15 -44.04
CA ASP F 77 10.12 13.43 -44.62
C ASP F 77 8.76 13.93 -44.15
N ILE F 78 7.78 13.04 -44.02
CA ILE F 78 6.46 13.45 -43.58
C ILE F 78 6.33 13.34 -42.07
N LEU F 79 7.17 12.55 -41.42
CA LEU F 79 7.25 12.58 -39.97
C LEU F 79 8.09 13.74 -39.48
N SER F 80 9.06 14.15 -40.28
CA SER F 80 10.01 15.17 -39.85
C SER F 80 9.34 16.53 -39.73
N ARG F 81 8.46 16.86 -40.68
CA ARG F 81 7.79 18.15 -40.63
C ARG F 81 6.67 18.17 -39.61
N LEU F 82 6.20 17.01 -39.16
CA LEU F 82 5.14 16.96 -38.17
C LEU F 82 5.65 16.70 -36.76
N PHE F 83 6.92 16.38 -36.58
CA PHE F 83 7.40 16.18 -35.22
C PHE F 83 8.73 16.82 -34.93
N GLY F 84 9.39 17.40 -35.93
CA GLY F 84 10.69 18.02 -35.73
C GLY F 84 11.83 17.06 -36.01
N ASN F 85 13.03 17.64 -36.07
CA ASN F 85 14.25 16.86 -36.24
C ASN F 85 15.40 17.73 -35.78
N SER F 86 16.36 17.13 -35.07
CA SER F 86 17.48 17.91 -34.53
C SER F 86 18.42 18.36 -35.63
N LYS F 87 18.67 17.50 -36.62
CA LYS F 87 19.31 17.90 -37.86
C LYS F 87 18.24 18.46 -38.79
N ASP F 88 18.59 18.60 -40.08
CA ASP F 88 17.66 18.96 -41.16
C ASP F 88 17.02 20.32 -40.93
N LYS F 89 17.78 21.40 -41.15
CA LYS F 89 17.44 22.81 -40.90
C LYS F 89 16.04 23.24 -41.34
N ARG F 90 15.42 22.54 -42.29
CA ARG F 90 14.04 22.84 -42.65
C ARG F 90 13.09 22.56 -41.51
N PHE F 91 13.35 21.52 -40.72
CA PHE F 91 12.31 20.93 -39.89
C PHE F 91 12.76 20.79 -38.45
N LYS F 92 13.25 21.87 -37.86
CA LYS F 92 13.33 21.99 -36.42
C LYS F 92 12.03 22.63 -35.93
N MET F 93 11.55 22.19 -34.77
CA MET F 93 10.23 22.54 -34.22
C MET F 93 9.12 22.26 -35.25
N GLY F 94 8.94 20.98 -35.51
CA GLY F 94 8.09 20.59 -36.61
C GLY F 94 6.59 20.67 -36.42
N ARG F 95 6.04 21.85 -36.22
CA ARG F 95 4.67 22.20 -36.60
C ARG F 95 3.55 21.48 -35.86
N LEU F 96 3.84 20.64 -34.88
CA LEU F 96 2.82 20.08 -34.01
C LEU F 96 3.19 20.36 -32.57
N ILE F 97 2.31 21.02 -31.86
CA ILE F 97 2.59 21.55 -30.54
C ILE F 97 1.52 20.96 -29.63
N PHE F 98 1.89 19.97 -28.84
CA PHE F 98 0.86 19.23 -28.11
C PHE F 98 0.69 19.87 -26.75
N ARG F 99 -0.28 19.40 -25.99
CA ARG F 99 -0.41 19.81 -24.60
C ARG F 99 -0.78 18.59 -23.79
N ASP F 100 -0.58 18.63 -22.47
CA ASP F 100 -0.94 17.47 -21.61
C ASP F 100 -2.46 17.36 -21.40
N ALA F 101 -2.98 16.14 -21.23
CA ALA F 101 -4.43 15.89 -20.99
C ALA F 101 -4.78 16.33 -19.56
N PHE F 102 -6.01 16.81 -19.32
CA PHE F 102 -6.35 17.34 -17.98
C PHE F 102 -7.50 16.61 -17.23
N LEU F 103 -7.94 15.42 -17.67
CA LEU F 103 -9.00 14.67 -16.93
C LEU F 103 -10.26 15.53 -16.67
N SER F 104 -10.90 15.99 -17.75
CA SER F 104 -12.11 16.82 -17.76
C SER F 104 -13.14 16.34 -16.74
N ASN F 105 -13.61 15.10 -16.88
CA ASN F 105 -14.74 14.63 -16.06
C ASN F 105 -14.31 14.17 -14.66
N ALA F 106 -13.79 15.11 -13.89
CA ALA F 106 -13.61 14.89 -12.47
C ALA F 106 -14.90 15.05 -11.69
N ASP F 107 -15.99 15.42 -12.36
CA ASP F 107 -17.30 15.59 -11.75
C ASP F 107 -18.29 14.54 -12.24
N GLU F 108 -18.17 14.13 -13.50
CA GLU F 108 -19.06 13.13 -14.05
C GLU F 108 -18.75 11.75 -13.48
N LEU F 109 -17.50 11.49 -13.11
CA LEU F 109 -17.19 10.22 -12.49
C LEU F 109 -17.77 10.13 -11.09
N ASP F 110 -17.74 11.23 -10.34
CA ASP F 110 -18.28 11.23 -8.99
C ASP F 110 -19.80 11.09 -8.98
N SER F 111 -20.46 11.58 -10.03
CA SER F 111 -21.89 11.38 -10.15
C SER F 111 -22.23 9.95 -10.53
N LEU F 112 -21.34 9.27 -11.28
CA LEU F 112 -21.50 7.85 -11.51
C LEU F 112 -21.26 7.04 -10.25
N GLY F 113 -20.55 7.61 -9.28
CA GLY F 113 -20.29 6.94 -8.03
C GLY F 113 -18.94 6.26 -8.10
N VAL F 114 -17.93 6.87 -7.51
CA VAL F 114 -16.57 6.35 -7.59
C VAL F 114 -15.83 6.82 -6.36
N ARG F 115 -14.88 6.01 -5.90
CA ARG F 115 -14.16 6.34 -4.69
C ARG F 115 -13.04 7.34 -4.98
N SER F 116 -12.05 6.91 -5.76
CA SER F 116 -10.94 7.76 -6.19
C SER F 116 -10.74 7.58 -7.68
N TYR F 117 -10.04 8.53 -8.28
CA TYR F 117 -9.90 8.52 -9.72
C TYR F 117 -8.89 7.52 -10.22
N THR F 118 -8.09 6.93 -9.33
CA THR F 118 -7.01 6.04 -9.71
C THR F 118 -7.20 4.70 -9.04
N GLU F 119 -7.55 3.68 -9.80
CA GLU F 119 -7.66 2.35 -9.20
C GLU F 119 -6.30 1.72 -9.01
N VAL F 120 -6.24 0.79 -8.08
CA VAL F 120 -5.04 0.03 -7.76
C VAL F 120 -5.27 -1.40 -8.22
N LYS F 121 -4.44 -1.85 -9.14
CA LYS F 121 -4.55 -3.21 -9.65
C LYS F 121 -3.50 -4.07 -8.97
N PHE F 122 -3.92 -5.16 -8.34
CA PHE F 122 -2.96 -6.11 -7.82
C PHE F 122 -2.66 -7.13 -8.89
N GLU F 123 -1.43 -7.63 -8.88
CA GLU F 123 -0.90 -8.34 -10.03
C GLU F 123 0.37 -9.01 -9.55
N ASN F 124 0.76 -10.12 -10.16
CA ASN F 124 1.95 -10.80 -9.68
C ASN F 124 2.75 -11.35 -10.85
N THR F 125 3.68 -12.25 -10.52
CA THR F 125 4.65 -12.79 -11.46
C THR F 125 5.07 -14.15 -10.93
N ILE F 126 4.80 -15.20 -11.69
CA ILE F 126 5.00 -16.56 -11.22
C ILE F 126 6.21 -17.13 -11.90
N ASP F 127 7.17 -17.61 -11.10
CA ASP F 127 8.39 -18.18 -11.64
C ASP F 127 8.09 -19.48 -12.35
N ARG F 128 8.89 -19.78 -13.37
CA ARG F 128 8.61 -20.93 -14.21
C ARG F 128 8.99 -22.26 -13.57
N ILE F 129 9.91 -22.24 -12.61
CA ILE F 129 10.40 -23.45 -11.98
C ILE F 129 10.07 -23.49 -10.49
N THR F 130 10.34 -22.38 -9.79
CA THR F 130 10.02 -22.30 -8.37
C THR F 130 8.51 -22.25 -8.14
N ALA F 131 7.77 -21.74 -9.13
CA ALA F 131 6.31 -21.55 -9.09
C ALA F 131 5.89 -20.67 -7.92
N GLU F 132 6.71 -19.69 -7.61
CA GLU F 132 6.49 -18.78 -6.49
C GLU F 132 6.12 -17.41 -7.05
N ALA F 133 5.16 -16.75 -6.41
CA ALA F 133 4.64 -15.52 -6.96
C ALA F 133 5.56 -14.35 -6.62
N ASN F 134 5.21 -13.17 -7.11
CA ASN F 134 6.00 -11.95 -6.97
C ASN F 134 5.05 -10.78 -7.20
N PRO F 135 4.37 -10.29 -6.17
CA PRO F 135 3.23 -9.40 -6.40
C PRO F 135 3.61 -7.95 -6.69
N ARG F 136 3.06 -7.43 -7.79
CA ARG F 136 3.01 -6.02 -8.08
C ARG F 136 1.86 -5.35 -7.36
N GLN F 137 1.84 -4.02 -7.40
CA GLN F 137 0.62 -3.21 -7.27
C GLN F 137 0.71 -2.13 -8.33
N ILE F 138 0.27 -2.45 -9.54
CA ILE F 138 0.28 -1.50 -10.64
C ILE F 138 -0.91 -0.57 -10.46
N GLU F 139 -0.65 0.70 -10.18
CA GLU F 139 -1.73 1.66 -10.06
C GLU F 139 -2.20 2.08 -11.45
N ARG F 140 -3.51 2.13 -11.65
CA ARG F 140 -4.04 2.57 -12.92
C ARG F 140 -4.87 3.82 -12.75
N ALA F 141 -5.22 4.44 -13.86
CA ALA F 141 -6.25 5.46 -13.91
C ALA F 141 -7.47 4.84 -14.55
N ILE F 142 -8.64 5.02 -13.92
CA ILE F 142 -9.79 4.14 -14.11
C ILE F 142 -10.39 4.22 -15.51
N ARG F 143 -11.29 3.29 -15.80
CA ARG F 143 -11.97 3.19 -17.08
C ARG F 143 -12.87 4.41 -17.27
N ASN F 144 -13.15 4.72 -18.55
CA ASN F 144 -13.94 5.82 -19.11
C ASN F 144 -13.81 7.17 -18.41
N SER F 145 -12.60 7.51 -18.00
CA SER F 145 -12.26 8.89 -17.73
C SER F 145 -11.99 9.58 -19.05
N THR F 146 -12.30 10.87 -19.11
CA THR F 146 -12.00 11.64 -20.30
C THR F 146 -10.98 12.72 -19.97
N PHE F 147 -10.03 12.90 -20.86
CA PHE F 147 -9.01 13.92 -20.71
C PHE F 147 -9.16 14.95 -21.83
N ASP F 148 -8.80 16.19 -21.54
CA ASP F 148 -8.82 17.24 -22.55
C ASP F 148 -7.67 17.04 -23.52
N PHE F 149 -7.98 16.85 -24.79
CA PHE F 149 -6.95 16.62 -25.80
C PHE F 149 -7.00 17.73 -26.83
N GLU F 150 -5.87 18.39 -27.03
CA GLU F 150 -5.74 19.51 -27.96
C GLU F 150 -4.39 19.41 -28.64
N LEU F 151 -4.33 19.88 -29.89
CA LEU F 151 -3.20 19.57 -30.76
C LEU F 151 -3.08 20.71 -31.78
N ILE F 152 -2.16 21.64 -31.52
CA ILE F 152 -1.99 22.81 -32.38
C ILE F 152 -1.21 22.37 -33.61
N TYR F 153 -1.86 22.34 -34.76
CA TYR F 153 -1.13 22.23 -36.01
C TYR F 153 -1.03 23.58 -36.66
N GLU F 154 0.15 23.91 -37.15
CA GLU F 154 0.46 25.25 -37.58
C GLU F 154 0.45 25.36 -39.09
N ILE F 155 -0.32 26.32 -39.60
CA ILE F 155 -0.38 26.62 -41.06
C ILE F 155 0.61 27.77 -41.28
N THR F 156 1.48 27.65 -42.29
CA THR F 156 2.52 28.68 -42.50
C THR F 156 2.66 29.01 -43.99
N ASP F 157 3.46 30.04 -44.28
CA ASP F 157 3.69 30.49 -45.68
C ASP F 157 4.35 29.36 -46.48
N GLU F 158 5.29 28.65 -45.86
CA GLU F 158 5.98 27.49 -46.50
C GLU F 158 4.95 26.39 -46.79
N ASN F 159 3.99 26.25 -45.88
CA ASN F 159 2.91 25.24 -45.91
C ASN F 159 1.78 25.69 -46.83
N GLU F 160 0.71 24.87 -46.84
CA GLU F 160 -0.59 24.88 -47.58
C GLU F 160 -0.42 24.26 -48.96
N ASN F 161 0.79 23.78 -49.27
CA ASN F 161 1.05 22.87 -50.41
C ASN F 161 0.79 21.43 -49.95
N GLN F 162 1.27 21.10 -48.74
CA GLN F 162 1.14 19.74 -48.16
C GLN F 162 0.22 19.74 -46.93
N VAL F 163 -0.49 20.85 -46.67
CA VAL F 163 -1.35 20.92 -45.44
C VAL F 163 -2.42 19.83 -45.50
N GLU F 164 -3.01 19.60 -46.68
CA GLU F 164 -4.04 18.55 -46.83
C GLU F 164 -3.44 17.17 -46.56
N GLU F 165 -2.18 16.97 -46.94
CA GLU F 165 -1.51 15.69 -46.78
C GLU F 165 -0.94 15.49 -45.39
N ASP F 166 -0.83 16.55 -44.59
CA ASP F 166 -0.59 16.36 -43.17
C ASP F 166 -1.85 15.95 -42.44
N PHE F 167 -3.00 16.41 -42.95
CA PHE F 167 -4.28 16.08 -42.35
C PHE F 167 -4.63 14.61 -42.53
N LYS F 168 -4.16 13.99 -43.60
CA LYS F 168 -4.36 12.56 -43.78
C LYS F 168 -3.35 11.73 -43.02
N VAL F 169 -2.52 12.37 -42.20
CA VAL F 169 -1.58 11.67 -41.33
C VAL F 169 -2.01 11.78 -39.88
N ILE F 170 -2.39 12.97 -39.44
CA ILE F 170 -2.82 13.16 -38.06
C ILE F 170 -4.17 12.51 -37.84
N ARG F 171 -5.00 12.42 -38.87
CA ARG F 171 -6.17 11.56 -38.83
C ARG F 171 -5.78 10.11 -38.64
N ASP F 172 -4.78 9.65 -39.40
CA ASP F 172 -4.32 8.29 -39.29
C ASP F 172 -3.46 8.08 -38.06
N GLY F 173 -2.87 9.14 -37.52
CA GLY F 173 -2.10 9.06 -36.30
C GLY F 173 -2.92 9.09 -35.04
N LEU F 174 -4.24 9.20 -35.17
CA LEU F 174 -5.15 9.03 -34.06
C LEU F 174 -5.98 7.77 -34.17
N LYS F 175 -6.11 7.21 -35.38
CA LYS F 175 -6.70 5.89 -35.50
C LYS F 175 -5.80 4.82 -34.92
N LEU F 176 -4.49 5.03 -34.96
CA LEU F 176 -3.57 4.01 -34.48
C LEU F 176 -3.52 3.97 -32.96
N LEU F 177 -3.73 5.11 -32.29
CA LEU F 177 -3.88 5.07 -30.84
C LEU F 177 -5.16 4.36 -30.43
N GLU F 178 -6.16 4.34 -31.30
CA GLU F 178 -7.33 3.52 -31.09
C GLU F 178 -7.09 2.05 -31.44
N LEU F 179 -5.90 1.72 -31.93
CA LEU F 179 -5.51 0.34 -32.18
C LEU F 179 -4.25 -0.05 -31.45
N ASP F 180 -3.75 0.79 -30.57
CA ASP F 180 -2.59 0.48 -29.75
C ASP F 180 -2.92 1.01 -28.37
N TYR F 181 -1.94 1.14 -27.49
CA TYR F 181 -2.33 1.28 -26.09
C TYR F 181 -2.16 2.67 -25.48
N LEU F 182 -1.09 3.42 -25.79
CA LEU F 182 -0.83 4.75 -25.20
C LEU F 182 -0.74 4.66 -23.67
N GLY F 183 0.33 4.04 -23.23
CA GLY F 183 0.56 3.97 -21.80
C GLY F 183 1.76 3.12 -21.51
N GLY F 184 1.73 2.46 -20.36
CA GLY F 184 2.73 1.50 -20.00
C GLY F 184 2.08 0.15 -19.77
N SER F 185 2.83 -0.91 -20.07
CA SER F 185 2.38 -2.30 -19.99
C SER F 185 1.13 -2.50 -20.85
N GLY F 186 1.30 -2.32 -22.14
CA GLY F 186 0.15 -2.30 -22.99
C GLY F 186 -0.23 -3.64 -23.58
N SER F 187 0.71 -4.57 -23.60
CA SER F 187 0.38 -5.92 -24.04
C SER F 187 -0.43 -6.67 -23.00
N ARG F 188 -0.57 -6.11 -21.81
CA ARG F 188 -1.31 -6.68 -20.71
C ARG F 188 -2.57 -5.89 -20.41
N GLY F 189 -3.13 -5.26 -21.44
CA GLY F 189 -4.24 -4.34 -21.27
C GLY F 189 -3.77 -2.91 -21.17
N TYR F 190 -4.36 -2.16 -20.25
CA TYR F 190 -3.90 -0.85 -19.76
C TYR F 190 -3.87 0.21 -20.83
N GLY F 191 -4.63 0.02 -21.89
CA GLY F 191 -4.62 0.94 -23.00
C GLY F 191 -6.01 1.15 -23.53
N LYS F 192 -6.19 0.87 -24.82
CA LYS F 192 -7.47 0.88 -25.53
C LYS F 192 -8.12 2.25 -25.38
N VAL F 193 -7.48 3.24 -25.94
CA VAL F 193 -7.95 4.59 -25.74
C VAL F 193 -8.78 4.95 -26.96
N ALA F 194 -9.73 5.85 -26.78
CA ALA F 194 -10.60 6.20 -27.90
C ALA F 194 -10.80 7.71 -27.95
N PHE F 195 -10.76 8.24 -29.17
CA PHE F 195 -10.94 9.66 -29.42
C PHE F 195 -12.36 9.89 -29.89
N GLU F 196 -13.10 10.69 -29.14
CA GLU F 196 -14.46 11.03 -29.51
C GLU F 196 -14.63 12.54 -29.53
N ASN F 197 -15.56 12.99 -30.38
CA ASN F 197 -15.80 14.41 -30.67
C ASN F 197 -14.53 15.10 -31.15
N LEU F 198 -13.92 14.53 -32.18
CA LEU F 198 -12.64 14.98 -32.69
C LEU F 198 -12.91 16.10 -33.70
N LYS F 199 -12.83 17.34 -33.25
CA LYS F 199 -13.17 18.48 -34.10
C LYS F 199 -11.95 19.34 -34.34
N ALA F 200 -11.93 20.03 -35.47
CA ALA F 200 -10.78 20.79 -35.94
C ALA F 200 -11.17 22.25 -36.04
N THR F 201 -11.07 22.98 -34.94
CA THR F 201 -11.36 24.39 -34.94
C THR F 201 -10.10 25.19 -35.31
N THR F 202 -10.31 26.44 -35.65
CA THR F 202 -9.22 27.34 -36.02
C THR F 202 -9.26 28.58 -35.14
N VAL F 203 -8.21 28.78 -34.35
CA VAL F 203 -8.08 29.97 -33.53
C VAL F 203 -6.79 30.64 -33.94
N PHE F 204 -6.85 31.97 -34.08
CA PHE F 204 -5.78 32.79 -34.65
C PHE F 204 -5.41 32.30 -36.05
N GLY F 205 -6.32 32.54 -36.98
CA GLY F 205 -5.97 32.32 -38.37
C GLY F 205 -7.14 32.59 -39.28
N ASN F 206 -6.92 32.35 -40.55
CA ASN F 206 -7.95 32.40 -41.57
C ASN F 206 -7.70 31.18 -42.47
N TYR F 207 -8.31 30.06 -42.12
CA TYR F 207 -8.22 28.85 -42.93
C TYR F 207 -9.51 28.08 -42.76
N ASP F 208 -10.16 27.78 -43.89
CA ASP F 208 -11.47 27.15 -43.89
C ASP F 208 -11.38 25.70 -43.44
N VAL F 209 -11.91 25.41 -42.25
CA VAL F 209 -11.80 24.10 -41.64
C VAL F 209 -13.06 23.26 -41.86
N LYS F 210 -13.86 23.60 -42.86
CA LYS F 210 -15.08 22.86 -43.12
C LYS F 210 -14.79 21.47 -43.65
N THR F 211 -14.08 21.39 -44.79
CA THR F 211 -13.86 20.12 -45.47
C THR F 211 -12.97 19.17 -44.68
N LEU F 212 -12.18 19.70 -43.75
CA LEU F 212 -11.42 18.84 -42.87
C LEU F 212 -12.31 18.11 -41.88
N ASN F 213 -13.39 18.77 -41.43
CA ASN F 213 -14.24 18.21 -40.40
C ASN F 213 -15.04 17.00 -40.87
N GLU F 214 -15.20 16.81 -42.18
CA GLU F 214 -15.76 15.57 -42.68
C GLU F 214 -14.70 14.51 -42.94
N LEU F 215 -13.43 14.89 -43.00
CA LEU F 215 -12.37 13.89 -43.05
C LEU F 215 -12.16 13.25 -41.69
N LEU F 216 -12.60 13.90 -40.62
CA LEU F 216 -12.41 13.37 -39.28
C LEU F 216 -13.49 12.35 -38.93
N THR F 217 -14.73 12.58 -39.35
CA THR F 217 -15.81 11.63 -39.06
C THR F 217 -16.11 10.73 -40.26
N THR G 2 5.97 50.18 -19.83
CA THR G 2 5.34 51.44 -19.50
C THR G 2 3.83 51.32 -19.63
N TYR G 3 3.39 50.77 -20.75
CA TYR G 3 1.97 50.57 -21.00
C TYR G 3 1.57 49.16 -20.57
N LYS G 4 0.40 48.71 -21.05
CA LYS G 4 -0.41 47.68 -20.39
C LYS G 4 0.30 46.34 -20.23
N LEU G 5 0.09 45.73 -19.07
CA LEU G 5 0.75 44.47 -18.71
C LEU G 5 -0.02 43.26 -19.24
N TYR G 6 0.73 42.30 -19.76
CA TYR G 6 0.17 41.22 -20.58
C TYR G 6 0.12 39.92 -19.79
N ILE G 7 -0.95 39.75 -19.01
CA ILE G 7 -1.09 38.61 -18.12
C ILE G 7 -1.25 37.31 -18.91
N MET G 8 -0.47 36.29 -18.53
CA MET G 8 -0.37 35.05 -19.28
C MET G 8 -0.38 33.86 -18.34
N THR G 9 -1.36 32.96 -18.52
CA THR G 9 -1.64 31.88 -17.58
C THR G 9 -1.16 30.55 -18.17
N PHE G 10 -0.13 29.97 -17.57
CA PHE G 10 0.59 28.85 -18.16
C PHE G 10 0.03 27.47 -17.82
N GLN G 11 0.01 27.14 -16.51
CA GLN G 11 -0.40 25.88 -15.90
C GLN G 11 0.53 24.69 -16.20
N ASN G 12 1.52 24.87 -17.07
CA ASN G 12 2.62 23.95 -17.36
C ASN G 12 3.70 24.68 -18.13
N ALA G 13 4.93 24.74 -17.61
CA ALA G 13 5.96 25.48 -18.32
C ALA G 13 7.34 25.01 -17.86
N HIS G 14 8.27 25.02 -18.80
CA HIS G 14 9.67 24.67 -18.56
C HIS G 14 10.54 25.86 -18.91
N PHE G 15 11.21 26.44 -17.92
CA PHE G 15 12.05 27.60 -18.20
C PHE G 15 13.49 27.35 -17.78
N GLY G 16 14.26 26.74 -18.70
CA GLY G 16 15.71 26.87 -18.78
C GLY G 16 16.60 26.70 -17.57
N SER G 17 17.23 27.80 -17.17
CA SER G 17 18.32 27.82 -16.19
C SER G 17 19.47 26.89 -16.59
N GLY G 18 19.86 26.96 -17.86
CA GLY G 18 21.05 26.27 -18.30
C GLY G 18 20.87 24.81 -18.65
N THR G 19 20.29 24.04 -17.74
CA THR G 19 20.17 22.61 -17.93
C THR G 19 18.78 22.25 -18.43
N LEU G 20 18.50 20.96 -18.48
CA LEU G 20 17.16 20.45 -18.72
C LEU G 20 16.53 19.92 -17.45
N ASP G 21 17.33 19.59 -16.44
CA ASP G 21 16.85 19.17 -15.14
C ASP G 21 16.30 20.29 -14.30
N SER G 22 16.39 21.53 -14.77
CA SER G 22 15.98 22.69 -14.00
C SER G 22 14.88 23.43 -14.74
N SER G 23 14.12 24.22 -14.00
CA SER G 23 13.08 25.05 -14.59
C SER G 23 12.87 26.23 -13.65
N LYS G 24 13.31 27.40 -14.06
CA LYS G 24 13.12 28.60 -13.28
C LYS G 24 11.65 29.00 -13.34
N LEU G 25 11.20 29.74 -12.33
CA LEU G 25 9.82 30.19 -12.27
C LEU G 25 9.50 31.13 -13.42
N THR G 26 10.23 32.24 -13.53
CA THR G 26 9.96 33.25 -14.54
C THR G 26 10.96 33.11 -15.68
N PHE G 27 10.77 33.90 -16.74
CA PHE G 27 11.58 33.61 -17.96
C PHE G 27 12.49 34.76 -18.43
N SER G 28 12.25 36.00 -17.97
CA SER G 28 13.02 37.23 -18.31
C SER G 28 12.66 37.83 -19.68
N ALA G 29 13.17 39.03 -19.96
CA ALA G 29 12.88 39.78 -21.22
C ALA G 29 13.46 39.11 -22.47
N ASP G 30 14.69 38.57 -22.37
CA ASP G 30 15.39 38.03 -23.57
C ASP G 30 14.65 36.85 -24.20
N ARG G 31 14.00 36.00 -23.40
CA ARG G 31 13.36 34.81 -23.95
C ARG G 31 12.09 35.16 -24.69
N ILE G 32 11.22 35.98 -24.08
CA ILE G 32 9.97 36.36 -24.71
C ILE G 32 10.21 37.19 -25.96
N PHE G 33 11.25 38.02 -25.97
CA PHE G 33 11.60 38.75 -27.19
C PHE G 33 12.11 37.83 -28.27
N SER G 34 12.88 36.82 -27.89
CA SER G 34 13.33 35.84 -28.87
C SER G 34 12.22 34.92 -29.29
N ALA G 35 11.13 34.86 -28.54
CA ALA G 35 9.97 34.13 -28.99
C ALA G 35 9.21 34.91 -30.06
N LEU G 36 9.16 36.23 -29.91
CA LEU G 36 8.44 37.08 -30.85
C LEU G 36 9.14 37.12 -32.21
N VAL G 37 10.47 37.17 -32.20
CA VAL G 37 11.22 37.19 -33.46
C VAL G 37 11.11 35.84 -34.15
N LEU G 38 11.09 34.76 -33.39
CA LEU G 38 10.78 33.46 -33.96
C LEU G 38 9.32 33.30 -34.30
N GLU G 39 8.46 34.22 -33.86
CA GLU G 39 7.07 34.22 -34.26
C GLU G 39 6.85 35.11 -35.47
N ALA G 40 7.40 36.32 -35.42
CA ALA G 40 7.23 37.27 -36.51
C ALA G 40 7.99 36.86 -37.76
N LEU G 41 8.95 35.95 -37.65
CA LEU G 41 9.60 35.41 -38.84
C LEU G 41 8.64 34.49 -39.59
N LYS G 42 7.98 33.60 -38.87
CA LYS G 42 7.12 32.64 -39.56
C LYS G 42 5.75 33.22 -39.90
N MET G 43 5.44 34.44 -39.47
CA MET G 43 4.35 35.18 -40.07
C MET G 43 4.77 35.93 -41.31
N GLY G 44 6.06 35.96 -41.62
CA GLY G 44 6.57 36.85 -42.65
C GLY G 44 6.39 38.30 -42.26
N LYS G 45 6.66 38.65 -41.00
CA LYS G 45 6.27 39.96 -40.49
C LYS G 45 7.36 40.52 -39.58
N LEU G 46 8.59 40.03 -39.68
CA LEU G 46 9.62 40.37 -38.71
C LEU G 46 10.18 41.77 -38.93
N ASP G 47 10.21 42.25 -40.17
CA ASP G 47 10.82 43.54 -40.46
C ASP G 47 9.95 44.71 -40.03
N ALA G 48 8.65 44.49 -39.87
CA ALA G 48 7.83 45.52 -39.22
C ALA G 48 8.08 45.53 -37.72
N PHE G 49 8.43 44.37 -37.16
CA PHE G 49 8.71 44.28 -35.73
C PHE G 49 10.13 44.71 -35.41
N LEU G 50 11.08 44.36 -36.26
CA LEU G 50 12.48 44.73 -36.02
C LEU G 50 12.73 46.20 -36.30
N ALA G 51 11.95 46.81 -37.20
CA ALA G 51 12.00 48.26 -37.30
C ALA G 51 11.38 48.90 -36.07
N GLU G 52 10.42 48.24 -35.45
CA GLU G 52 9.85 48.70 -34.18
C GLU G 52 10.77 48.36 -33.01
N ALA G 53 11.54 47.27 -33.13
CA ALA G 53 12.38 46.79 -32.05
C ALA G 53 13.57 47.67 -31.76
N ASN G 54 13.78 48.75 -32.50
CA ASN G 54 14.92 49.63 -32.30
C ASN G 54 14.46 51.04 -31.98
N GLN G 55 13.41 51.17 -31.17
CA GLN G 55 12.83 52.47 -30.86
C GLN G 55 12.79 52.70 -29.36
N ASP G 56 12.82 53.98 -28.97
CA ASP G 56 12.62 54.39 -27.59
C ASP G 56 11.15 54.22 -27.17
N LYS G 57 10.24 53.99 -28.11
CA LYS G 57 8.83 53.95 -27.80
C LYS G 57 8.47 52.71 -27.00
N PHE G 58 9.08 51.57 -27.31
CA PHE G 58 8.59 50.31 -26.76
C PHE G 58 9.47 49.84 -25.62
N THR G 59 8.83 49.21 -24.64
CA THR G 59 9.48 48.59 -23.50
C THR G 59 9.17 47.11 -23.52
N LEU G 60 9.82 46.36 -22.64
CA LEU G 60 9.55 44.94 -22.45
C LEU G 60 10.13 44.54 -21.10
N THR G 61 9.45 43.61 -20.43
CA THR G 61 9.74 43.27 -19.06
C THR G 61 9.62 41.76 -18.92
N ASP G 62 10.40 41.16 -18.04
CA ASP G 62 10.27 39.73 -17.85
C ASP G 62 9.11 39.39 -16.94
N ALA G 63 8.89 38.09 -16.77
CA ALA G 63 7.73 37.60 -16.05
C ALA G 63 7.89 37.79 -14.56
N PHE G 64 6.75 37.96 -13.88
CA PHE G 64 6.66 38.00 -12.43
C PHE G 64 5.34 37.35 -12.06
N PRO G 65 5.23 36.74 -10.88
CA PRO G 65 3.98 36.07 -10.54
C PRO G 65 2.85 37.07 -10.33
N PHE G 66 1.68 36.72 -10.84
CA PHE G 66 0.48 37.55 -10.71
C PHE G 66 -0.51 36.73 -9.88
N GLN G 67 -0.64 37.07 -8.60
CA GLN G 67 -1.59 36.38 -7.72
C GLN G 67 -2.55 37.45 -7.21
N PHE G 68 -3.57 37.74 -8.01
CA PHE G 68 -4.56 38.81 -7.77
C PHE G 68 -3.87 40.14 -7.51
N GLY G 69 -2.90 40.46 -8.36
CA GLY G 69 -2.08 41.63 -8.19
C GLY G 69 -0.69 41.38 -8.71
N PRO G 70 -0.13 42.34 -9.42
CA PRO G 70 1.21 42.18 -10.00
C PRO G 70 2.28 42.22 -8.92
N PHE G 71 3.29 41.36 -9.07
CA PHE G 71 4.36 41.28 -8.07
C PHE G 71 5.64 41.87 -8.67
N LEU G 72 6.69 41.88 -7.86
CA LEU G 72 7.91 42.57 -8.21
C LEU G 72 9.08 41.71 -7.74
N PRO G 73 10.29 41.94 -8.27
CA PRO G 73 11.45 41.26 -7.71
C PRO G 73 11.75 41.71 -6.30
N LYS G 74 12.65 40.99 -5.65
CA LYS G 74 13.13 41.46 -4.33
C LYS G 74 14.29 42.40 -4.65
N PRO G 75 14.35 43.64 -4.10
CA PRO G 75 15.47 44.53 -4.41
C PRO G 75 16.76 43.85 -3.94
N ILE G 76 17.84 43.96 -4.72
CA ILE G 76 19.09 43.22 -4.35
C ILE G 76 19.85 44.01 -3.29
N GLY G 77 19.65 43.63 -2.02
CA GLY G 77 20.35 44.24 -0.87
C GLY G 77 19.79 45.59 -0.48
N TYR G 78 18.65 46.01 -1.05
CA TYR G 78 18.12 47.35 -0.69
C TYR G 78 17.67 47.45 0.76
N PRO G 79 17.05 46.41 1.37
CA PRO G 79 16.67 46.50 2.77
C PRO G 79 17.96 46.69 3.57
N LYS G 80 17.99 47.64 4.50
CA LYS G 80 19.23 47.87 5.29
C LYS G 80 19.20 47.11 6.62
N HIS G 81 20.35 46.99 7.29
CA HIS G 81 20.48 46.29 8.59
C HIS G 81 20.07 47.24 9.72
N ASP G 82 18.77 47.48 9.85
CA ASP G 82 18.22 48.38 10.91
C ASP G 82 17.70 47.53 12.06
N GLN G 86 19.55 45.60 15.58
CA GLN G 86 18.88 44.57 16.37
C GLN G 86 19.82 43.39 16.63
N SER G 87 20.65 43.53 17.65
CA SER G 87 21.54 42.44 18.07
C SER G 87 20.89 41.66 19.22
N VAL G 88 19.74 41.05 18.88
CA VAL G 88 18.93 40.26 19.85
C VAL G 88 18.48 38.94 19.20
N ASP G 89 18.77 37.82 19.88
CA ASP G 89 18.30 36.47 19.53
C ASP G 89 18.86 36.02 18.18
N VAL G 90 20.19 35.84 18.18
CA VAL G 90 20.93 35.48 16.98
C VAL G 90 20.64 34.03 16.57
N LYS G 91 20.11 33.23 17.50
CA LYS G 91 19.80 31.82 17.24
C LYS G 91 18.74 31.66 16.16
N GLU G 92 17.84 32.62 16.02
CA GLU G 92 16.73 32.50 15.08
C GLU G 92 16.71 33.54 13.98
N VAL G 93 17.33 34.71 14.18
CA VAL G 93 17.33 35.71 13.12
C VAL G 93 18.27 35.33 11.99
N ARG G 94 19.22 34.42 12.24
CA ARG G 94 19.98 33.84 11.15
C ARG G 94 19.15 32.82 10.39
N ARG G 95 18.25 32.12 11.10
CA ARG G 95 17.29 31.25 10.42
C ARG G 95 16.28 32.06 9.64
N GLN G 96 15.97 33.28 10.11
CA GLN G 96 15.12 34.19 9.34
C GLN G 96 15.81 34.65 8.06
N ALA G 97 17.13 34.76 8.08
CA ALA G 97 17.91 35.08 6.89
C ALA G 97 18.17 33.86 6.01
N LYS G 98 17.62 32.70 6.37
CA LYS G 98 17.62 31.53 5.51
C LYS G 98 16.36 31.48 4.65
N LEU G 99 15.20 31.67 5.26
CA LEU G 99 13.96 31.71 4.49
C LEU G 99 13.84 33.00 3.70
N SER G 100 14.35 34.10 4.23
CA SER G 100 14.43 35.35 3.45
C SER G 100 15.76 35.47 2.74
N LYS G 101 16.15 34.38 2.07
CA LYS G 101 17.27 34.36 1.16
C LYS G 101 16.93 33.70 -0.16
N LYS G 102 15.93 32.81 -0.19
CA LYS G 102 15.31 32.37 -1.42
C LYS G 102 13.86 32.81 -1.32
N LEU G 103 13.62 34.09 -1.62
CA LEU G 103 12.27 34.65 -1.73
C LEU G 103 12.01 35.20 -3.12
N GLN G 104 12.80 36.19 -3.53
CA GLN G 104 12.96 36.78 -4.86
C GLN G 104 11.71 37.35 -5.49
N PHE G 105 10.55 37.34 -4.83
CA PHE G 105 9.37 38.01 -5.37
C PHE G 105 8.54 38.65 -4.28
N LEU G 106 8.20 39.92 -4.48
CA LEU G 106 7.42 40.71 -3.54
C LEU G 106 6.22 41.29 -4.22
N ALA G 107 5.12 41.39 -3.48
CA ALA G 107 3.90 41.97 -4.02
C ALA G 107 4.01 43.48 -4.09
N LEU G 108 3.32 44.06 -5.06
CA LEU G 108 3.33 45.52 -5.20
C LEU G 108 2.54 46.21 -4.09
N GLU G 109 1.64 45.47 -3.42
CA GLU G 109 0.89 46.02 -2.30
C GLU G 109 1.81 46.36 -1.14
N ASN G 110 2.95 45.70 -1.02
CA ASN G 110 3.80 45.87 0.15
C ASN G 110 5.28 45.91 -0.19
N VAL G 111 5.64 46.27 -1.43
CA VAL G 111 7.05 46.39 -1.78
C VAL G 111 7.67 47.61 -1.10
N ASP G 112 6.87 48.62 -0.76
CA ASP G 112 7.39 49.76 -0.03
C ASP G 112 7.67 49.42 1.42
N ASP G 113 6.95 48.45 1.99
CA ASP G 113 7.26 48.03 3.34
C ASP G 113 8.53 47.20 3.39
N TYR G 114 8.89 46.54 2.29
CA TYR G 114 10.13 45.77 2.25
C TYR G 114 11.34 46.68 2.30
N LEU G 115 11.33 47.76 1.52
CA LEU G 115 12.38 48.77 1.64
C LEU G 115 12.37 49.39 3.03
N ASN G 116 11.18 49.60 3.61
CA ASN G 116 11.08 50.06 4.96
C ASN G 116 11.37 48.97 5.99
N GLY G 117 11.41 47.71 5.57
CA GLY G 117 11.78 46.63 6.46
C GLY G 117 10.59 45.86 7.00
N GLU G 118 10.37 44.67 6.45
CA GLU G 118 9.31 43.77 6.88
C GLU G 118 9.67 42.38 6.38
N LEU G 119 9.27 41.36 7.13
CA LEU G 119 9.77 40.00 6.91
C LEU G 119 9.23 39.41 5.61
N PHE G 120 7.91 39.41 5.44
CA PHE G 120 7.19 38.91 4.26
C PHE G 120 7.55 37.46 3.97
N GLU G 121 7.06 36.58 4.85
CA GLU G 121 7.09 35.14 4.62
C GLU G 121 6.54 34.80 3.23
N ASN G 122 7.34 34.08 2.46
CA ASN G 122 7.09 33.94 1.03
C ASN G 122 5.93 32.99 0.77
N GLU G 123 5.12 33.33 -0.21
CA GLU G 123 4.06 32.48 -0.71
C GLU G 123 4.62 31.56 -1.78
N GLU G 124 3.77 30.65 -2.26
CA GLU G 124 4.20 29.60 -3.19
C GLU G 124 3.63 29.84 -4.57
N HIS G 125 4.51 29.87 -5.55
CA HIS G 125 4.15 29.89 -6.97
C HIS G 125 4.85 28.72 -7.63
N ALA G 126 4.06 27.75 -8.11
CA ALA G 126 4.52 26.73 -9.06
C ALA G 126 5.65 25.87 -8.50
N VAL G 127 5.28 24.98 -7.58
CA VAL G 127 6.17 23.93 -7.11
C VAL G 127 6.76 23.13 -8.27
N ILE G 128 8.08 23.11 -8.35
CA ILE G 128 8.79 22.56 -9.51
C ILE G 128 8.90 21.05 -9.38
N ASP G 129 8.29 20.33 -10.31
CA ASP G 129 8.40 18.88 -10.40
C ASP G 129 9.64 18.53 -11.22
N THR G 130 9.99 17.24 -11.25
CA THR G 130 11.05 16.76 -12.13
C THR G 130 10.70 15.34 -12.58
N VAL G 131 10.05 15.24 -13.73
CA VAL G 131 9.57 13.96 -14.25
C VAL G 131 10.64 13.35 -15.14
N THR G 132 10.88 12.06 -14.97
CA THR G 132 11.97 11.39 -15.65
C THR G 132 11.41 10.69 -16.89
N LYS G 133 11.54 11.35 -18.03
CA LYS G 133 11.08 10.80 -19.29
C LYS G 133 12.08 9.76 -19.78
N ASN G 134 11.82 9.20 -20.95
CA ASN G 134 12.76 8.27 -21.53
C ASN G 134 12.69 8.34 -23.05
N GLN G 135 13.25 7.32 -23.68
CA GLN G 135 13.05 7.02 -25.07
C GLN G 135 13.15 5.51 -25.04
N PRO G 136 12.22 4.79 -25.66
CA PRO G 136 12.21 3.34 -25.50
C PRO G 136 13.27 2.67 -26.35
N HIS G 137 14.01 1.76 -25.71
CA HIS G 137 14.86 0.75 -26.33
C HIS G 137 16.08 1.35 -27.03
N LYS G 138 16.55 2.50 -26.56
CA LYS G 138 17.74 3.11 -27.11
C LYS G 138 18.89 3.03 -26.12
N ASP G 139 20.09 3.29 -26.63
CA ASP G 139 21.28 3.45 -25.82
C ASP G 139 21.30 4.88 -25.29
N ASP G 140 21.49 5.03 -23.97
CA ASP G 140 21.56 6.32 -23.26
C ASP G 140 20.27 7.13 -23.48
N ASN G 141 19.20 6.61 -22.90
CA ASN G 141 17.88 7.11 -23.22
C ASN G 141 17.08 7.56 -22.00
N LEU G 142 17.72 8.08 -20.96
CA LEU G 142 17.01 8.61 -19.81
C LEU G 142 17.42 10.05 -19.54
N TYR G 143 16.69 10.98 -20.14
CA TYR G 143 16.81 12.36 -19.77
C TYR G 143 15.77 12.65 -18.68
N GLN G 144 15.81 13.86 -18.15
CA GLN G 144 14.95 14.21 -17.04
C GLN G 144 14.54 15.66 -17.23
N VAL G 145 13.25 15.94 -17.15
CA VAL G 145 12.73 17.26 -17.50
C VAL G 145 12.01 17.83 -16.29
N ALA G 146 12.46 18.98 -15.83
CA ALA G 146 11.78 19.67 -14.75
C ALA G 146 10.53 20.37 -15.29
N THR G 147 9.71 20.86 -14.38
CA THR G 147 8.42 21.40 -14.77
C THR G 147 7.95 22.38 -13.71
N THR G 148 7.71 23.62 -14.10
CA THR G 148 6.96 24.52 -13.24
C THR G 148 5.48 24.25 -13.42
N ARG G 149 4.79 23.98 -12.32
CA ARG G 149 3.38 23.60 -12.36
C ARG G 149 2.60 24.60 -11.50
N PHE G 150 1.93 25.54 -12.15
CA PHE G 150 1.47 26.76 -11.50
C PHE G 150 0.24 26.54 -10.63
N SER G 151 0.10 27.40 -9.62
CA SER G 151 -0.75 27.18 -8.45
C SER G 151 -2.14 27.79 -8.60
N ASN G 152 -2.83 27.45 -9.70
CA ASN G 152 -4.27 27.61 -9.92
C ASN G 152 -4.75 29.06 -10.05
N ASP G 153 -3.90 30.05 -9.83
CA ASP G 153 -4.26 31.43 -10.14
C ASP G 153 -3.11 32.29 -10.60
N THR G 154 -1.91 31.75 -10.76
CA THR G 154 -0.71 32.55 -10.92
C THR G 154 -0.37 32.68 -12.40
N SER G 155 -0.20 33.91 -12.85
CA SER G 155 0.14 34.23 -14.22
C SER G 155 1.42 35.06 -14.22
N LEU G 156 1.86 35.52 -15.39
CA LEU G 156 3.24 35.98 -15.47
C LEU G 156 3.48 37.41 -15.98
N TYR G 157 2.65 37.97 -16.86
CA TYR G 157 2.60 39.41 -17.20
C TYR G 157 3.93 40.06 -17.64
N VAL G 158 4.33 39.90 -18.89
CA VAL G 158 5.28 40.85 -19.41
C VAL G 158 4.63 42.23 -19.44
N ILE G 159 5.41 43.27 -19.17
CA ILE G 159 4.93 44.65 -19.16
C ILE G 159 5.57 45.35 -20.34
N ALA G 160 4.78 45.71 -21.34
CA ALA G 160 5.36 46.15 -22.60
C ALA G 160 4.58 47.34 -23.15
N ASN G 161 4.98 47.76 -24.34
CA ASN G 161 4.26 48.78 -25.08
C ASN G 161 2.95 48.20 -25.61
N GLU G 162 1.85 48.88 -25.36
CA GLU G 162 0.57 48.45 -25.92
C GLU G 162 0.60 48.75 -27.42
N SER G 163 1.00 47.76 -28.20
CA SER G 163 1.13 47.91 -29.64
C SER G 163 0.31 46.83 -30.33
N ASP G 164 -0.42 47.22 -31.37
CA ASP G 164 -1.32 46.30 -32.03
C ASP G 164 -0.56 45.22 -32.79
N LEU G 165 0.64 45.53 -33.26
CA LEU G 165 1.48 44.48 -33.83
C LEU G 165 2.01 43.57 -32.73
N LEU G 166 2.16 44.08 -31.51
CA LEU G 166 2.63 43.23 -30.43
C LEU G 166 1.54 42.30 -29.94
N ASN G 167 0.28 42.76 -29.93
CA ASN G 167 -0.81 41.92 -29.51
C ASN G 167 -1.17 40.87 -30.55
N GLU G 168 -0.89 41.13 -31.82
CA GLU G 168 -1.11 40.11 -32.84
C GLU G 168 -0.09 38.99 -32.72
N LEU G 169 1.13 39.33 -32.29
CA LEU G 169 2.14 38.30 -32.10
C LEU G 169 1.85 37.46 -30.87
N MET G 170 1.55 38.12 -29.76
CA MET G 170 1.39 37.41 -28.50
C MET G 170 0.01 36.79 -28.32
N SER G 171 -0.88 36.94 -29.28
CA SER G 171 -2.04 36.07 -29.32
C SER G 171 -1.74 34.78 -30.06
N SER G 172 -0.62 34.72 -30.77
CA SER G 172 -0.14 33.48 -31.37
C SER G 172 0.90 32.77 -30.53
N LEU G 173 1.49 33.45 -29.55
CA LEU G 173 2.30 32.72 -28.58
C LEU G 173 1.46 31.94 -27.60
N GLN G 174 0.15 32.20 -27.55
CA GLN G 174 -0.77 31.34 -26.82
C GLN G 174 -0.74 29.91 -27.33
N TYR G 175 -0.43 29.73 -28.60
CA TYR G 175 -0.54 28.46 -29.27
C TYR G 175 0.78 27.92 -29.77
N SER G 176 1.87 28.66 -29.62
CA SER G 176 3.20 28.10 -29.80
C SER G 176 3.91 27.87 -28.49
N GLY G 177 3.52 28.56 -27.43
CA GLY G 177 4.05 28.30 -26.11
C GLY G 177 5.40 28.92 -25.84
N LEU G 178 5.62 29.38 -24.62
CA LEU G 178 6.94 29.85 -24.24
C LEU G 178 7.77 28.71 -23.67
N GLY G 179 9.03 29.00 -23.42
CA GLY G 179 9.85 28.13 -22.60
C GLY G 179 10.47 26.92 -23.25
N GLY G 180 10.42 25.79 -22.56
CA GLY G 180 11.32 24.69 -22.84
C GLY G 180 10.75 23.69 -23.80
N LYS G 181 10.33 22.51 -23.32
CA LYS G 181 9.83 21.47 -24.22
C LYS G 181 8.41 21.79 -24.70
N ARG G 182 8.28 22.94 -25.35
CA ARG G 182 7.14 23.16 -26.21
C ARG G 182 7.28 22.25 -27.41
N SER G 183 6.14 21.94 -28.04
CA SER G 183 5.92 20.75 -28.87
C SER G 183 6.09 19.46 -28.10
N SER G 184 5.94 19.52 -26.77
CA SER G 184 5.82 18.32 -25.96
C SER G 184 4.84 18.52 -24.82
N GLY G 185 4.17 19.65 -24.75
CA GLY G 185 3.21 19.91 -23.71
C GLY G 185 3.66 20.88 -22.65
N PHE G 186 4.47 21.87 -22.98
CA PHE G 186 4.96 22.80 -22.01
C PHE G 186 4.84 24.21 -22.54
N GLY G 187 4.57 25.15 -21.64
CA GLY G 187 4.61 26.55 -21.97
C GLY G 187 3.41 27.10 -22.69
N ARG G 188 2.39 26.30 -22.97
CA ARG G 188 1.24 26.82 -23.67
C ARG G 188 0.39 27.61 -22.70
N PHE G 189 0.08 28.86 -23.04
CA PHE G 189 -0.64 29.73 -22.14
C PHE G 189 -1.83 30.36 -22.84
N GLU G 190 -2.53 31.23 -22.11
CA GLU G 190 -3.65 32.01 -22.64
C GLU G 190 -3.49 33.44 -22.16
N LEU G 191 -3.25 34.36 -23.08
CA LEU G 191 -2.95 35.74 -22.74
C LEU G 191 -4.21 36.47 -22.32
N ASP G 192 -4.05 37.47 -21.46
CA ASP G 192 -5.18 38.31 -21.04
C ASP G 192 -4.65 39.70 -20.76
N ILE G 193 -4.80 40.61 -21.72
CA ILE G 193 -4.24 41.95 -21.59
C ILE G 193 -5.07 42.74 -20.59
N GLN G 194 -4.44 43.17 -19.51
CA GLN G 194 -5.13 44.01 -18.53
C GLN G 194 -4.49 45.37 -18.49
N ASN G 195 -4.90 46.17 -17.50
CA ASN G 195 -4.38 47.52 -17.30
C ASN G 195 -3.52 47.53 -16.04
N ILE G 196 -2.68 48.55 -15.94
CA ILE G 196 -1.72 48.66 -14.84
C ILE G 196 -2.41 49.33 -13.67
N PRO G 197 -2.14 48.93 -12.43
CA PRO G 197 -2.56 49.73 -11.27
C PRO G 197 -1.89 51.11 -11.28
N LEU G 198 -2.54 52.05 -10.60
CA LEU G 198 -2.10 53.44 -10.67
C LEU G 198 -0.82 53.70 -9.90
N GLU G 199 -0.56 52.96 -8.83
CA GLU G 199 0.68 53.13 -8.08
C GLU G 199 1.79 52.22 -8.60
N LEU G 200 1.58 51.52 -9.71
CA LEU G 200 2.65 50.81 -10.39
C LEU G 200 3.11 51.54 -11.64
N SER G 201 2.18 52.06 -12.45
CA SER G 201 2.55 52.93 -13.56
C SER G 201 3.02 54.30 -13.10
N ASP G 202 2.81 54.63 -11.84
CA ASP G 202 3.43 55.81 -11.25
C ASP G 202 4.95 55.71 -11.25
N ARG G 203 5.49 54.50 -11.15
CA ARG G 203 6.92 54.31 -10.98
C ARG G 203 7.54 53.41 -12.05
N LEU G 204 6.89 53.24 -13.21
CA LEU G 204 7.52 52.54 -14.32
C LEU G 204 8.30 53.54 -15.17
N THR G 205 9.39 54.05 -14.59
CA THR G 205 10.20 55.00 -15.31
C THR G 205 11.15 54.28 -16.25
N LYS G 206 11.91 55.06 -17.01
CA LYS G 206 13.06 54.55 -17.72
C LYS G 206 14.26 55.47 -17.59
N ASN G 207 14.07 56.77 -17.32
CA ASN G 207 15.15 57.73 -17.34
C ASN G 207 15.04 58.70 -16.16
N HIS G 208 14.81 58.16 -14.96
CA HIS G 208 14.67 58.97 -13.75
C HIS G 208 15.89 58.78 -12.87
N SER G 209 16.75 59.80 -12.81
CA SER G 209 18.02 59.72 -12.09
C SER G 209 17.78 59.79 -10.59
N ASP G 210 17.60 58.63 -9.97
CA ASP G 210 17.40 58.54 -8.53
C ASP G 210 17.79 57.12 -8.11
N LYS G 211 17.51 56.76 -6.87
CA LYS G 211 17.78 55.40 -6.40
C LYS G 211 16.76 54.46 -7.00
N VAL G 212 17.08 53.87 -8.15
CA VAL G 212 16.09 53.24 -8.99
C VAL G 212 16.40 51.75 -9.12
N MET G 213 15.35 50.95 -9.16
CA MET G 213 15.43 49.50 -9.25
C MET G 213 15.14 49.07 -10.67
N SER G 214 15.86 48.06 -11.16
CA SER G 214 15.54 47.50 -12.46
C SER G 214 14.42 46.49 -12.33
N LEU G 215 13.67 46.32 -13.41
CA LEU G 215 12.66 45.28 -13.49
C LEU G 215 12.91 44.31 -14.62
N THR G 216 14.10 44.33 -15.21
CA THR G 216 14.46 43.37 -16.25
C THR G 216 15.96 43.28 -16.36
N THR G 217 16.41 42.20 -17.00
CA THR G 217 17.83 41.99 -17.22
C THR G 217 18.31 42.93 -18.31
N ALA G 218 19.36 43.69 -18.03
CA ALA G 218 19.80 44.72 -18.96
C ALA G 218 21.31 44.77 -18.98
N LEU G 219 21.87 44.68 -20.18
CA LEU G 219 23.29 44.95 -20.37
C LEU G 219 23.41 46.40 -20.81
N PRO G 220 24.01 47.27 -20.02
CA PRO G 220 24.05 48.69 -20.36
C PRO G 220 24.95 48.96 -21.56
N VAL G 221 24.73 50.13 -22.15
CA VAL G 221 25.66 50.66 -23.14
C VAL G 221 26.94 51.04 -22.41
N ASP G 222 28.08 50.89 -23.10
CA ASP G 222 29.40 50.99 -22.50
C ASP G 222 29.72 52.36 -21.92
N ALA G 223 29.00 53.41 -22.32
CA ALA G 223 29.17 54.70 -21.67
C ALA G 223 28.52 54.73 -20.29
N ASP G 224 27.52 53.88 -20.06
CA ASP G 224 26.82 53.85 -18.78
C ASP G 224 27.29 52.73 -17.86
N LEU G 225 28.04 51.75 -18.37
CA LEU G 225 28.41 50.60 -17.56
C LEU G 225 29.49 50.94 -16.55
N GLU G 226 30.27 52.00 -16.80
CA GLU G 226 31.29 52.44 -15.85
C GLU G 226 30.66 52.88 -14.54
N GLU G 227 29.71 53.80 -14.60
CA GLU G 227 29.17 54.41 -13.40
C GLU G 227 28.11 53.53 -12.73
N ALA G 228 27.48 52.63 -13.48
CA ALA G 228 26.44 51.78 -12.90
C ALA G 228 27.02 50.71 -11.99
N MET G 229 28.31 50.42 -12.09
CA MET G 229 28.97 49.47 -11.19
C MET G 229 29.23 50.04 -9.81
N GLU G 230 29.11 51.36 -9.64
CA GLU G 230 29.59 52.00 -8.43
C GLU G 230 28.66 51.73 -7.25
N ASP G 231 27.40 52.11 -7.39
CA ASP G 231 26.44 51.98 -6.30
C ASP G 231 25.44 50.85 -6.54
N GLY G 232 25.51 50.17 -7.68
CA GLY G 232 24.57 49.11 -7.96
C GLY G 232 24.78 47.90 -7.07
N HIS G 233 23.74 47.07 -7.01
CA HIS G 233 23.74 45.84 -6.23
C HIS G 233 23.02 44.81 -7.10
N TYR G 234 23.79 44.03 -7.84
CA TYR G 234 23.24 43.31 -8.97
C TYR G 234 23.58 41.83 -8.92
N LEU G 235 22.93 41.07 -9.79
CA LEU G 235 23.24 39.68 -10.04
C LEU G 235 23.63 39.59 -11.51
N LEU G 236 24.11 38.45 -11.95
CA LEU G 236 24.72 38.51 -13.28
C LEU G 236 24.26 37.42 -14.25
N THR G 237 24.02 36.21 -13.76
CA THR G 237 23.10 35.20 -14.32
C THR G 237 23.39 34.56 -15.67
N LYS G 238 24.37 35.04 -16.46
CA LYS G 238 24.94 34.32 -17.61
C LYS G 238 23.88 33.91 -18.66
N SER G 239 23.41 34.88 -19.42
CA SER G 239 22.52 34.51 -20.51
C SER G 239 23.32 33.85 -21.62
N SER G 240 23.02 32.59 -21.90
CA SER G 240 23.72 31.83 -22.95
C SER G 240 22.81 30.70 -23.40
N GLY G 241 23.33 29.85 -24.26
CA GLY G 241 22.59 28.72 -24.78
C GLY G 241 22.85 28.57 -26.26
N PHE G 242 22.15 27.63 -26.89
CA PHE G 242 22.31 27.44 -28.33
C PHE G 242 21.38 28.37 -29.09
N ALA G 243 21.86 28.88 -30.21
CA ALA G 243 21.06 29.77 -31.04
C ALA G 243 20.15 28.94 -31.92
N PHE G 244 18.84 29.13 -31.76
CA PHE G 244 17.88 28.45 -32.61
C PHE G 244 17.87 29.10 -33.98
N SER G 245 17.96 28.28 -35.02
CA SER G 245 18.02 28.79 -36.38
C SER G 245 17.49 27.75 -37.34
N HIS G 246 16.76 28.22 -38.35
CA HIS G 246 16.32 27.38 -39.45
C HIS G 246 17.33 27.33 -40.58
N ALA G 247 18.51 27.92 -40.42
CA ALA G 247 19.40 28.12 -41.55
C ALA G 247 20.80 27.60 -41.28
N THR G 248 20.94 26.58 -40.45
CA THR G 248 22.28 26.05 -40.14
C THR G 248 22.42 24.58 -40.50
N ASN G 249 21.46 23.75 -40.09
CA ASN G 249 21.58 22.30 -39.97
C ASN G 249 22.75 21.93 -39.06
N GLU G 250 22.96 22.75 -38.03
CA GLU G 250 24.05 22.59 -37.08
C GLU G 250 23.82 23.46 -35.86
N ASN G 251 23.82 22.89 -34.65
CA ASN G 251 23.46 23.65 -33.47
C ASN G 251 24.68 24.38 -32.93
N TYR G 252 24.78 25.66 -33.25
CA TYR G 252 25.88 26.50 -32.78
C TYR G 252 25.59 27.00 -31.37
N ARG G 253 26.35 27.98 -30.93
CA ARG G 253 26.30 28.46 -29.56
C ARG G 253 26.29 29.98 -29.58
N LYS G 254 25.44 30.57 -28.74
CA LYS G 254 25.44 32.01 -28.58
C LYS G 254 26.73 32.48 -27.92
N GLN G 255 26.99 33.78 -28.00
CA GLN G 255 28.26 34.30 -27.53
C GLN G 255 28.20 34.83 -26.11
N ASP G 256 27.37 34.21 -25.25
CA ASP G 256 27.51 34.24 -23.80
C ASP G 256 27.43 35.65 -23.22
N LEU G 257 26.27 36.25 -23.36
CA LEU G 257 26.05 37.60 -22.86
C LEU G 257 25.84 37.53 -21.35
N TYR G 258 26.74 38.14 -20.60
CA TYR G 258 26.58 38.25 -19.16
C TYR G 258 25.83 39.53 -18.87
N LYS G 259 24.59 39.40 -18.41
CA LYS G 259 23.74 40.56 -18.21
C LYS G 259 23.72 40.95 -16.74
N PHE G 260 22.85 41.89 -16.40
CA PHE G 260 22.46 42.09 -15.02
C PHE G 260 21.21 41.27 -14.76
N ALA G 261 20.54 41.50 -13.65
CA ALA G 261 19.36 40.70 -13.34
C ALA G 261 18.25 41.61 -12.84
N SER G 262 17.02 41.14 -13.03
CA SER G 262 15.85 41.87 -12.59
C SER G 262 15.80 41.88 -11.08
N GLY G 263 15.76 43.07 -10.50
CA GLY G 263 15.91 43.25 -9.07
C GLY G 263 17.19 43.95 -8.69
N SER G 264 18.06 44.21 -9.66
CA SER G 264 19.30 44.94 -9.42
C SER G 264 18.97 46.38 -9.09
N THR G 265 19.20 46.78 -7.84
CA THR G 265 19.01 48.17 -7.49
C THR G 265 20.14 49.02 -8.04
N PHE G 266 19.85 50.28 -8.35
CA PHE G 266 20.89 51.10 -9.02
C PHE G 266 20.61 52.59 -8.84
N SER G 267 21.54 53.40 -9.32
CA SER G 267 21.38 54.88 -9.28
C SER G 267 21.65 55.40 -10.70
N LYS G 268 20.99 56.49 -11.12
CA LYS G 268 21.18 57.02 -12.49
C LYS G 268 20.95 55.90 -13.51
N THR G 269 19.72 55.37 -13.57
CA THR G 269 19.38 54.20 -14.42
C THR G 269 19.89 54.39 -15.86
N PHE G 270 20.60 53.38 -16.35
CA PHE G 270 21.25 53.32 -17.68
C PHE G 270 20.30 52.85 -18.77
N GLU G 271 20.77 52.98 -20.02
CA GLU G 271 20.12 52.61 -21.26
C GLU G 271 20.80 51.38 -21.82
N GLY G 272 20.00 50.43 -22.29
CA GLY G 272 20.48 49.12 -22.67
C GLY G 272 20.66 48.95 -24.16
N GLN G 273 20.68 47.69 -24.60
CA GLN G 273 21.09 47.36 -25.96
C GLN G 273 20.15 46.33 -26.55
N ILE G 274 20.48 45.89 -27.76
CA ILE G 274 20.00 44.64 -28.34
C ILE G 274 21.25 43.96 -28.85
N VAL G 275 21.80 43.04 -28.06
CA VAL G 275 23.18 42.61 -28.18
C VAL G 275 23.26 41.49 -29.21
N ASP G 276 23.87 41.77 -30.35
CA ASP G 276 24.00 40.77 -31.42
C ASP G 276 25.00 39.71 -30.97
N VAL G 277 24.48 38.61 -30.42
CA VAL G 277 25.30 37.56 -29.85
C VAL G 277 25.42 36.40 -30.83
N ARG G 278 25.30 36.71 -32.12
CA ARG G 278 25.43 35.72 -33.17
C ARG G 278 26.80 35.05 -33.10
N PRO G 279 26.89 33.77 -33.44
CA PRO G 279 28.22 33.15 -33.53
C PRO G 279 28.97 33.68 -34.74
N LEU G 280 30.25 33.35 -34.80
CA LEU G 280 31.08 33.88 -35.88
C LEU G 280 30.69 33.19 -37.18
N ASP G 281 30.62 33.99 -38.25
CA ASP G 281 30.24 33.57 -39.60
C ASP G 281 28.83 32.95 -39.60
N PHE G 282 27.87 33.81 -39.29
CA PHE G 282 26.49 33.39 -39.10
C PHE G 282 25.57 34.34 -39.84
N PRO G 283 24.55 33.81 -40.57
CA PRO G 283 23.79 34.64 -41.51
C PRO G 283 22.99 35.78 -40.89
N HIS G 284 22.10 35.47 -39.97
CA HIS G 284 21.28 36.47 -39.33
C HIS G 284 21.85 36.84 -37.97
N ALA G 285 21.14 37.71 -37.28
CA ALA G 285 21.55 38.16 -35.96
C ALA G 285 20.79 37.37 -34.90
N VAL G 286 21.36 37.32 -33.70
CA VAL G 286 20.63 36.81 -32.50
C VAL G 286 20.47 38.04 -31.60
N LEU G 287 19.26 38.57 -31.47
CA LEU G 287 19.06 39.87 -30.76
C LEU G 287 19.40 39.88 -29.26
N ASN G 288 18.91 38.90 -28.49
CA ASN G 288 19.24 38.90 -27.05
C ASN G 288 18.93 40.23 -26.38
N TYR G 289 17.64 40.51 -26.29
CA TYR G 289 17.10 41.78 -25.82
C TYR G 289 17.58 42.13 -24.42
N ALA G 290 18.26 43.27 -24.30
CA ALA G 290 18.67 43.73 -22.97
C ALA G 290 18.60 45.26 -22.92
N LYS G 291 17.43 45.78 -22.53
CA LYS G 291 17.37 47.18 -22.16
C LYS G 291 16.38 47.31 -21.00
N PRO G 292 16.67 48.20 -20.06
CA PRO G 292 15.92 48.19 -18.81
C PRO G 292 14.61 48.95 -18.88
N LEU G 293 13.63 48.44 -18.15
CA LEU G 293 12.45 49.19 -17.73
C LEU G 293 12.49 49.24 -16.22
N PHE G 294 12.75 50.41 -15.68
CA PHE G 294 13.10 50.48 -14.27
C PHE G 294 11.92 50.50 -13.32
N PHE G 295 12.19 50.87 -12.07
CA PHE G 295 11.18 51.00 -11.03
C PHE G 295 11.76 51.90 -9.95
N LYS G 296 11.16 53.07 -9.76
CA LYS G 296 11.60 53.96 -8.69
C LYS G 296 11.24 53.36 -7.34
N LEU G 297 12.08 53.61 -6.35
CA LEU G 297 11.91 52.97 -5.04
C LEU G 297 11.19 53.89 -4.07
N GLU G 298 11.72 55.09 -3.86
CA GLU G 298 11.17 56.02 -2.88
C GLU G 298 10.19 57.01 -3.48
N VAL G 299 10.24 57.23 -4.79
CA VAL G 299 9.33 58.16 -5.44
C VAL G 299 8.04 57.46 -5.83
N ASN H 3 -8.21 -51.49 5.33
CA ASN H 3 -9.43 -50.72 5.49
C ASN H 3 -10.06 -51.00 6.83
N ASP H 4 -10.19 -49.96 7.64
CA ASP H 4 -10.89 -50.07 8.91
C ASP H 4 -12.40 -49.98 8.76
N TYR H 5 -12.88 -49.72 7.55
CA TYR H 5 -14.30 -49.61 7.28
C TYR H 5 -14.92 -51.00 7.30
N ARG H 6 -15.22 -51.48 8.51
CA ARG H 6 -15.93 -52.73 8.67
C ARG H 6 -17.42 -52.45 8.73
N THR H 7 -18.14 -52.92 7.72
CA THR H 7 -19.55 -52.58 7.57
C THR H 7 -20.40 -53.46 8.47
N PHE H 8 -21.71 -53.25 8.41
CA PHE H 8 -22.69 -54.11 9.04
C PHE H 8 -23.91 -54.17 8.13
N LYS H 9 -24.97 -54.77 8.64
CA LYS H 9 -26.23 -54.87 7.91
C LYS H 9 -27.31 -55.08 8.97
N LEU H 10 -28.01 -54.02 9.33
CA LEU H 10 -28.96 -54.04 10.42
C LEU H 10 -30.34 -54.30 9.84
N SER H 11 -30.87 -55.50 10.09
CA SER H 11 -32.10 -55.96 9.48
C SER H 11 -33.27 -55.56 10.36
N LEU H 12 -33.78 -54.36 10.13
CA LEU H 12 -34.86 -53.83 10.93
C LEU H 12 -36.17 -54.49 10.51
N LEU H 13 -36.85 -55.09 11.49
CA LEU H 13 -38.17 -55.68 11.30
C LEU H 13 -39.14 -54.99 12.26
N THR H 14 -40.28 -54.57 11.73
CA THR H 14 -41.25 -53.82 12.51
C THR H 14 -42.33 -54.75 13.03
N LEU H 15 -42.55 -54.72 14.33
CA LEU H 15 -43.75 -55.33 14.89
C LEU H 15 -44.85 -54.30 15.09
N ALA H 16 -44.58 -53.27 15.85
CA ALA H 16 -45.51 -52.16 15.92
C ALA H 16 -45.34 -51.28 14.70
N PRO H 17 -46.39 -50.57 14.30
CA PRO H 17 -46.26 -49.64 13.16
C PRO H 17 -45.41 -48.45 13.53
N ILE H 18 -44.55 -48.04 12.60
CA ILE H 18 -43.57 -47.00 12.87
C ILE H 18 -43.88 -45.80 12.00
N HIS H 19 -44.22 -44.67 12.63
CA HIS H 19 -44.44 -43.42 11.87
C HIS H 19 -43.28 -42.47 12.15
N ILE H 20 -42.61 -41.96 11.10
CA ILE H 20 -41.44 -41.07 11.35
C ILE H 20 -41.39 -39.83 10.43
N GLY H 21 -41.28 -38.64 11.04
CA GLY H 21 -40.94 -37.37 10.37
C GLY H 21 -41.93 -36.69 9.43
N ASN H 22 -41.34 -35.75 8.67
CA ASN H 22 -41.85 -34.83 7.66
C ASN H 22 -42.58 -33.62 8.24
N GLY H 23 -42.83 -33.55 9.54
CA GLY H 23 -43.37 -32.33 10.13
C GLY H 23 -44.82 -31.98 9.81
N GLU H 24 -45.13 -31.87 8.52
CA GLU H 24 -46.42 -31.44 8.01
C GLU H 24 -47.53 -32.41 8.39
N LYS H 25 -48.77 -31.98 8.15
CA LYS H 25 -49.93 -32.81 8.44
C LYS H 25 -51.08 -32.37 7.56
N TYR H 26 -51.77 -33.33 6.97
CA TYR H 26 -53.00 -33.02 6.24
C TYR H 26 -54.09 -32.63 7.23
N THR H 27 -54.92 -31.67 6.84
CA THR H 27 -56.04 -31.31 7.69
C THR H 27 -57.23 -32.20 7.36
N SER H 28 -58.37 -31.91 7.98
CA SER H 28 -59.56 -32.72 7.79
C SER H 28 -60.35 -32.34 6.55
N ARG H 29 -59.78 -31.53 5.68
CA ARG H 29 -60.39 -31.17 4.41
C ARG H 29 -59.50 -31.57 3.24
N GLU H 30 -58.48 -32.36 3.47
CA GLU H 30 -57.47 -32.63 2.45
C GLU H 30 -57.37 -34.10 2.12
N PHE H 31 -58.45 -34.86 2.32
CA PHE H 31 -58.43 -36.26 1.96
C PHE H 31 -59.82 -36.71 1.53
N ILE H 32 -59.85 -37.82 0.81
CA ILE H 32 -61.06 -38.39 0.25
C ILE H 32 -61.14 -39.84 0.68
N TYR H 33 -62.28 -40.24 1.24
CA TYR H 33 -62.55 -41.62 1.61
C TYR H 33 -63.85 -42.02 0.92
N GLU H 34 -63.76 -42.53 -0.31
CA GLU H 34 -64.91 -43.07 -1.00
C GLU H 34 -64.91 -44.59 -1.01
N ASN H 35 -63.86 -45.19 -1.54
CA ASN H 35 -63.67 -46.63 -1.45
C ASN H 35 -62.94 -46.93 -0.14
N LYS H 36 -62.38 -48.11 0.01
CA LYS H 36 -61.65 -48.46 1.23
C LYS H 36 -60.25 -47.84 1.28
N LYS H 37 -59.92 -46.90 0.40
CA LYS H 37 -58.66 -46.18 0.42
C LYS H 37 -58.89 -44.73 0.85
N PHE H 38 -57.87 -44.13 1.43
CA PHE H 38 -57.85 -42.70 1.69
C PHE H 38 -57.05 -42.02 0.59
N TYR H 39 -57.72 -41.23 -0.23
CA TYR H 39 -57.07 -40.51 -1.31
C TYR H 39 -56.65 -39.14 -0.80
N PHE H 40 -55.35 -38.87 -0.83
CA PHE H 40 -54.80 -37.60 -0.37
C PHE H 40 -54.41 -36.79 -1.59
N PRO H 41 -55.24 -35.87 -2.06
CA PRO H 41 -54.97 -35.20 -3.33
C PRO H 41 -53.92 -34.11 -3.18
N ASP H 42 -53.32 -33.76 -4.31
CA ASP H 42 -52.52 -32.55 -4.38
C ASP H 42 -53.49 -31.38 -4.43
N MET H 43 -53.63 -30.69 -3.31
CA MET H 43 -54.62 -29.63 -3.14
C MET H 43 -54.36 -28.41 -4.01
N GLY H 44 -53.17 -28.28 -4.58
CA GLY H 44 -52.98 -27.31 -5.64
C GLY H 44 -53.72 -27.69 -6.91
N LYS H 45 -53.74 -28.99 -7.23
CA LYS H 45 -54.48 -29.46 -8.39
C LYS H 45 -55.95 -29.68 -8.08
N PHE H 46 -56.31 -29.76 -6.81
CA PHE H 46 -57.72 -29.86 -6.44
C PHE H 46 -58.43 -28.55 -6.70
N TYR H 47 -57.94 -27.47 -6.07
CA TYR H 47 -58.59 -26.18 -6.17
C TYR H 47 -58.52 -25.60 -7.58
N ASN H 48 -57.51 -25.98 -8.35
CA ASN H 48 -57.41 -25.51 -9.73
C ASN H 48 -58.44 -26.19 -10.61
N LYS H 49 -58.60 -27.50 -10.47
CA LYS H 49 -59.61 -28.22 -11.23
C LYS H 49 -61.02 -27.86 -10.77
N MET H 50 -61.17 -27.41 -9.54
CA MET H 50 -62.47 -27.11 -8.98
C MET H 50 -62.85 -25.64 -9.16
N VAL H 51 -61.89 -24.74 -9.35
CA VAL H 51 -62.24 -23.39 -9.75
C VAL H 51 -62.65 -23.37 -11.22
N GLU H 52 -62.25 -24.37 -11.99
CA GLU H 52 -62.70 -24.47 -13.38
C GLU H 52 -64.14 -24.94 -13.47
N LYS H 53 -64.66 -25.58 -12.43
CA LYS H 53 -66.06 -25.97 -12.38
C LYS H 53 -66.95 -24.92 -11.75
N ARG H 54 -66.40 -23.70 -11.53
CA ARG H 54 -67.11 -22.57 -10.95
C ARG H 54 -67.65 -22.89 -9.55
N LEU H 55 -66.78 -23.42 -8.70
CA LEU H 55 -67.20 -23.90 -7.40
C LEU H 55 -66.40 -23.33 -6.24
N ALA H 56 -65.44 -22.45 -6.50
CA ALA H 56 -64.56 -21.97 -5.43
C ALA H 56 -65.26 -21.01 -4.49
N GLU H 57 -66.39 -20.43 -4.89
CA GLU H 57 -67.14 -19.60 -3.95
C GLU H 57 -67.86 -20.46 -2.92
N LYS H 58 -68.44 -21.57 -3.37
CA LYS H 58 -69.09 -22.49 -2.44
C LYS H 58 -68.05 -23.25 -1.62
N PHE H 59 -66.90 -23.54 -2.21
CA PHE H 59 -65.89 -24.32 -1.52
C PHE H 59 -65.24 -23.54 -0.39
N GLU H 60 -65.03 -22.23 -0.60
CA GLU H 60 -64.60 -21.37 0.50
C GLU H 60 -65.68 -21.30 1.57
N ALA H 61 -66.95 -21.32 1.17
CA ALA H 61 -68.02 -21.44 2.15
C ALA H 61 -68.13 -22.85 2.71
N PHE H 62 -67.60 -23.85 1.99
CA PHE H 62 -67.63 -25.21 2.51
C PHE H 62 -66.65 -25.41 3.65
N LEU H 63 -65.53 -24.68 3.65
CA LEU H 63 -64.53 -24.90 4.67
C LEU H 63 -64.81 -24.14 5.96
N ILE H 64 -65.67 -23.14 5.92
CA ILE H 64 -66.11 -22.45 7.13
C ILE H 64 -67.40 -23.05 7.68
N GLN H 65 -67.79 -24.23 7.19
CA GLN H 65 -69.07 -24.86 7.50
C GLN H 65 -68.84 -25.93 8.56
N THR H 66 -69.27 -25.67 9.79
CA THR H 66 -69.13 -26.62 10.89
C THR H 66 -70.49 -27.21 11.22
N ARG H 67 -70.82 -28.29 10.55
CA ARG H 67 -72.07 -29.00 10.70
C ARG H 67 -71.84 -30.31 11.47
N PRO H 68 -72.89 -30.86 12.12
CA PRO H 68 -72.73 -32.18 12.75
C PRO H 68 -72.68 -33.31 11.73
N ASN H 69 -72.61 -34.55 12.22
CA ASN H 69 -72.51 -35.76 11.40
C ASN H 69 -71.28 -35.69 10.49
N ALA H 70 -70.10 -35.81 11.14
CA ALA H 70 -68.79 -35.48 10.56
C ALA H 70 -68.46 -36.16 9.24
N ARG H 71 -69.19 -37.21 8.87
CA ARG H 71 -69.13 -37.73 7.51
C ARG H 71 -69.50 -36.67 6.48
N ASN H 72 -70.38 -35.75 6.85
CA ASN H 72 -70.73 -34.62 5.99
C ASN H 72 -69.87 -33.39 6.26
N ASN H 73 -68.61 -33.59 6.66
CA ASN H 73 -67.64 -32.50 6.74
C ASN H 73 -66.29 -32.83 6.14
N ARG H 74 -66.02 -34.09 5.81
CA ARG H 74 -64.68 -34.54 5.47
C ARG H 74 -64.43 -34.61 3.97
N LEU H 75 -65.04 -33.70 3.19
CA LEU H 75 -64.68 -33.41 1.80
C LEU H 75 -65.06 -34.52 0.83
N ILE H 76 -65.54 -35.66 1.31
CA ILE H 76 -66.27 -36.55 0.41
C ILE H 76 -67.63 -35.96 0.11
N SER H 77 -68.23 -35.32 1.11
CA SER H 77 -69.55 -34.74 0.97
C SER H 77 -69.55 -33.54 0.04
N PHE H 78 -68.42 -32.86 -0.09
CA PHE H 78 -68.33 -31.80 -1.10
C PHE H 78 -68.32 -32.40 -2.49
N LEU H 79 -67.65 -33.54 -2.67
CA LEU H 79 -67.63 -34.17 -3.97
C LEU H 79 -68.84 -35.06 -4.20
N ASN H 80 -69.68 -35.25 -3.18
CA ASN H 80 -70.96 -35.91 -3.36
C ASN H 80 -72.07 -34.92 -3.70
N ASP H 81 -72.18 -33.85 -2.90
CA ASP H 81 -73.28 -32.91 -3.04
C ASP H 81 -73.14 -32.04 -4.29
N ASN H 82 -71.91 -31.86 -4.75
CA ASN H 82 -71.64 -31.06 -5.94
C ASN H 82 -71.48 -31.93 -7.18
N ARG H 83 -71.71 -33.23 -7.03
CA ARG H 83 -71.66 -34.21 -8.13
C ARG H 83 -70.36 -34.32 -8.95
N ILE H 84 -69.20 -34.32 -8.32
CA ILE H 84 -67.93 -34.44 -9.06
C ILE H 84 -67.29 -35.82 -8.89
N ALA H 85 -67.12 -36.57 -9.98
CA ALA H 85 -66.53 -37.91 -9.92
C ALA H 85 -65.28 -38.21 -10.77
N GLU H 86 -64.56 -37.18 -11.21
CA GLU H 86 -63.37 -37.39 -12.06
C GLU H 86 -62.19 -38.17 -11.43
N ARG H 87 -61.84 -37.85 -10.19
CA ARG H 87 -60.74 -38.48 -9.46
C ARG H 87 -59.39 -38.46 -10.19
N SER H 88 -59.06 -37.33 -10.80
CA SER H 88 -57.80 -37.21 -11.55
C SER H 88 -56.69 -36.38 -10.87
N PHE H 89 -56.90 -36.04 -9.60
CA PHE H 89 -55.99 -35.20 -8.82
C PHE H 89 -54.62 -35.75 -8.38
N GLY H 90 -53.67 -34.84 -8.20
CA GLY H 90 -52.32 -35.14 -7.75
C GLY H 90 -52.37 -35.71 -6.35
N GLY H 91 -51.39 -36.54 -6.04
CA GLY H 91 -51.32 -37.22 -4.77
C GLY H 91 -51.29 -38.73 -4.92
N TYR H 92 -51.72 -39.42 -3.87
CA TYR H 92 -51.60 -40.86 -3.80
C TYR H 92 -52.76 -41.42 -2.98
N SER H 93 -52.73 -42.72 -2.75
CA SER H 93 -53.73 -43.40 -1.94
C SER H 93 -53.05 -44.44 -1.06
N ILE H 94 -53.55 -44.59 0.15
CA ILE H 94 -53.18 -45.68 1.03
C ILE H 94 -54.46 -46.35 1.52
N SER H 95 -54.42 -47.67 1.64
CA SER H 95 -55.59 -48.43 2.00
C SER H 95 -55.93 -48.20 3.47
N GLU H 96 -57.13 -48.63 3.85
CA GLU H 96 -57.55 -48.42 5.23
C GLU H 96 -56.84 -49.40 6.15
N THR H 97 -56.69 -48.99 7.41
CA THR H 97 -56.19 -49.88 8.43
C THR H 97 -57.13 -51.05 8.65
N GLY H 98 -58.42 -50.77 8.64
CA GLY H 98 -59.44 -51.75 8.92
C GLY H 98 -60.22 -51.33 10.13
N LEU H 99 -59.52 -50.91 11.19
CA LEU H 99 -60.24 -50.36 12.33
C LEU H 99 -60.24 -48.84 12.30
N GLU H 100 -59.08 -48.22 12.57
CA GLU H 100 -58.65 -46.84 12.28
C GLU H 100 -59.69 -45.74 12.53
N SER H 101 -60.68 -46.13 13.33
CA SER H 101 -61.76 -45.34 13.89
C SER H 101 -62.23 -46.15 15.12
N ASP H 102 -62.95 -45.54 16.05
CA ASP H 102 -63.33 -46.30 17.25
C ASP H 102 -64.55 -47.24 17.13
N LYS H 103 -64.42 -48.23 16.26
CA LYS H 103 -65.41 -49.29 16.05
C LYS H 103 -66.82 -48.83 15.74
N ASN H 104 -66.98 -47.72 15.00
CA ASN H 104 -68.32 -47.30 14.60
C ASN H 104 -68.40 -47.31 13.09
N PRO H 105 -69.30 -48.14 12.53
CA PRO H 105 -69.49 -48.25 11.07
C PRO H 105 -69.96 -46.96 10.43
N ASN H 106 -70.88 -46.26 11.08
CA ASN H 106 -71.42 -44.98 10.58
C ASN H 106 -70.40 -43.84 10.62
N SER H 107 -69.42 -43.94 11.51
CA SER H 107 -68.40 -42.93 11.73
C SER H 107 -67.17 -43.08 10.82
N ALA H 108 -67.24 -44.01 9.88
CA ALA H 108 -66.12 -44.24 8.98
C ALA H 108 -65.79 -42.98 8.18
N GLY H 109 -64.49 -42.74 7.99
CA GLY H 109 -64.01 -41.58 7.27
C GLY H 109 -63.93 -40.38 8.19
N ALA H 110 -64.21 -40.60 9.47
CA ALA H 110 -64.19 -39.55 10.46
C ALA H 110 -62.81 -39.36 11.09
N ILE H 111 -61.75 -39.81 10.42
CA ILE H 111 -60.43 -39.39 10.81
C ILE H 111 -60.29 -37.91 10.48
N ASN H 112 -59.49 -37.18 11.24
CA ASN H 112 -59.42 -35.76 10.95
C ASN H 112 -58.03 -35.29 10.54
N GLU H 113 -57.00 -35.42 11.36
CA GLU H 113 -55.68 -34.97 10.93
C GLU H 113 -54.72 -36.15 10.93
N VAL H 114 -54.28 -36.54 9.74
CA VAL H 114 -53.16 -37.46 9.65
C VAL H 114 -51.89 -36.64 9.67
N ASN H 115 -50.80 -37.26 10.10
CA ASN H 115 -49.49 -36.71 9.84
C ASN H 115 -49.04 -37.25 8.50
N LYS H 116 -47.81 -36.96 8.11
CA LYS H 116 -47.31 -37.46 6.85
C LYS H 116 -46.00 -38.17 7.13
N PHE H 117 -45.88 -39.39 6.63
CA PHE H 117 -44.66 -40.16 6.80
C PHE H 117 -43.57 -39.55 5.93
N ILE H 118 -42.32 -39.72 6.35
CA ILE H 118 -41.21 -39.07 5.66
C ILE H 118 -41.01 -39.70 4.29
N ARG H 119 -40.84 -38.84 3.29
CA ARG H 119 -40.80 -39.26 1.89
C ARG H 119 -39.68 -38.50 1.20
N ASP H 120 -39.11 -39.11 0.17
CA ASP H 120 -38.08 -38.44 -0.61
C ASP H 120 -38.75 -37.54 -1.65
N ALA H 121 -37.98 -37.01 -2.59
CA ALA H 121 -38.59 -36.17 -3.60
C ALA H 121 -39.29 -36.95 -4.69
N PHE H 122 -39.07 -38.26 -4.76
CA PHE H 122 -39.85 -39.10 -5.66
C PHE H 122 -41.21 -39.44 -5.09
N GLY H 123 -41.48 -39.09 -3.83
CA GLY H 123 -42.72 -39.40 -3.18
C GLY H 123 -42.73 -40.71 -2.42
N ASN H 124 -41.75 -41.58 -2.67
CA ASN H 124 -41.73 -42.88 -2.02
C ASN H 124 -41.30 -42.72 -0.57
N PRO H 125 -41.87 -43.49 0.35
CA PRO H 125 -41.43 -43.44 1.74
C PRO H 125 -40.14 -44.20 1.93
N TYR H 126 -39.43 -43.83 2.97
CA TYR H 126 -38.21 -44.51 3.37
C TYR H 126 -38.01 -44.23 4.84
N ILE H 127 -37.11 -44.98 5.46
CA ILE H 127 -36.65 -44.61 6.80
C ILE H 127 -35.25 -44.04 6.65
N PRO H 128 -35.02 -42.80 7.06
CA PRO H 128 -33.67 -42.24 6.95
C PRO H 128 -32.75 -42.85 7.99
N GLY H 129 -31.46 -42.75 7.71
CA GLY H 129 -30.49 -43.23 8.66
C GLY H 129 -30.37 -42.34 9.86
N SER H 130 -30.71 -41.06 9.70
CA SER H 130 -30.67 -40.14 10.83
C SER H 130 -31.75 -40.44 11.83
N SER H 131 -32.89 -40.98 11.39
CA SER H 131 -33.90 -41.44 12.33
C SER H 131 -33.47 -42.73 13.00
N LEU H 132 -32.79 -43.60 12.27
CA LEU H 132 -32.39 -44.87 12.86
C LEU H 132 -31.21 -44.69 13.79
N LYS H 133 -30.39 -43.67 13.56
CA LYS H 133 -29.21 -43.48 14.39
C LYS H 133 -29.58 -42.90 15.74
N GLY H 134 -30.64 -42.12 15.81
CA GLY H 134 -31.11 -41.64 17.09
C GLY H 134 -31.71 -42.74 17.96
N ALA H 135 -32.07 -43.87 17.36
CA ALA H 135 -32.49 -45.03 18.14
C ALA H 135 -31.30 -45.78 18.69
N ILE H 136 -30.21 -45.86 17.91
CA ILE H 136 -29.00 -46.51 18.39
C ILE H 136 -28.37 -45.70 19.51
N ARG H 137 -28.44 -44.38 19.41
CA ARG H 137 -27.78 -43.50 20.36
C ARG H 137 -28.45 -43.57 21.73
N THR H 138 -29.73 -43.90 21.79
CA THR H 138 -30.37 -44.11 23.09
C THR H 138 -29.94 -45.43 23.71
N ILE H 139 -29.79 -46.47 22.89
CA ILE H 139 -29.31 -47.75 23.38
C ILE H 139 -27.86 -47.62 23.84
N LEU H 140 -27.08 -46.81 23.14
CA LEU H 140 -25.70 -46.64 23.53
C LEU H 140 -25.54 -45.69 24.71
N MET H 141 -26.41 -44.69 24.86
CA MET H 141 -26.26 -43.83 26.01
C MET H 141 -26.74 -44.48 27.29
N ASN H 142 -27.82 -45.26 27.23
CA ASN H 142 -28.47 -45.70 28.45
C ASN H 142 -27.69 -46.78 29.17
N THR H 143 -27.22 -47.75 28.38
CA THR H 143 -26.43 -48.92 28.85
C THR H 143 -25.06 -48.49 29.40
N THR H 144 -24.42 -47.49 28.79
CA THR H 144 -23.07 -47.08 29.28
C THR H 144 -23.20 -46.35 30.62
N PRO H 145 -22.52 -46.82 31.69
CA PRO H 145 -22.59 -46.18 33.01
C PRO H 145 -22.01 -44.76 33.00
N LYS H 146 -20.92 -44.57 32.25
CA LYS H 146 -20.23 -43.26 32.16
C LYS H 146 -21.16 -42.22 31.52
N TRP H 147 -22.13 -42.67 30.72
CA TRP H 147 -22.99 -41.74 30.00
C TRP H 147 -24.33 -41.62 30.72
N ASN H 148 -24.31 -41.86 32.03
CA ASN H 148 -25.50 -41.76 32.87
C ASN H 148 -25.27 -41.06 34.20
N ASN H 149 -24.01 -40.88 34.63
CA ASN H 149 -23.72 -40.43 35.98
C ASN H 149 -24.19 -39.00 36.21
N GLU H 150 -23.88 -38.11 35.28
CA GLU H 150 -24.48 -36.78 35.25
C GLU H 150 -24.46 -36.30 33.80
N ASN H 151 -25.61 -36.43 33.14
CA ASN H 151 -25.95 -35.57 32.03
C ASN H 151 -26.83 -34.46 32.59
N ALA H 152 -26.15 -33.59 33.31
CA ALA H 152 -26.79 -32.81 34.35
C ALA H 152 -27.49 -31.60 33.79
N VAL H 153 -28.27 -30.97 34.67
CA VAL H 153 -28.99 -29.73 34.37
C VAL H 153 -28.09 -28.52 34.33
N ASN H 154 -26.81 -28.68 34.66
CA ASN H 154 -25.71 -27.73 34.48
C ASN H 154 -25.85 -26.48 35.34
N ASP H 155 -27.00 -26.34 36.01
CA ASP H 155 -27.26 -25.16 36.87
C ASP H 155 -27.60 -23.95 36.00
N PHE H 156 -27.74 -24.15 34.68
CA PHE H 156 -28.05 -23.04 33.74
C PHE H 156 -29.52 -23.08 33.29
N GLY H 157 -30.30 -24.05 33.77
CA GLY H 157 -31.70 -24.19 33.37
C GLY H 157 -32.48 -25.07 34.34
N ARG H 158 -33.79 -25.23 34.12
CA ARG H 158 -34.57 -26.13 35.01
C ARG H 158 -34.46 -27.54 34.43
N PHE H 159 -33.65 -28.41 35.05
CA PHE H 159 -33.46 -29.80 34.56
C PHE H 159 -33.11 -29.73 33.06
N PRO H 160 -32.29 -28.74 32.66
CA PRO H 160 -32.14 -28.37 31.23
C PRO H 160 -31.64 -29.25 30.07
N LYS H 161 -30.51 -29.94 30.19
CA LYS H 161 -30.03 -30.69 29.00
C LYS H 161 -29.00 -31.76 29.37
N GLU H 162 -28.73 -32.67 28.43
CA GLU H 162 -27.84 -33.83 28.66
C GLU H 162 -26.41 -33.34 28.96
N ASN H 163 -26.19 -32.04 28.70
CA ASN H 163 -24.96 -31.21 28.83
C ASN H 163 -24.20 -31.22 27.51
N LYS H 164 -24.47 -32.24 26.70
CA LYS H 164 -23.90 -32.40 25.34
C LYS H 164 -22.40 -32.72 25.44
N ASN H 165 -21.89 -32.93 26.65
CA ASN H 165 -20.43 -33.19 26.83
C ASN H 165 -20.18 -34.54 27.51
N LEU H 166 -21.23 -35.27 27.88
CA LEU H 166 -21.03 -36.59 28.55
C LEU H 166 -20.28 -37.49 27.57
N ILE H 167 -20.68 -37.43 26.30
CA ILE H 167 -20.09 -38.15 25.19
C ILE H 167 -19.07 -37.20 24.57
N PRO H 168 -17.81 -37.59 24.46
CA PRO H 168 -16.77 -36.67 23.95
C PRO H 168 -16.95 -36.43 22.46
N TRP H 169 -17.07 -35.16 22.10
CA TRP H 169 -17.33 -34.72 20.74
C TRP H 169 -16.80 -33.31 20.54
N GLY H 170 -16.12 -33.07 19.41
CA GLY H 170 -15.94 -31.72 18.92
C GLY H 170 -14.74 -31.54 18.02
N PRO H 171 -14.30 -30.29 17.88
CA PRO H 171 -12.96 -30.06 17.33
C PRO H 171 -11.86 -30.46 18.29
N LYS H 172 -11.91 -29.95 19.52
CA LYS H 172 -10.88 -30.14 20.55
C LYS H 172 -9.51 -29.70 20.03
N LYS H 173 -9.40 -28.38 19.85
CA LYS H 173 -8.18 -27.74 19.37
C LYS H 173 -6.99 -28.07 20.24
N GLY H 174 -5.93 -28.60 19.62
CA GLY H 174 -4.77 -29.06 20.35
C GLY H 174 -4.80 -30.55 20.50
N LYS H 175 -5.99 -31.11 20.71
CA LYS H 175 -6.15 -32.53 20.98
C LYS H 175 -6.22 -33.29 19.66
N GLU H 176 -6.47 -34.59 19.74
CA GLU H 176 -6.76 -35.40 18.57
C GLU H 176 -8.26 -35.33 18.30
N TYR H 177 -8.76 -36.20 17.42
CA TYR H 177 -10.17 -36.17 17.04
C TYR H 177 -10.74 -37.59 17.12
N ASP H 178 -11.39 -37.90 18.25
CA ASP H 178 -11.99 -39.23 18.41
C ASP H 178 -13.38 -39.30 17.78
N ASP H 179 -14.37 -38.60 18.36
CA ASP H 179 -15.73 -38.40 17.83
C ASP H 179 -16.40 -39.72 17.46
N LEU H 180 -16.76 -40.46 18.52
CA LEU H 180 -17.28 -41.83 18.40
C LEU H 180 -18.43 -41.97 17.42
N PHE H 181 -19.35 -41.02 17.40
CA PHE H 181 -20.51 -41.19 16.54
C PHE H 181 -20.28 -40.69 15.13
N ASN H 182 -19.17 -40.01 14.86
CA ASN H 182 -18.72 -39.89 13.48
C ASN H 182 -18.21 -41.22 12.97
N ALA H 183 -17.78 -42.10 13.86
CA ALA H 183 -17.31 -43.43 13.49
C ALA H 183 -18.43 -44.46 13.43
N ILE H 184 -19.68 -44.04 13.45
CA ILE H 184 -20.81 -44.94 13.18
C ILE H 184 -21.64 -44.26 12.11
N ARG H 185 -21.61 -44.80 10.90
CA ARG H 185 -22.18 -44.13 9.74
C ARG H 185 -23.42 -44.88 9.30
N VAL H 186 -24.56 -44.50 9.86
CA VAL H 186 -25.82 -45.16 9.54
C VAL H 186 -26.32 -44.63 8.21
N SER H 187 -26.51 -45.52 7.24
CA SER H 187 -26.98 -45.08 5.94
C SER H 187 -28.49 -45.23 5.85
N ASP H 188 -29.08 -44.45 4.95
CA ASP H 188 -30.53 -44.43 4.79
C ASP H 188 -31.02 -45.73 4.20
N SER H 189 -32.25 -46.08 4.51
CA SER H 189 -32.83 -47.29 3.94
C SER H 189 -33.18 -47.10 2.49
N LYS H 190 -33.39 -48.19 1.80
CA LYS H 190 -33.88 -48.13 0.44
C LYS H 190 -35.32 -47.62 0.45
N PRO H 191 -35.70 -46.79 -0.53
CA PRO H 191 -37.11 -46.39 -0.62
C PRO H 191 -38.03 -47.54 -0.91
N PHE H 192 -38.87 -47.89 0.05
CA PHE H 192 -39.86 -48.93 -0.17
C PHE H 192 -41.13 -48.29 -0.73
N ASP H 193 -42.21 -49.05 -0.81
CA ASP H 193 -43.41 -48.58 -1.46
C ASP H 193 -44.41 -48.09 -0.43
N ASN H 194 -45.24 -47.13 -0.84
CA ASN H 194 -46.29 -46.60 0.04
C ASN H 194 -47.53 -47.49 0.10
N LYS H 195 -47.46 -48.72 -0.41
CA LYS H 195 -48.47 -49.73 -0.17
C LYS H 195 -48.15 -50.56 1.06
N SER H 196 -47.43 -49.99 2.01
CA SER H 196 -47.21 -50.57 3.33
C SER H 196 -47.67 -49.62 4.42
N LEU H 197 -48.47 -48.62 4.08
CA LEU H 197 -48.81 -47.54 4.99
C LEU H 197 -50.29 -47.61 5.34
N ILE H 198 -50.61 -47.44 6.63
CA ILE H 198 -51.92 -47.81 7.13
C ILE H 198 -52.62 -46.74 7.97
N LEU H 199 -51.92 -45.73 8.48
CA LEU H 199 -52.46 -44.66 9.35
C LEU H 199 -53.17 -45.23 10.59
N VAL H 200 -52.36 -45.68 11.52
CA VAL H 200 -52.82 -46.16 12.80
C VAL H 200 -53.23 -44.93 13.61
N GLN H 201 -54.07 -45.13 14.61
CA GLN H 201 -54.51 -44.03 15.46
C GLN H 201 -54.05 -44.26 16.89
N LYS H 202 -53.58 -43.21 17.54
CA LYS H 202 -53.08 -43.30 18.91
C LYS H 202 -54.13 -43.77 19.90
N TRP H 203 -53.74 -44.65 20.83
CA TRP H 203 -54.65 -45.16 21.85
C TRP H 203 -53.91 -45.06 23.18
N ASP H 204 -54.15 -43.98 23.90
CA ASP H 204 -53.50 -43.75 25.17
C ASP H 204 -54.10 -44.63 26.25
N TYR H 205 -53.39 -45.69 26.64
CA TYR H 205 -53.81 -46.60 27.71
C TYR H 205 -53.08 -46.21 28.98
N SER H 206 -53.78 -45.59 29.91
CA SER H 206 -53.18 -45.11 31.13
C SER H 206 -53.44 -46.07 32.28
N ALA H 207 -52.47 -46.15 33.19
CA ALA H 207 -52.70 -46.80 34.46
C ALA H 207 -53.47 -45.85 35.38
N LYS H 208 -54.12 -46.45 36.39
CA LYS H 208 -54.98 -45.85 37.41
C LYS H 208 -56.28 -45.29 36.85
N THR H 209 -56.47 -45.30 35.53
CA THR H 209 -57.77 -45.10 34.88
C THR H 209 -57.74 -46.13 33.75
N ASN H 210 -58.22 -47.34 34.04
CA ASN H 210 -58.02 -48.50 33.19
C ASN H 210 -58.89 -48.34 31.95
N LYS H 211 -58.36 -47.58 30.99
CA LYS H 211 -59.08 -47.26 29.77
C LYS H 211 -58.07 -46.85 28.72
N ALA H 212 -58.56 -46.70 27.49
CA ALA H 212 -57.73 -46.50 26.31
C ALA H 212 -58.32 -45.37 25.45
N LYS H 213 -58.50 -44.19 26.04
CA LYS H 213 -59.07 -43.04 25.34
C LYS H 213 -58.29 -42.68 24.08
N PRO H 214 -58.90 -42.74 22.90
CA PRO H 214 -58.18 -42.41 21.66
C PRO H 214 -57.99 -40.90 21.52
N LEU H 215 -57.19 -40.55 20.51
CA LEU H 215 -56.77 -39.19 20.24
C LEU H 215 -57.02 -38.87 18.77
N PRO H 216 -57.19 -37.60 18.41
CA PRO H 216 -57.37 -37.25 16.99
C PRO H 216 -56.04 -37.00 16.27
N LEU H 217 -55.19 -38.02 16.30
CA LEU H 217 -53.89 -38.02 15.65
C LEU H 217 -53.84 -39.24 14.77
N TYR H 218 -53.38 -39.12 13.53
CA TYR H 218 -53.33 -40.34 12.69
C TYR H 218 -52.01 -41.03 12.27
N ARG H 219 -50.92 -40.28 12.09
CA ARG H 219 -49.62 -40.88 11.78
C ARG H 219 -49.33 -41.89 10.64
N GLU H 220 -49.66 -41.60 9.39
CA GLU H 220 -49.30 -42.56 8.33
C GLU H 220 -48.07 -43.34 8.74
N SER H 221 -48.17 -44.66 8.89
CA SER H 221 -47.07 -45.43 9.43
C SER H 221 -47.00 -46.79 8.74
N ILE H 222 -45.86 -47.46 8.92
CA ILE H 222 -45.55 -48.67 8.18
C ILE H 222 -46.37 -49.83 8.71
N SER H 223 -46.79 -50.72 7.82
CA SER H 223 -47.44 -51.96 8.22
C SER H 223 -46.47 -52.83 9.03
N PRO H 224 -46.99 -53.70 9.89
CA PRO H 224 -46.10 -54.63 10.60
C PRO H 224 -45.52 -55.68 9.66
N LEU H 225 -44.46 -56.34 10.17
CA LEU H 225 -43.73 -57.41 9.48
C LEU H 225 -43.14 -56.94 8.16
N THR H 226 -42.32 -55.89 8.24
CA THR H 226 -41.66 -55.31 7.08
C THR H 226 -40.16 -55.28 7.28
N LYS H 227 -39.43 -55.78 6.29
CA LYS H 227 -37.98 -55.95 6.37
C LYS H 227 -37.31 -54.72 5.76
N ILE H 228 -36.64 -53.94 6.61
CA ILE H 228 -36.01 -52.69 6.23
C ILE H 228 -34.53 -52.76 6.60
N GLU H 229 -33.67 -52.38 5.67
CA GLU H 229 -32.25 -52.67 5.80
C GLU H 229 -31.40 -51.40 5.83
N PHE H 230 -30.39 -51.42 6.70
CA PHE H 230 -29.50 -50.30 6.92
C PHE H 230 -28.07 -50.80 6.88
N GLU H 231 -27.19 -50.04 6.24
CA GLU H 231 -25.79 -50.40 6.14
C GLU H 231 -24.99 -49.48 7.05
N ILE H 232 -24.51 -50.01 8.17
CA ILE H 232 -23.84 -49.23 9.19
C ILE H 232 -22.36 -49.56 9.16
N THR H 233 -21.54 -48.58 8.82
CA THR H 233 -20.10 -48.80 8.75
C THR H 233 -19.44 -48.15 9.94
N THR H 234 -18.35 -48.76 10.41
CA THR H 234 -17.57 -48.22 11.50
C THR H 234 -16.11 -48.14 11.06
N THR H 235 -15.39 -47.18 11.63
CA THR H 235 -14.00 -46.97 11.30
C THR H 235 -13.06 -47.07 12.49
N THR H 236 -13.56 -47.12 13.71
CA THR H 236 -12.76 -47.10 14.91
C THR H 236 -12.96 -48.41 15.66
N ASP H 237 -11.91 -48.85 16.36
CA ASP H 237 -12.05 -49.95 17.30
C ASP H 237 -13.10 -49.65 18.36
N GLU H 238 -13.17 -48.40 18.82
CA GLU H 238 -14.11 -48.04 19.86
C GLU H 238 -15.55 -48.09 19.36
N ALA H 239 -15.77 -47.77 18.08
CA ALA H 239 -17.08 -47.95 17.49
C ALA H 239 -17.27 -49.35 16.96
N GLY H 240 -16.18 -50.05 16.62
CA GLY H 240 -16.30 -51.42 16.15
C GLY H 240 -16.71 -52.39 17.24
N ARG H 241 -16.55 -52.01 18.50
CA ARG H 241 -17.07 -52.82 19.59
C ARG H 241 -18.55 -52.57 19.82
N LEU H 242 -18.96 -51.29 19.81
CA LEU H 242 -20.28 -50.94 20.27
C LEU H 242 -21.39 -51.33 19.30
N ILE H 243 -21.08 -51.54 18.03
CA ILE H 243 -22.10 -52.09 17.16
C ILE H 243 -22.20 -53.60 17.37
N GLU H 244 -21.06 -54.25 17.63
CA GLU H 244 -21.06 -55.68 17.94
C GLU H 244 -21.78 -55.97 19.25
N GLU H 245 -21.81 -55.01 20.17
CA GLU H 245 -22.47 -55.20 21.45
C GLU H 245 -23.95 -54.81 21.43
N LEU H 246 -24.56 -54.69 20.25
CA LEU H 246 -25.99 -54.45 20.23
C LEU H 246 -26.78 -55.70 20.58
N GLY H 247 -26.17 -56.88 20.44
CA GLY H 247 -26.82 -58.10 20.88
C GLY H 247 -26.97 -58.17 22.39
N LYS H 248 -26.08 -57.49 23.12
CA LYS H 248 -26.19 -57.46 24.57
C LYS H 248 -26.98 -56.25 25.04
N ARG H 249 -26.75 -55.09 24.44
CA ARG H 249 -27.26 -53.83 25.00
C ARG H 249 -28.71 -53.59 24.64
N ALA H 250 -29.14 -53.99 23.44
CA ALA H 250 -30.56 -53.84 23.10
C ALA H 250 -31.43 -54.83 23.85
N GLN H 251 -30.86 -55.94 24.29
CA GLN H 251 -31.55 -56.77 25.28
C GLN H 251 -31.53 -56.10 26.64
N ALA H 252 -30.36 -55.58 27.04
CA ALA H 252 -30.23 -54.99 28.36
C ALA H 252 -30.91 -53.63 28.45
N PHE H 253 -31.17 -52.98 27.34
CA PHE H 253 -31.98 -51.77 27.40
C PHE H 253 -33.44 -52.12 27.64
N TYR H 254 -33.97 -53.07 26.87
CA TYR H 254 -35.37 -53.47 27.02
C TYR H 254 -35.60 -54.17 28.34
N LYS H 255 -34.60 -54.86 28.86
CA LYS H 255 -34.68 -55.39 30.22
C LYS H 255 -34.74 -54.25 31.24
N ASP H 256 -33.94 -53.22 31.04
CA ASP H 256 -33.98 -52.06 31.93
C ASP H 256 -35.20 -51.19 31.70
N TYR H 257 -35.85 -51.30 30.56
CA TYR H 257 -37.01 -50.47 30.24
C TYR H 257 -38.33 -51.13 30.55
N LYS H 258 -38.42 -52.46 30.42
CA LYS H 258 -39.61 -53.17 30.85
C LYS H 258 -39.82 -53.04 32.36
N ALA H 259 -38.75 -53.19 33.13
CA ALA H 259 -38.85 -53.12 34.57
C ALA H 259 -39.02 -51.70 35.10
N PHE H 260 -38.80 -50.69 34.27
CA PHE H 260 -38.90 -49.33 34.74
C PHE H 260 -40.25 -48.71 34.42
N PHE H 261 -40.70 -48.84 33.18
CA PHE H 261 -41.92 -48.19 32.72
C PHE H 261 -43.00 -49.17 32.32
N LEU H 262 -42.66 -50.21 31.55
CA LEU H 262 -43.65 -51.19 31.11
C LEU H 262 -44.13 -52.07 32.26
N SER H 263 -43.33 -52.21 33.30
CA SER H 263 -43.85 -52.70 34.57
C SER H 263 -44.81 -51.66 35.15
N GLU H 264 -45.87 -52.15 35.78
CA GLU H 264 -47.11 -51.56 36.32
C GLU H 264 -48.11 -51.33 35.19
N PHE H 265 -47.75 -51.58 33.97
CA PHE H 265 -48.83 -51.71 33.01
C PHE H 265 -49.25 -53.17 32.89
N PRO H 266 -50.50 -53.41 32.53
CA PRO H 266 -50.95 -54.80 32.28
C PRO H 266 -50.20 -55.44 31.12
N ASP H 267 -49.98 -56.74 31.25
CA ASP H 267 -48.94 -57.42 30.50
C ASP H 267 -49.37 -57.81 29.09
N ASP H 268 -50.66 -58.03 28.88
CA ASP H 268 -51.13 -58.53 27.58
C ASP H 268 -50.98 -57.52 26.46
N LYS H 269 -50.91 -56.22 26.76
CA LYS H 269 -50.69 -55.22 25.73
C LYS H 269 -49.27 -55.26 25.18
N ILE H 270 -48.32 -55.72 25.99
CA ILE H 270 -46.90 -55.60 25.66
C ILE H 270 -46.49 -56.73 24.75
N GLN H 271 -45.83 -56.41 23.64
CA GLN H 271 -45.45 -57.39 22.65
C GLN H 271 -44.24 -58.20 23.11
N ALA H 272 -43.96 -59.27 22.38
CA ALA H 272 -42.78 -60.08 22.59
C ALA H 272 -41.71 -59.70 21.58
N ASN H 273 -40.45 -59.99 21.92
CA ASN H 273 -39.34 -59.41 21.19
C ASN H 273 -39.11 -60.09 19.84
N LEU H 274 -38.81 -61.40 19.88
CA LEU H 274 -38.52 -62.32 18.77
C LEU H 274 -37.13 -62.12 18.14
N GLN H 275 -36.48 -61.00 18.46
CA GLN H 275 -35.17 -60.57 17.96
C GLN H 275 -34.62 -59.58 18.97
N TYR H 276 -33.64 -58.81 18.56
CA TYR H 276 -33.15 -57.75 19.44
C TYR H 276 -34.02 -56.52 19.27
N PRO H 277 -34.60 -55.99 20.34
CA PRO H 277 -35.59 -54.92 20.21
C PRO H 277 -34.99 -53.53 20.15
N ILE H 278 -35.74 -52.62 19.52
CA ILE H 278 -35.33 -51.23 19.32
C ILE H 278 -36.60 -50.41 19.20
N TYR H 279 -36.53 -49.17 19.66
CA TYR H 279 -37.69 -48.28 19.65
C TYR H 279 -37.43 -47.13 18.69
N LEU H 280 -38.17 -47.11 17.59
CA LEU H 280 -37.95 -46.11 16.57
C LEU H 280 -38.92 -44.96 16.83
N GLY H 281 -38.96 -43.97 15.92
CA GLY H 281 -39.55 -42.69 16.26
C GLY H 281 -41.06 -42.66 16.34
N ALA H 282 -41.54 -41.55 16.91
CA ALA H 282 -42.92 -41.06 16.85
C ALA H 282 -43.93 -42.03 17.47
N GLY H 283 -43.89 -42.08 18.78
CA GLY H 283 -45.04 -42.65 19.46
C GLY H 283 -44.62 -43.66 20.49
N SER H 284 -43.32 -43.72 20.75
CA SER H 284 -42.79 -44.66 21.72
C SER H 284 -42.65 -44.02 23.10
N GLY H 285 -43.39 -42.95 23.36
CA GLY H 285 -43.33 -42.28 24.63
C GLY H 285 -42.10 -41.42 24.76
N ALA H 286 -42.03 -40.71 25.88
CA ALA H 286 -40.83 -39.93 26.14
C ALA H 286 -39.71 -40.77 26.73
N TRP H 287 -40.02 -41.95 27.25
CA TRP H 287 -39.03 -42.67 28.01
C TRP H 287 -38.14 -43.53 27.14
N THR H 288 -38.36 -43.57 25.83
CA THR H 288 -37.44 -44.22 24.92
C THR H 288 -36.63 -43.22 24.12
N LYS H 289 -37.00 -41.95 24.15
CA LYS H 289 -36.21 -40.89 23.54
C LYS H 289 -35.35 -40.18 24.57
N THR H 290 -35.20 -40.76 25.75
CA THR H 290 -34.50 -40.10 26.84
C THR H 290 -33.56 -41.05 27.56
N LEU H 291 -32.80 -40.47 28.48
CA LEU H 291 -32.11 -41.21 29.52
C LEU H 291 -33.15 -41.47 30.61
N PHE H 292 -33.73 -42.66 30.62
CA PHE H 292 -34.94 -42.88 31.39
C PHE H 292 -34.71 -42.96 32.89
N LYS H 293 -33.47 -43.08 33.36
CA LYS H 293 -33.22 -43.07 34.80
C LYS H 293 -32.60 -41.78 35.28
N GLN H 294 -32.40 -40.79 34.41
CA GLN H 294 -31.99 -39.46 34.80
C GLN H 294 -33.00 -38.41 34.35
N ALA H 295 -34.26 -38.82 34.19
CA ALA H 295 -35.30 -37.90 33.75
C ALA H 295 -36.55 -37.97 34.61
N ASP H 296 -36.42 -38.36 35.88
CA ASP H 296 -37.60 -38.61 36.70
C ASP H 296 -38.07 -37.35 37.42
N GLY H 297 -37.15 -36.50 37.83
CA GLY H 297 -37.55 -35.25 38.40
C GLY H 297 -37.44 -34.08 37.46
N ILE H 298 -37.13 -34.35 36.19
CA ILE H 298 -36.77 -33.32 35.23
C ILE H 298 -37.80 -33.24 34.11
N LEU H 299 -38.25 -34.37 33.59
CA LEU H 299 -39.15 -34.39 32.44
C LEU H 299 -40.56 -33.94 32.78
N GLN H 300 -41.00 -34.13 34.02
CA GLN H 300 -42.32 -33.68 34.43
C GLN H 300 -42.38 -32.20 34.76
N ARG H 301 -41.26 -31.49 34.67
CA ARG H 301 -41.27 -30.05 34.93
C ARG H 301 -41.96 -29.29 33.81
N ARG H 302 -41.94 -29.84 32.60
CA ARG H 302 -42.42 -29.13 31.42
C ARG H 302 -43.94 -29.07 31.32
N TYR H 303 -44.69 -29.57 32.30
CA TYR H 303 -46.14 -29.67 32.17
C TYR H 303 -46.83 -29.13 33.42
N SER H 304 -47.22 -27.87 33.35
CA SER H 304 -48.11 -27.21 34.29
C SER H 304 -49.35 -26.73 33.56
N ARG H 305 -49.86 -27.58 32.68
CA ARG H 305 -50.84 -27.24 31.66
C ARG H 305 -52.13 -28.05 31.88
N MET H 306 -53.00 -28.03 30.88
CA MET H 306 -54.20 -28.84 30.95
C MET H 306 -53.97 -30.29 30.52
N LYS H 307 -52.90 -30.56 29.79
CA LYS H 307 -52.62 -31.88 29.23
C LYS H 307 -51.48 -32.58 29.96
N THR H 308 -51.33 -32.32 31.25
CA THR H 308 -50.16 -32.74 32.04
C THR H 308 -49.97 -34.23 32.07
N LYS H 309 -48.71 -34.63 32.26
CA LYS H 309 -48.30 -36.02 32.32
C LYS H 309 -48.53 -36.54 33.72
N MET H 310 -49.79 -36.73 34.07
CA MET H 310 -50.17 -37.19 35.41
C MET H 310 -49.76 -38.60 35.78
N VAL H 311 -49.70 -38.86 37.08
CA VAL H 311 -49.28 -40.21 37.59
C VAL H 311 -47.83 -40.47 37.18
N LYS H 312 -46.96 -39.47 37.32
CA LYS H 312 -45.51 -39.62 37.03
C LYS H 312 -45.34 -40.02 35.56
N LYS H 313 -44.78 -41.20 35.31
CA LYS H 313 -44.54 -41.67 33.91
C LYS H 313 -45.86 -41.60 33.13
N GLY H 314 -45.77 -41.11 31.89
CA GLY H 314 -46.95 -40.89 31.02
C GLY H 314 -47.63 -42.17 30.57
N VAL H 315 -48.90 -42.04 30.17
CA VAL H 315 -49.70 -43.22 29.75
C VAL H 315 -49.05 -43.88 28.53
N LEU H 316 -48.92 -45.20 28.59
CA LEU H 316 -48.46 -46.07 27.52
C LEU H 316 -49.19 -45.74 26.23
N LYS H 317 -48.43 -45.71 25.12
CA LYS H 317 -48.96 -45.29 23.83
C LYS H 317 -49.23 -46.51 22.98
N LEU H 318 -50.49 -46.74 22.63
CA LEU H 318 -50.87 -47.88 21.84
C LEU H 318 -51.53 -47.40 20.55
N THR H 319 -51.71 -48.32 19.61
CA THR H 319 -52.48 -48.05 18.41
C THR H 319 -53.29 -49.29 18.04
N LYS H 320 -53.95 -49.21 16.89
CA LYS H 320 -54.73 -50.31 16.35
C LYS H 320 -54.40 -50.52 14.89
N ALA H 321 -54.16 -51.77 14.53
CA ALA H 321 -53.73 -52.17 13.20
C ALA H 321 -54.07 -53.65 13.03
N PRO H 322 -54.23 -54.13 11.80
CA PRO H 322 -54.63 -55.53 11.63
C PRO H 322 -53.55 -56.51 12.08
N LEU H 323 -53.99 -57.69 12.48
CA LEU H 323 -53.09 -58.66 13.10
C LEU H 323 -52.51 -59.58 12.04
N LYS H 324 -51.21 -59.83 12.15
CA LYS H 324 -50.48 -60.69 11.24
C LYS H 324 -49.53 -61.57 12.04
N THR H 325 -49.43 -62.84 11.62
CA THR H 325 -48.56 -63.87 12.21
C THR H 325 -48.69 -64.02 13.74
N LEU H 335 -48.76 -62.46 17.86
CA LEU H 335 -47.89 -61.27 17.64
C LEU H 335 -48.24 -60.19 18.66
N VAL H 336 -49.49 -59.72 18.62
CA VAL H 336 -50.01 -58.68 19.57
C VAL H 336 -50.00 -59.23 21.00
N LYS H 337 -50.29 -60.52 21.14
CA LYS H 337 -50.37 -61.24 22.45
C LYS H 337 -51.49 -60.68 23.33
N ASN H 338 -52.58 -60.23 22.70
CA ASN H 338 -53.79 -59.68 23.38
C ASN H 338 -54.86 -59.46 22.32
N HIS H 339 -56.15 -59.54 22.68
CA HIS H 339 -57.14 -59.31 21.65
C HIS H 339 -57.09 -57.83 21.25
N GLU H 340 -58.06 -57.41 20.43
CA GLU H 340 -58.43 -56.02 20.11
C GLU H 340 -57.27 -55.13 19.62
N SER H 341 -56.19 -55.76 19.12
CA SER H 341 -55.19 -55.12 18.24
C SER H 341 -54.49 -53.94 18.90
N PHE H 342 -53.71 -54.22 19.94
CA PHE H 342 -52.97 -53.18 20.66
C PHE H 342 -51.47 -53.32 20.44
N TYR H 343 -50.96 -52.58 19.47
CA TYR H 343 -49.53 -52.52 19.20
C TYR H 343 -48.91 -51.45 20.09
N GLU H 344 -47.64 -51.13 19.89
CA GLU H 344 -46.89 -50.36 20.88
C GLU H 344 -46.29 -49.07 20.31
N MET H 345 -46.39 -48.83 19.00
CA MET H 345 -45.86 -47.66 18.30
C MET H 345 -44.34 -47.52 18.50
N GLY H 346 -43.63 -48.45 17.90
CA GLY H 346 -42.20 -48.31 17.79
C GLY H 346 -41.45 -49.56 18.20
N LYS H 347 -42.19 -50.58 18.60
CA LYS H 347 -41.55 -51.82 18.99
C LYS H 347 -41.02 -52.51 17.75
N ALA H 348 -39.78 -52.23 17.40
CA ALA H 348 -39.14 -52.77 16.23
C ALA H 348 -38.04 -53.73 16.64
N ASN H 349 -37.59 -54.54 15.69
CA ASN H 349 -36.59 -55.55 15.96
C ASN H 349 -35.52 -55.57 14.88
N PHE H 350 -34.29 -55.74 15.32
CA PHE H 350 -33.16 -55.76 14.40
C PHE H 350 -32.27 -56.95 14.73
N MET H 351 -31.46 -57.32 13.76
CA MET H 351 -30.31 -58.17 14.04
C MET H 351 -29.20 -57.76 13.09
N ILE H 352 -27.99 -57.70 13.62
CA ILE H 352 -26.84 -57.25 12.86
C ILE H 352 -26.13 -58.44 12.23
N LYS H 353 -25.41 -58.18 11.16
CA LYS H 353 -24.38 -59.09 10.68
C LYS H 353 -23.37 -58.28 9.88
N GLU H 354 -22.11 -58.68 9.98
CA GLU H 354 -21.02 -57.94 9.37
C GLU H 354 -20.84 -58.40 7.93
N ILE H 355 -20.54 -57.45 7.05
CA ILE H 355 -20.18 -57.78 5.69
C ILE H 355 -18.72 -57.39 5.44
ZN ZN K . 33.45 20.62 -17.61
PG ATP L . 25.01 32.32 1.38
O1G ATP L . 25.86 32.77 2.54
O2G ATP L . 25.16 33.18 0.13
O3G ATP L . 23.60 31.98 1.74
PB ATP L . 27.18 30.71 0.45
O1B ATP L . 27.27 31.07 -1.00
O2B ATP L . 28.11 31.34 1.46
O3B ATP L . 25.65 30.90 0.94
PA ATP L . 26.70 28.10 -0.43
O1A ATP L . 27.61 27.85 -1.60
O2A ATP L . 25.27 28.55 -0.64
O3A ATP L . 27.39 29.14 0.59
O5' ATP L . 26.64 26.80 0.51
C5' ATP L . 25.66 26.76 1.56
C4' ATP L . 25.54 25.36 2.14
O4' ATP L . 26.30 24.46 1.33
C3' ATP L . 26.09 25.21 3.55
O3' ATP L . 25.03 25.18 4.51
C2' ATP L . 26.85 23.90 3.56
O2' ATP L . 26.10 22.90 4.26
C1' ATP L . 26.97 23.48 2.10
N9 ATP L . 28.40 23.47 1.70
C8 ATP L . 29.21 24.55 1.66
N7 ATP L . 30.45 24.21 1.25
C5 ATP L . 30.46 22.89 1.01
C6 ATP L . 31.45 21.90 0.55
N6 ATP L . 32.72 22.24 0.26
N1 ATP L . 31.04 20.61 0.43
C2 ATP L . 29.79 20.25 0.72
N3 ATP L . 28.83 21.10 1.15
C4 ATP L . 29.10 22.41 1.30
PG ATP M . 21.31 24.92 9.66
O1G ATP M . 20.64 24.72 10.99
O2G ATP M . 20.35 25.30 8.57
O3G ATP M . 22.28 23.85 9.27
PB ATP M . 23.67 26.29 10.56
O1B ATP M . 24.04 27.75 10.66
O2B ATP M . 23.73 25.51 11.86
O3B ATP M . 22.22 26.25 9.86
PA ATP M . 24.55 26.02 7.86
O1A ATP M . 23.30 25.56 7.20
O2A ATP M . 25.88 25.66 7.23
O3A ATP M . 24.58 25.60 9.42
O5' ATP M . 24.54 27.62 7.90
C5' ATP M . 25.60 28.32 7.28
C4' ATP M . 26.52 28.73 8.41
O4' ATP M . 27.24 27.59 8.87
C3' ATP M . 27.57 29.75 8.00
O3' ATP M . 27.18 31.02 8.54
C2' ATP M . 28.85 29.27 8.63
O2' ATP M . 29.36 30.27 9.54
C1' ATP M . 28.47 28.03 9.41
N9 ATP M . 29.50 26.97 9.33
C8 ATP M . 29.72 26.13 8.31
N7 ATP M . 30.74 25.28 8.60
C5 ATP M . 31.18 25.58 9.84
C6 ATP M . 32.21 25.09 10.78
N6 ATP M . 33.04 24.08 10.43
N1 ATP M . 32.33 25.68 11.98
C2 ATP M . 31.54 26.70 12.34
N3 ATP M . 30.57 27.20 11.55
C4 ATP M . 30.35 26.69 10.31
MG MG N . 24.24 23.67 8.68
MG MG O . 24.74 24.04 6.42
#